data_1BK7
# 
_entry.id   1BK7 
# 
_audit_conform.dict_name       mmcif_pdbx.dic 
_audit_conform.dict_version    5.399 
_audit_conform.dict_location   http://mmcif.pdb.org/dictionaries/ascii/mmcif_pdbx.dic 
# 
loop_
_database_2.database_id 
_database_2.database_code 
_database_2.pdbx_database_accession 
_database_2.pdbx_DOI 
PDB   1BK7         pdb_00001bk7 10.2210/pdb1bk7/pdb 
RCSB  RCSB007000   ?            ?                   
WWPDB D_1000007000 ?            ?                   
# 
loop_
_pdbx_audit_revision_history.ordinal 
_pdbx_audit_revision_history.data_content_type 
_pdbx_audit_revision_history.major_revision 
_pdbx_audit_revision_history.minor_revision 
_pdbx_audit_revision_history.revision_date 
1 'Structure model' 1 0 1999-07-23 
2 'Structure model' 1 1 2008-04-27 
3 'Structure model' 1 2 2011-07-13 
4 'Structure model' 1 3 2018-04-04 
5 'Structure model' 1 4 2023-12-27 
6 'Structure model' 1 5 2024-11-20 
# 
_pdbx_audit_revision_details.ordinal             1 
_pdbx_audit_revision_details.revision_ordinal    1 
_pdbx_audit_revision_details.data_content_type   'Structure model' 
_pdbx_audit_revision_details.provider            repository 
_pdbx_audit_revision_details.type                'Initial release' 
_pdbx_audit_revision_details.description         ? 
_pdbx_audit_revision_details.details             ? 
# 
loop_
_pdbx_audit_revision_group.ordinal 
_pdbx_audit_revision_group.revision_ordinal 
_pdbx_audit_revision_group.data_content_type 
_pdbx_audit_revision_group.group 
1 2 'Structure model' 'Version format compliance' 
2 3 'Structure model' 'Version format compliance' 
3 4 'Structure model' 'Data collection'           
4 5 'Structure model' 'Data collection'           
5 5 'Structure model' 'Database references'       
6 6 'Structure model' 'Structure summary'         
# 
loop_
_pdbx_audit_revision_category.ordinal 
_pdbx_audit_revision_category.revision_ordinal 
_pdbx_audit_revision_category.data_content_type 
_pdbx_audit_revision_category.category 
1 4 'Structure model' diffrn_source             
2 5 'Structure model' chem_comp_atom            
3 5 'Structure model' chem_comp_bond            
4 5 'Structure model' database_2                
5 5 'Structure model' struct_ref_seq_dif        
6 6 'Structure model' pdbx_entry_details        
7 6 'Structure model' pdbx_modification_feature 
# 
loop_
_pdbx_audit_revision_item.ordinal 
_pdbx_audit_revision_item.revision_ordinal 
_pdbx_audit_revision_item.data_content_type 
_pdbx_audit_revision_item.item 
1 4 'Structure model' '_diffrn_source.type'                 
2 5 'Structure model' '_database_2.pdbx_DOI'                
3 5 'Structure model' '_database_2.pdbx_database_accession' 
4 5 'Structure model' '_struct_ref_seq_dif.details'         
# 
_pdbx_database_status.status_code                     REL 
_pdbx_database_status.entry_id                        1BK7 
_pdbx_database_status.recvd_initial_deposition_date   1998-07-15 
_pdbx_database_status.deposit_site                    BNL 
_pdbx_database_status.process_site                    RCSB 
_pdbx_database_status.status_code_sf                  REL 
_pdbx_database_status.status_code_mr                  ? 
_pdbx_database_status.SG_entry                        ? 
_pdbx_database_status.pdb_format_compatible           Y 
_pdbx_database_status.status_code_cs                  ? 
_pdbx_database_status.methods_development_category    ? 
_pdbx_database_status.status_code_nmr_data            ? 
# 
loop_
_audit_author.name 
_audit_author.pdbx_ordinal 
'Nakagawa, A.' 1 
'Tanaka, I.'   2 
# 
loop_
_citation.id 
_citation.title 
_citation.journal_abbrev 
_citation.journal_volume 
_citation.page_first 
_citation.page_last 
_citation.year 
_citation.journal_id_ASTM 
_citation.country 
_citation.journal_id_ISSN 
_citation.journal_id_CSD 
_citation.book_publisher 
_citation.pdbx_database_id_PubMed 
_citation.pdbx_database_id_DOI 
primary 'Crystal structure of a ribonuclease from the seeds of bitter gourd (Momordica charantia) at 1.75 A resolution.' 
Biochim.Biophys.Acta 1433 253  260 1999 BBACAQ NE 0006-3002 0113 ? 10446375 '10.1016/S0167-4838(99)00126-0' 
1       
;Crystallization and Preliminary X-Ray Diffraction Analysis of a Plant Ribonuclease from the Seeds of the Bitter Gourd Momordica Charantia
;
J.Mol.Biol.          228  1271 ?   1992 JMOBAK UK 0022-2836 0070 ? ?        ?                               
2       'The Complete Amino Acid Sequence of Ribonuclease from the Seeds of Bitter Gourd' 'FEBS Lett.'         284  161  ?   1991 
FEBLAL NE 0014-5793 0165 ? ?        ?                               
3       'The Complete Amino Acid Sequence of Ribonuclease from the Seeds of Bitter Gourd' 'FEBS Lett.'         289  126  ?   1991 
FEBLAL NE 0014-5793 0165 ? ?        ?                               
# 
loop_
_citation_author.citation_id 
_citation_author.name 
_citation_author.ordinal 
_citation_author.identifier_ORCID 
primary 'Nakagawa, A.'  1  ? 
primary 'Tanaka, I.'    2  ? 
primary 'Sakai, R.'     3  ? 
primary 'Nakashima, T.' 4  ? 
primary 'Funatsu, G.'   5  ? 
primary 'Kimura, M.'    6  ? 
1       'De, A.'        7  ? 
1       'Funatsu, G.'   8  ? 
2       'Ide, H.'       9  ? 
2       'Kimura, M.'    10 ? 
2       'Arai, M.'      11 ? 
2       'Funatsu, G.'   12 ? 
3       'Ide, H.'       13 ? 
3       'Kimura, M.'    14 ? 
3       'Arai, M.'      15 ? 
3       'Funatsu, G.'   16 ? 
# 
loop_
_entity.id 
_entity.type 
_entity.src_method 
_entity.pdbx_description 
_entity.formula_weight 
_entity.pdbx_number_of_molecules 
_entity.pdbx_ec 
_entity.pdbx_mutation 
_entity.pdbx_fragment 
_entity.details 
1 polymer nat 'PROTEIN (RIBONUCLEASE MC1)' 21227.010 1   3.1.27.1 ? ? ? 
2 water   nat water                        18.015    187 ?        ? ? ? 
# 
_entity_name_com.entity_id   1 
_entity_name_com.name        'RNASE MC1' 
# 
_entity_poly.entity_id                      1 
_entity_poly.type                           'polypeptide(L)' 
_entity_poly.nstd_linkage                   no 
_entity_poly.nstd_monomer                   no 
_entity_poly.pdbx_seq_one_letter_code       
;FDSFWFVQQWPPAVCSFQKSGSCPGSGLRTFTIHGLWPQQSGTSLTNCPGSPFDITKISHLQSQLNTLWPNVLRANNQQF
WSHEWTKHGTCSESTFNQAAYFKLAVDMRNNYDIIGALRPHAAGPNGRTKSRQAIKGFLKAKFGKFPGLRCRTDPQTKVS
YLVQVVACFAQDGSTLIDCTRDTCGANFIF
;
_entity_poly.pdbx_seq_one_letter_code_can   
;FDSFWFVQQWPPAVCSFQKSGSCPGSGLRTFTIHGLWPQQSGTSLTNCPGSPFDITKISHLQSQLNTLWPNVLRANNQQF
WSHEWTKHGTCSESTFNQAAYFKLAVDMRNNYDIIGALRPHAAGPNGRTKSRQAIKGFLKAKFGKFPGLRCRTDPQTKVS
YLVQVVACFAQDGSTLIDCTRDTCGANFIF
;
_entity_poly.pdbx_strand_id                 A 
_entity_poly.pdbx_target_identifier         ? 
# 
_pdbx_entity_nonpoly.entity_id   2 
_pdbx_entity_nonpoly.name        water 
_pdbx_entity_nonpoly.comp_id     HOH 
# 
loop_
_entity_poly_seq.entity_id 
_entity_poly_seq.num 
_entity_poly_seq.mon_id 
_entity_poly_seq.hetero 
1 1   PHE n 
1 2   ASP n 
1 3   SER n 
1 4   PHE n 
1 5   TRP n 
1 6   PHE n 
1 7   VAL n 
1 8   GLN n 
1 9   GLN n 
1 10  TRP n 
1 11  PRO n 
1 12  PRO n 
1 13  ALA n 
1 14  VAL n 
1 15  CYS n 
1 16  SER n 
1 17  PHE n 
1 18  GLN n 
1 19  LYS n 
1 20  SER n 
1 21  GLY n 
1 22  SER n 
1 23  CYS n 
1 24  PRO n 
1 25  GLY n 
1 26  SER n 
1 27  GLY n 
1 28  LEU n 
1 29  ARG n 
1 30  THR n 
1 31  PHE n 
1 32  THR n 
1 33  ILE n 
1 34  HIS n 
1 35  GLY n 
1 36  LEU n 
1 37  TRP n 
1 38  PRO n 
1 39  GLN n 
1 40  GLN n 
1 41  SER n 
1 42  GLY n 
1 43  THR n 
1 44  SER n 
1 45  LEU n 
1 46  THR n 
1 47  ASN n 
1 48  CYS n 
1 49  PRO n 
1 50  GLY n 
1 51  SER n 
1 52  PRO n 
1 53  PHE n 
1 54  ASP n 
1 55  ILE n 
1 56  THR n 
1 57  LYS n 
1 58  ILE n 
1 59  SER n 
1 60  HIS n 
1 61  LEU n 
1 62  GLN n 
1 63  SER n 
1 64  GLN n 
1 65  LEU n 
1 66  ASN n 
1 67  THR n 
1 68  LEU n 
1 69  TRP n 
1 70  PRO n 
1 71  ASN n 
1 72  VAL n 
1 73  LEU n 
1 74  ARG n 
1 75  ALA n 
1 76  ASN n 
1 77  ASN n 
1 78  GLN n 
1 79  GLN n 
1 80  PHE n 
1 81  TRP n 
1 82  SER n 
1 83  HIS n 
1 84  GLU n 
1 85  TRP n 
1 86  THR n 
1 87  LYS n 
1 88  HIS n 
1 89  GLY n 
1 90  THR n 
1 91  CYS n 
1 92  SER n 
1 93  GLU n 
1 94  SER n 
1 95  THR n 
1 96  PHE n 
1 97  ASN n 
1 98  GLN n 
1 99  ALA n 
1 100 ALA n 
1 101 TYR n 
1 102 PHE n 
1 103 LYS n 
1 104 LEU n 
1 105 ALA n 
1 106 VAL n 
1 107 ASP n 
1 108 MET n 
1 109 ARG n 
1 110 ASN n 
1 111 ASN n 
1 112 TYR n 
1 113 ASP n 
1 114 ILE n 
1 115 ILE n 
1 116 GLY n 
1 117 ALA n 
1 118 LEU n 
1 119 ARG n 
1 120 PRO n 
1 121 HIS n 
1 122 ALA n 
1 123 ALA n 
1 124 GLY n 
1 125 PRO n 
1 126 ASN n 
1 127 GLY n 
1 128 ARG n 
1 129 THR n 
1 130 LYS n 
1 131 SER n 
1 132 ARG n 
1 133 GLN n 
1 134 ALA n 
1 135 ILE n 
1 136 LYS n 
1 137 GLY n 
1 138 PHE n 
1 139 LEU n 
1 140 LYS n 
1 141 ALA n 
1 142 LYS n 
1 143 PHE n 
1 144 GLY n 
1 145 LYS n 
1 146 PHE n 
1 147 PRO n 
1 148 GLY n 
1 149 LEU n 
1 150 ARG n 
1 151 CYS n 
1 152 ARG n 
1 153 THR n 
1 154 ASP n 
1 155 PRO n 
1 156 GLN n 
1 157 THR n 
1 158 LYS n 
1 159 VAL n 
1 160 SER n 
1 161 TYR n 
1 162 LEU n 
1 163 VAL n 
1 164 GLN n 
1 165 VAL n 
1 166 VAL n 
1 167 ALA n 
1 168 CYS n 
1 169 PHE n 
1 170 ALA n 
1 171 GLN n 
1 172 ASP n 
1 173 GLY n 
1 174 SER n 
1 175 THR n 
1 176 LEU n 
1 177 ILE n 
1 178 ASP n 
1 179 CYS n 
1 180 THR n 
1 181 ARG n 
1 182 ASP n 
1 183 THR n 
1 184 CYS n 
1 185 GLY n 
1 186 ALA n 
1 187 ASN n 
1 188 PHE n 
1 189 ILE n 
1 190 PHE n 
# 
_entity_src_nat.entity_id                  1 
_entity_src_nat.pdbx_src_id                1 
_entity_src_nat.pdbx_alt_source_flag       sample 
_entity_src_nat.pdbx_beg_seq_num           ? 
_entity_src_nat.pdbx_end_seq_num           ? 
_entity_src_nat.common_name                'balsam pear' 
_entity_src_nat.pdbx_organism_scientific   'Momordica charantia' 
_entity_src_nat.pdbx_ncbi_taxonomy_id      3673 
_entity_src_nat.genus                      Momordica 
_entity_src_nat.species                    ? 
_entity_src_nat.strain                     ? 
_entity_src_nat.tissue                     SEED 
_entity_src_nat.tissue_fraction            ? 
_entity_src_nat.pdbx_secretion             ? 
_entity_src_nat.pdbx_fragment              ? 
_entity_src_nat.pdbx_variant               ? 
_entity_src_nat.pdbx_cell_line             ? 
_entity_src_nat.pdbx_atcc                  ? 
_entity_src_nat.pdbx_cellular_location     ? 
_entity_src_nat.pdbx_organ                 ? 
_entity_src_nat.pdbx_organelle             ? 
_entity_src_nat.pdbx_cell                  ? 
_entity_src_nat.pdbx_plasmid_name          ? 
_entity_src_nat.pdbx_plasmid_details       ? 
_entity_src_nat.details                    ? 
# 
loop_
_chem_comp.id 
_chem_comp.type 
_chem_comp.mon_nstd_flag 
_chem_comp.name 
_chem_comp.pdbx_synonyms 
_chem_comp.formula 
_chem_comp.formula_weight 
ALA 'L-peptide linking' y ALANINE         ? 'C3 H7 N O2'     89.093  
ARG 'L-peptide linking' y ARGININE        ? 'C6 H15 N4 O2 1' 175.209 
ASN 'L-peptide linking' y ASPARAGINE      ? 'C4 H8 N2 O3'    132.118 
ASP 'L-peptide linking' y 'ASPARTIC ACID' ? 'C4 H7 N O4'     133.103 
CYS 'L-peptide linking' y CYSTEINE        ? 'C3 H7 N O2 S'   121.158 
GLN 'L-peptide linking' y GLUTAMINE       ? 'C5 H10 N2 O3'   146.144 
GLU 'L-peptide linking' y 'GLUTAMIC ACID' ? 'C5 H9 N O4'     147.129 
GLY 'peptide linking'   y GLYCINE         ? 'C2 H5 N O2'     75.067  
HIS 'L-peptide linking' y HISTIDINE       ? 'C6 H10 N3 O2 1' 156.162 
HOH non-polymer         . WATER           ? 'H2 O'           18.015  
ILE 'L-peptide linking' y ISOLEUCINE      ? 'C6 H13 N O2'    131.173 
LEU 'L-peptide linking' y LEUCINE         ? 'C6 H13 N O2'    131.173 
LYS 'L-peptide linking' y LYSINE          ? 'C6 H15 N2 O2 1' 147.195 
MET 'L-peptide linking' y METHIONINE      ? 'C5 H11 N O2 S'  149.211 
PHE 'L-peptide linking' y PHENYLALANINE   ? 'C9 H11 N O2'    165.189 
PRO 'L-peptide linking' y PROLINE         ? 'C5 H9 N O2'     115.130 
SER 'L-peptide linking' y SERINE          ? 'C3 H7 N O3'     105.093 
THR 'L-peptide linking' y THREONINE       ? 'C4 H9 N O3'     119.119 
TRP 'L-peptide linking' y TRYPTOPHAN      ? 'C11 H12 N2 O2'  204.225 
TYR 'L-peptide linking' y TYROSINE        ? 'C9 H11 N O3'    181.189 
VAL 'L-peptide linking' y VALINE          ? 'C5 H11 N O2'    117.146 
# 
loop_
_pdbx_poly_seq_scheme.asym_id 
_pdbx_poly_seq_scheme.entity_id 
_pdbx_poly_seq_scheme.seq_id 
_pdbx_poly_seq_scheme.mon_id 
_pdbx_poly_seq_scheme.ndb_seq_num 
_pdbx_poly_seq_scheme.pdb_seq_num 
_pdbx_poly_seq_scheme.auth_seq_num 
_pdbx_poly_seq_scheme.pdb_mon_id 
_pdbx_poly_seq_scheme.auth_mon_id 
_pdbx_poly_seq_scheme.pdb_strand_id 
_pdbx_poly_seq_scheme.pdb_ins_code 
_pdbx_poly_seq_scheme.hetero 
A 1 1   PHE 1   1   1   PHE PHE A . n 
A 1 2   ASP 2   2   2   ASP ASP A . n 
A 1 3   SER 3   3   3   SER SER A . n 
A 1 4   PHE 4   4   4   PHE PHE A . n 
A 1 5   TRP 5   5   5   TRP TRP A . n 
A 1 6   PHE 6   6   6   PHE PHE A . n 
A 1 7   VAL 7   7   7   VAL VAL A . n 
A 1 8   GLN 8   8   8   GLN GLN A . n 
A 1 9   GLN 9   9   9   GLN GLN A . n 
A 1 10  TRP 10  10  10  TRP TRP A . n 
A 1 11  PRO 11  11  11  PRO PRO A . n 
A 1 12  PRO 12  12  12  PRO PRO A . n 
A 1 13  ALA 13  13  13  ALA ALA A . n 
A 1 14  VAL 14  14  14  VAL VAL A . n 
A 1 15  CYS 15  15  15  CYS CYS A . n 
A 1 16  SER 16  16  16  SER SER A . n 
A 1 17  PHE 17  17  17  PHE PHE A . n 
A 1 18  GLN 18  18  18  GLN GLN A . n 
A 1 19  LYS 19  19  19  LYS LYS A . n 
A 1 20  SER 20  20  20  SER SER A . n 
A 1 21  GLY 21  21  21  GLY GLY A . n 
A 1 22  SER 22  22  22  SER SER A . n 
A 1 23  CYS 23  23  23  CYS CYS A . n 
A 1 24  PRO 24  24  24  PRO PRO A . n 
A 1 25  GLY 25  25  25  GLY GLY A . n 
A 1 26  SER 26  26  26  SER SER A . n 
A 1 27  GLY 27  27  27  GLY GLY A . n 
A 1 28  LEU 28  28  28  LEU LEU A . n 
A 1 29  ARG 29  29  29  ARG ARG A . n 
A 1 30  THR 30  30  30  THR THR A . n 
A 1 31  PHE 31  31  31  PHE PHE A . n 
A 1 32  THR 32  32  32  THR THR A . n 
A 1 33  ILE 33  33  33  ILE ILE A . n 
A 1 34  HIS 34  34  34  HIS HIS A . n 
A 1 35  GLY 35  35  35  GLY GLY A . n 
A 1 36  LEU 36  36  36  LEU LEU A . n 
A 1 37  TRP 37  37  37  TRP TRP A . n 
A 1 38  PRO 38  38  38  PRO PRO A . n 
A 1 39  GLN 39  39  39  GLN GLN A . n 
A 1 40  GLN 40  40  40  GLN GLN A . n 
A 1 41  SER 41  41  41  SER SER A . n 
A 1 42  GLY 42  42  42  GLY GLY A . n 
A 1 43  THR 43  43  43  THR THR A . n 
A 1 44  SER 44  44  44  SER SER A . n 
A 1 45  LEU 45  45  45  LEU LEU A . n 
A 1 46  THR 46  46  46  THR THR A . n 
A 1 47  ASN 47  47  47  ASN ASN A . n 
A 1 48  CYS 48  48  48  CYS CYS A . n 
A 1 49  PRO 49  49  49  PRO PRO A . n 
A 1 50  GLY 50  50  50  GLY GLY A . n 
A 1 51  SER 51  51  51  SER SER A . n 
A 1 52  PRO 52  52  52  PRO PRO A . n 
A 1 53  PHE 53  53  53  PHE PHE A . n 
A 1 54  ASP 54  54  54  ASP ASP A . n 
A 1 55  ILE 55  55  55  ILE ILE A . n 
A 1 56  THR 56  56  56  THR THR A . n 
A 1 57  LYS 57  57  57  LYS LYS A . n 
A 1 58  ILE 58  58  58  ILE ILE A . n 
A 1 59  SER 59  59  59  SER SER A . n 
A 1 60  HIS 60  60  60  HIS HIS A . n 
A 1 61  LEU 61  61  61  LEU LEU A . n 
A 1 62  GLN 62  62  62  GLN GLN A . n 
A 1 63  SER 63  63  63  SER SER A . n 
A 1 64  GLN 64  64  64  GLN GLN A . n 
A 1 65  LEU 65  65  65  LEU LEU A . n 
A 1 66  ASN 66  66  66  ASN ASN A . n 
A 1 67  THR 67  67  67  THR THR A . n 
A 1 68  LEU 68  68  68  LEU LEU A . n 
A 1 69  TRP 69  69  69  TRP TRP A . n 
A 1 70  PRO 70  70  70  PRO PRO A . n 
A 1 71  ASN 71  71  71  ASN ASN A . n 
A 1 72  VAL 72  72  72  VAL VAL A . n 
A 1 73  LEU 73  73  73  LEU LEU A . n 
A 1 74  ARG 74  74  74  ARG ARG A . n 
A 1 75  ALA 75  75  75  ALA ALA A . n 
A 1 76  ASN 76  76  76  ASN ASN A . n 
A 1 77  ASN 77  77  77  ASN ASN A . n 
A 1 78  GLN 78  78  78  GLN GLN A . n 
A 1 79  GLN 79  79  79  GLN GLN A . n 
A 1 80  PHE 80  80  80  PHE PHE A . n 
A 1 81  TRP 81  81  81  TRP TRP A . n 
A 1 82  SER 82  82  82  SER SER A . n 
A 1 83  HIS 83  83  83  HIS HIS A . n 
A 1 84  GLU 84  84  84  GLU GLU A . n 
A 1 85  TRP 85  85  85  TRP TRP A . n 
A 1 86  THR 86  86  86  THR THR A . n 
A 1 87  LYS 87  87  87  LYS LYS A . n 
A 1 88  HIS 88  88  88  HIS HIS A . n 
A 1 89  GLY 89  89  89  GLY GLY A . n 
A 1 90  THR 90  90  90  THR THR A . n 
A 1 91  CYS 91  91  91  CYS CYS A . n 
A 1 92  SER 92  92  92  SER SER A . n 
A 1 93  GLU 93  93  93  GLU GLU A . n 
A 1 94  SER 94  94  94  SER SER A . n 
A 1 95  THR 95  95  95  THR THR A . n 
A 1 96  PHE 96  96  96  PHE PHE A . n 
A 1 97  ASN 97  97  97  ASN ASN A . n 
A 1 98  GLN 98  98  98  GLN GLN A . n 
A 1 99  ALA 99  99  99  ALA ALA A . n 
A 1 100 ALA 100 100 100 ALA ALA A . n 
A 1 101 TYR 101 101 101 TYR TYR A . n 
A 1 102 PHE 102 102 102 PHE PHE A . n 
A 1 103 LYS 103 103 103 LYS LYS A . n 
A 1 104 LEU 104 104 104 LEU LEU A . n 
A 1 105 ALA 105 105 105 ALA ALA A . n 
A 1 106 VAL 106 106 106 VAL VAL A . n 
A 1 107 ASP 107 107 107 ASP ASP A . n 
A 1 108 MET 108 108 108 MET MET A . n 
A 1 109 ARG 109 109 109 ARG ARG A . n 
A 1 110 ASN 110 110 110 ASN ASN A . n 
A 1 111 ASN 111 111 111 ASN ASN A . n 
A 1 112 TYR 112 112 112 TYR TYR A . n 
A 1 113 ASP 113 113 113 ASP ASP A . n 
A 1 114 ILE 114 114 114 ILE ILE A . n 
A 1 115 ILE 115 115 115 ILE ILE A . n 
A 1 116 GLY 116 116 116 GLY GLY A . n 
A 1 117 ALA 117 117 117 ALA ALA A . n 
A 1 118 LEU 118 118 118 LEU LEU A . n 
A 1 119 ARG 119 119 119 ARG ARG A . n 
A 1 120 PRO 120 120 120 PRO PRO A . n 
A 1 121 HIS 121 121 121 HIS HIS A . n 
A 1 122 ALA 122 122 122 ALA ALA A . n 
A 1 123 ALA 123 123 123 ALA ALA A . n 
A 1 124 GLY 124 124 124 GLY GLY A . n 
A 1 125 PRO 125 125 125 PRO PRO A . n 
A 1 126 ASN 126 126 126 ASN ASN A . n 
A 1 127 GLY 127 127 127 GLY GLY A . n 
A 1 128 ARG 128 128 128 ARG ARG A . n 
A 1 129 THR 129 129 129 THR THR A . n 
A 1 130 LYS 130 130 130 LYS LYS A . n 
A 1 131 SER 131 131 131 SER SER A . n 
A 1 132 ARG 132 132 132 ARG ARG A . n 
A 1 133 GLN 133 133 133 GLN GLN A . n 
A 1 134 ALA 134 134 134 ALA ALA A . n 
A 1 135 ILE 135 135 135 ILE ILE A . n 
A 1 136 LYS 136 136 136 LYS LYS A . n 
A 1 137 GLY 137 137 137 GLY GLY A . n 
A 1 138 PHE 138 138 138 PHE PHE A . n 
A 1 139 LEU 139 139 139 LEU LEU A . n 
A 1 140 LYS 140 140 140 LYS LYS A . n 
A 1 141 ALA 141 141 141 ALA ALA A . n 
A 1 142 LYS 142 142 142 LYS LYS A . n 
A 1 143 PHE 143 143 143 PHE PHE A . n 
A 1 144 GLY 144 144 144 GLY GLY A . n 
A 1 145 LYS 145 145 145 LYS LYS A . n 
A 1 146 PHE 146 146 146 PHE PHE A . n 
A 1 147 PRO 147 147 147 PRO PRO A . n 
A 1 148 GLY 148 148 148 GLY GLY A . n 
A 1 149 LEU 149 149 149 LEU LEU A . n 
A 1 150 ARG 150 150 150 ARG ARG A . n 
A 1 151 CYS 151 151 151 CYS CYS A . n 
A 1 152 ARG 152 152 152 ARG ARG A . n 
A 1 153 THR 153 153 153 THR THR A . n 
A 1 154 ASP 154 154 154 ASP ASP A . n 
A 1 155 PRO 155 155 155 PRO PRO A . n 
A 1 156 GLN 156 156 156 GLN GLN A . n 
A 1 157 THR 157 157 157 THR THR A . n 
A 1 158 LYS 158 158 158 LYS LYS A . n 
A 1 159 VAL 159 159 159 VAL VAL A . n 
A 1 160 SER 160 160 160 SER SER A . n 
A 1 161 TYR 161 161 161 TYR TYR A . n 
A 1 162 LEU 162 162 162 LEU LEU A . n 
A 1 163 VAL 163 163 163 VAL VAL A . n 
A 1 164 GLN 164 164 164 GLN GLN A . n 
A 1 165 VAL 165 165 165 VAL VAL A . n 
A 1 166 VAL 166 166 166 VAL VAL A . n 
A 1 167 ALA 167 167 167 ALA ALA A . n 
A 1 168 CYS 168 168 168 CYS CYS A . n 
A 1 169 PHE 169 169 169 PHE PHE A . n 
A 1 170 ALA 170 170 170 ALA ALA A . n 
A 1 171 GLN 171 171 171 GLN GLN A . n 
A 1 172 ASP 172 172 172 ASP ASP A . n 
A 1 173 GLY 173 173 173 GLY GLY A . n 
A 1 174 SER 174 174 174 SER SER A . n 
A 1 175 THR 175 175 175 THR THR A . n 
A 1 176 LEU 176 176 176 LEU LEU A . n 
A 1 177 ILE 177 177 177 ILE ILE A . n 
A 1 178 ASP 178 178 178 ASP ASP A . n 
A 1 179 CYS 179 179 179 CYS CYS A . n 
A 1 180 THR 180 180 180 THR THR A . n 
A 1 181 ARG 181 181 181 ARG ARG A . n 
A 1 182 ASP 182 182 182 ASP ASP A . n 
A 1 183 THR 183 183 183 THR THR A . n 
A 1 184 CYS 184 184 184 CYS CYS A . n 
A 1 185 GLY 185 185 185 GLY GLY A . n 
A 1 186 ALA 186 186 186 ALA ALA A . n 
A 1 187 ASN 187 187 187 ASN ASN A . n 
A 1 188 PHE 188 188 188 PHE PHE A . n 
A 1 189 ILE 189 189 189 ILE ILE A . n 
A 1 190 PHE 190 190 190 PHE PHE A . n 
# 
loop_
_pdbx_nonpoly_scheme.asym_id 
_pdbx_nonpoly_scheme.entity_id 
_pdbx_nonpoly_scheme.mon_id 
_pdbx_nonpoly_scheme.ndb_seq_num 
_pdbx_nonpoly_scheme.pdb_seq_num 
_pdbx_nonpoly_scheme.auth_seq_num 
_pdbx_nonpoly_scheme.pdb_mon_id 
_pdbx_nonpoly_scheme.auth_mon_id 
_pdbx_nonpoly_scheme.pdb_strand_id 
_pdbx_nonpoly_scheme.pdb_ins_code 
B 2 HOH 1   191 1   HOH HOH A . 
B 2 HOH 2   192 2   HOH HOH A . 
B 2 HOH 3   193 3   HOH HOH A . 
B 2 HOH 4   194 4   HOH HOH A . 
B 2 HOH 5   195 5   HOH HOH A . 
B 2 HOH 6   196 6   HOH HOH A . 
B 2 HOH 7   197 7   HOH HOH A . 
B 2 HOH 8   198 8   HOH HOH A . 
B 2 HOH 9   199 9   HOH HOH A . 
B 2 HOH 10  200 10  HOH HOH A . 
B 2 HOH 11  201 11  HOH HOH A . 
B 2 HOH 12  202 12  HOH HOH A . 
B 2 HOH 13  203 13  HOH HOH A . 
B 2 HOH 14  204 14  HOH HOH A . 
B 2 HOH 15  205 15  HOH HOH A . 
B 2 HOH 16  206 16  HOH HOH A . 
B 2 HOH 17  207 17  HOH HOH A . 
B 2 HOH 18  208 18  HOH HOH A . 
B 2 HOH 19  209 19  HOH HOH A . 
B 2 HOH 20  210 20  HOH HOH A . 
B 2 HOH 21  211 21  HOH HOH A . 
B 2 HOH 22  212 22  HOH HOH A . 
B 2 HOH 23  213 23  HOH HOH A . 
B 2 HOH 24  214 24  HOH HOH A . 
B 2 HOH 25  215 25  HOH HOH A . 
B 2 HOH 26  216 26  HOH HOH A . 
B 2 HOH 27  217 27  HOH HOH A . 
B 2 HOH 28  218 28  HOH HOH A . 
B 2 HOH 29  219 29  HOH HOH A . 
B 2 HOH 30  220 30  HOH HOH A . 
B 2 HOH 31  221 31  HOH HOH A . 
B 2 HOH 32  222 32  HOH HOH A . 
B 2 HOH 33  223 33  HOH HOH A . 
B 2 HOH 34  224 34  HOH HOH A . 
B 2 HOH 35  225 35  HOH HOH A . 
B 2 HOH 36  226 36  HOH HOH A . 
B 2 HOH 37  227 37  HOH HOH A . 
B 2 HOH 38  228 38  HOH HOH A . 
B 2 HOH 39  229 39  HOH HOH A . 
B 2 HOH 40  230 40  HOH HOH A . 
B 2 HOH 41  231 41  HOH HOH A . 
B 2 HOH 42  232 42  HOH HOH A . 
B 2 HOH 43  233 43  HOH HOH A . 
B 2 HOH 44  234 44  HOH HOH A . 
B 2 HOH 45  235 45  HOH HOH A . 
B 2 HOH 46  236 46  HOH HOH A . 
B 2 HOH 47  237 47  HOH HOH A . 
B 2 HOH 48  238 48  HOH HOH A . 
B 2 HOH 49  239 49  HOH HOH A . 
B 2 HOH 50  240 50  HOH HOH A . 
B 2 HOH 51  241 51  HOH HOH A . 
B 2 HOH 52  242 52  HOH HOH A . 
B 2 HOH 53  243 53  HOH HOH A . 
B 2 HOH 54  244 54  HOH HOH A . 
B 2 HOH 55  245 55  HOH HOH A . 
B 2 HOH 56  246 56  HOH HOH A . 
B 2 HOH 57  247 57  HOH HOH A . 
B 2 HOH 58  248 58  HOH HOH A . 
B 2 HOH 59  249 59  HOH HOH A . 
B 2 HOH 60  250 60  HOH HOH A . 
B 2 HOH 61  251 61  HOH HOH A . 
B 2 HOH 62  252 62  HOH HOH A . 
B 2 HOH 63  253 63  HOH HOH A . 
B 2 HOH 64  254 64  HOH HOH A . 
B 2 HOH 65  255 65  HOH HOH A . 
B 2 HOH 66  256 66  HOH HOH A . 
B 2 HOH 67  257 67  HOH HOH A . 
B 2 HOH 68  258 68  HOH HOH A . 
B 2 HOH 69  259 69  HOH HOH A . 
B 2 HOH 70  260 70  HOH HOH A . 
B 2 HOH 71  261 71  HOH HOH A . 
B 2 HOH 72  262 72  HOH HOH A . 
B 2 HOH 73  263 73  HOH HOH A . 
B 2 HOH 74  264 74  HOH HOH A . 
B 2 HOH 75  265 75  HOH HOH A . 
B 2 HOH 76  266 76  HOH HOH A . 
B 2 HOH 77  267 77  HOH HOH A . 
B 2 HOH 78  268 78  HOH HOH A . 
B 2 HOH 79  269 79  HOH HOH A . 
B 2 HOH 80  270 80  HOH HOH A . 
B 2 HOH 81  271 81  HOH HOH A . 
B 2 HOH 82  272 82  HOH HOH A . 
B 2 HOH 83  273 83  HOH HOH A . 
B 2 HOH 84  274 84  HOH HOH A . 
B 2 HOH 85  275 85  HOH HOH A . 
B 2 HOH 86  276 86  HOH HOH A . 
B 2 HOH 87  277 87  HOH HOH A . 
B 2 HOH 88  278 88  HOH HOH A . 
B 2 HOH 89  279 89  HOH HOH A . 
B 2 HOH 90  280 90  HOH HOH A . 
B 2 HOH 91  281 91  HOH HOH A . 
B 2 HOH 92  282 92  HOH HOH A . 
B 2 HOH 93  283 93  HOH HOH A . 
B 2 HOH 94  284 94  HOH HOH A . 
B 2 HOH 95  285 95  HOH HOH A . 
B 2 HOH 96  286 96  HOH HOH A . 
B 2 HOH 97  287 97  HOH HOH A . 
B 2 HOH 98  288 98  HOH HOH A . 
B 2 HOH 99  289 99  HOH HOH A . 
B 2 HOH 100 290 100 HOH HOH A . 
B 2 HOH 101 291 101 HOH HOH A . 
B 2 HOH 102 292 102 HOH HOH A . 
B 2 HOH 103 293 103 HOH HOH A . 
B 2 HOH 104 294 104 HOH HOH A . 
B 2 HOH 105 295 105 HOH HOH A . 
B 2 HOH 106 296 106 HOH HOH A . 
B 2 HOH 107 297 107 HOH HOH A . 
B 2 HOH 108 298 108 HOH HOH A . 
B 2 HOH 109 299 109 HOH HOH A . 
B 2 HOH 110 300 110 HOH HOH A . 
B 2 HOH 111 301 111 HOH HOH A . 
B 2 HOH 112 302 112 HOH HOH A . 
B 2 HOH 113 303 113 HOH HOH A . 
B 2 HOH 114 304 114 HOH HOH A . 
B 2 HOH 115 305 115 HOH HOH A . 
B 2 HOH 116 306 116 HOH HOH A . 
B 2 HOH 117 307 117 HOH HOH A . 
B 2 HOH 118 308 118 HOH HOH A . 
B 2 HOH 119 309 119 HOH HOH A . 
B 2 HOH 120 310 120 HOH HOH A . 
B 2 HOH 121 311 121 HOH HOH A . 
B 2 HOH 122 312 122 HOH HOH A . 
B 2 HOH 123 313 123 HOH HOH A . 
B 2 HOH 124 314 124 HOH HOH A . 
B 2 HOH 125 315 125 HOH HOH A . 
B 2 HOH 126 316 126 HOH HOH A . 
B 2 HOH 127 317 127 HOH HOH A . 
B 2 HOH 128 318 128 HOH HOH A . 
B 2 HOH 129 319 129 HOH HOH A . 
B 2 HOH 130 320 130 HOH HOH A . 
B 2 HOH 131 321 131 HOH HOH A . 
B 2 HOH 132 322 132 HOH HOH A . 
B 2 HOH 133 323 133 HOH HOH A . 
B 2 HOH 134 324 134 HOH HOH A . 
B 2 HOH 135 325 135 HOH HOH A . 
B 2 HOH 136 326 136 HOH HOH A . 
B 2 HOH 137 327 137 HOH HOH A . 
B 2 HOH 138 328 138 HOH HOH A . 
B 2 HOH 139 329 139 HOH HOH A . 
B 2 HOH 140 330 140 HOH HOH A . 
B 2 HOH 141 331 141 HOH HOH A . 
B 2 HOH 142 332 142 HOH HOH A . 
B 2 HOH 143 333 143 HOH HOH A . 
B 2 HOH 144 334 144 HOH HOH A . 
B 2 HOH 145 335 145 HOH HOH A . 
B 2 HOH 146 336 146 HOH HOH A . 
B 2 HOH 147 337 147 HOH HOH A . 
B 2 HOH 148 338 148 HOH HOH A . 
B 2 HOH 149 339 149 HOH HOH A . 
B 2 HOH 150 340 150 HOH HOH A . 
B 2 HOH 151 341 151 HOH HOH A . 
B 2 HOH 152 342 152 HOH HOH A . 
B 2 HOH 153 343 153 HOH HOH A . 
B 2 HOH 154 344 154 HOH HOH A . 
B 2 HOH 155 345 155 HOH HOH A . 
B 2 HOH 156 346 156 HOH HOH A . 
B 2 HOH 157 347 157 HOH HOH A . 
B 2 HOH 158 348 158 HOH HOH A . 
B 2 HOH 159 349 159 HOH HOH A . 
B 2 HOH 160 350 160 HOH HOH A . 
B 2 HOH 161 351 161 HOH HOH A . 
B 2 HOH 162 352 162 HOH HOH A . 
B 2 HOH 163 353 163 HOH HOH A . 
B 2 HOH 164 354 164 HOH HOH A . 
B 2 HOH 165 355 165 HOH HOH A . 
B 2 HOH 166 356 166 HOH HOH A . 
B 2 HOH 167 357 167 HOH HOH A . 
B 2 HOH 168 358 168 HOH HOH A . 
B 2 HOH 169 359 169 HOH HOH A . 
B 2 HOH 170 360 170 HOH HOH A . 
B 2 HOH 171 361 171 HOH HOH A . 
B 2 HOH 172 362 172 HOH HOH A . 
B 2 HOH 173 363 173 HOH HOH A . 
B 2 HOH 174 364 174 HOH HOH A . 
B 2 HOH 175 365 175 HOH HOH A . 
B 2 HOH 176 366 176 HOH HOH A . 
B 2 HOH 177 367 177 HOH HOH A . 
B 2 HOH 178 368 178 HOH HOH A . 
B 2 HOH 179 369 179 HOH HOH A . 
B 2 HOH 180 370 180 HOH HOH A . 
B 2 HOH 181 371 181 HOH HOH A . 
B 2 HOH 182 372 182 HOH HOH A . 
B 2 HOH 183 373 183 HOH HOH A . 
B 2 HOH 184 374 184 HOH HOH A . 
B 2 HOH 185 375 185 HOH HOH A . 
B 2 HOH 186 376 186 HOH HOH A . 
B 2 HOH 187 377 187 HOH HOH A . 
# 
loop_
_software.name 
_software.classification 
_software.version 
_software.citation_id 
_software.pdbx_ordinal 
DENZO  'data reduction' .         ? 1 
SCALA  'data scaling'   .         ? 2 
SHARP  phasing          .         ? 3 
X-PLOR refinement       3.851     ? 4 
CCP4   'data scaling'   '(SCALA)' ? 5 
# 
_cell.entry_id           1BK7 
_cell.length_a           38.800 
_cell.length_b           67.970 
_cell.length_c           75.430 
_cell.angle_alpha        90.00 
_cell.angle_beta         90.00 
_cell.angle_gamma        90.00 
_cell.Z_PDB              4 
_cell.pdbx_unique_axis   ? 
# 
_symmetry.entry_id                         1BK7 
_symmetry.space_group_name_H-M             'P 21 21 21' 
_symmetry.pdbx_full_space_group_name_H-M   ? 
_symmetry.cell_setting                     ? 
_symmetry.Int_Tables_number                19 
# 
_exptl.entry_id          1BK7 
_exptl.method            'X-RAY DIFFRACTION' 
_exptl.crystals_number   1 
# 
_exptl_crystal.id                    1 
_exptl_crystal.density_meas          ? 
_exptl_crystal.density_Matthews      2.34 
_exptl_crystal.density_percent_sol   47 
_exptl_crystal.description           ? 
# 
_exptl_crystal_grow.crystal_id      1 
_exptl_crystal_grow.method          ? 
_exptl_crystal_grow.temp            ? 
_exptl_crystal_grow.temp_details    ? 
_exptl_crystal_grow.pH              6.7 
_exptl_crystal_grow.pdbx_details    
;PROTEN WAS CRYSTALLIZED FROM THE 1:1 MIXTURE OF 10MG/ML PROTEIN SOLUTION IN 5MM TRIS-HCL PH7.2 AND 30% PEG 6000, 0.2M NA-ACETATE, 0.1M NA-CACODYLATE PH 6.7
;
_exptl_crystal_grow.pdbx_pH_range   ? 
# 
_diffrn.id                     1 
_diffrn.ambient_temp           283 
_diffrn.ambient_temp_details   ? 
_diffrn.crystal_id             1 
# 
_diffrn_detector.diffrn_id              1 
_diffrn_detector.detector               'IMAGE PLATE' 
_diffrn_detector.type                   MACSCIENCE 
_diffrn_detector.pdbx_collection_date   1996-02-15 
_diffrn_detector.details                MIRRORS 
# 
_diffrn_radiation.diffrn_id                        1 
_diffrn_radiation.wavelength_id                    1 
_diffrn_radiation.pdbx_monochromatic_or_laue_m_l   M 
_diffrn_radiation.monochromator                    'NI FILTER' 
_diffrn_radiation.pdbx_diffrn_protocol             'SINGLE WAVELENGTH' 
_diffrn_radiation.pdbx_scattering_type             x-ray 
# 
_diffrn_radiation_wavelength.id           1 
_diffrn_radiation_wavelength.wavelength   1.5418 
_diffrn_radiation_wavelength.wt           1.0 
# 
_diffrn_source.diffrn_id                   1 
_diffrn_source.source                      'ROTATING ANODE' 
_diffrn_source.type                        'MACSCIENCE M18X' 
_diffrn_source.pdbx_synchrotron_site       ? 
_diffrn_source.pdbx_synchrotron_beamline   ? 
_diffrn_source.pdbx_wavelength             1.5418 
_diffrn_source.pdbx_wavelength_list        ? 
# 
_reflns.entry_id                     1BK7 
_reflns.observed_criterion_sigma_I   4 
_reflns.observed_criterion_sigma_F   ? 
_reflns.d_resolution_low             ? 
_reflns.d_resolution_high            1.75 
_reflns.number_obs                   69704 
_reflns.number_all                   ? 
_reflns.percent_possible_obs         98.4 
_reflns.pdbx_Rmerge_I_obs            0.055 
_reflns.pdbx_Rsym_value              ? 
_reflns.pdbx_netI_over_sigmaI        9.1 
_reflns.B_iso_Wilson_estimate        16.3 
_reflns.pdbx_redundancy              3.4 
_reflns.R_free_details               ? 
_reflns.limit_h_max                  ? 
_reflns.limit_h_min                  ? 
_reflns.limit_k_max                  ? 
_reflns.limit_k_min                  ? 
_reflns.limit_l_max                  ? 
_reflns.limit_l_min                  ? 
_reflns.observed_criterion_F_max     ? 
_reflns.observed_criterion_F_min     ? 
_reflns.pdbx_diffrn_id               1 
_reflns.pdbx_ordinal                 1 
# 
_reflns_shell.d_res_high             1.75 
_reflns_shell.d_res_low              1.95 
_reflns_shell.percent_possible_all   98.2 
_reflns_shell.Rmerge_I_obs           0.199 
_reflns_shell.pdbx_Rsym_value        ? 
_reflns_shell.meanI_over_sigI_obs    3.5 
_reflns_shell.pdbx_redundancy        3.1 
_reflns_shell.percent_possible_obs   ? 
_reflns_shell.number_unique_all      ? 
_reflns_shell.pdbx_diffrn_id         ? 
_reflns_shell.pdbx_ordinal           1 
# 
_refine.entry_id                                 1BK7 
_refine.ls_number_reflns_obs                     20257 
_refine.ls_number_reflns_all                     ? 
_refine.pdbx_ls_sigma_I                          ? 
_refine.pdbx_ls_sigma_F                          0 
_refine.pdbx_data_cutoff_high_absF               10000000.00 
_refine.pdbx_data_cutoff_low_absF                0.0 
_refine.pdbx_data_cutoff_high_rms_absF           ? 
_refine.ls_d_res_low                             100 
_refine.ls_d_res_high                            1.75 
_refine.ls_percent_reflns_obs                    97.6 
_refine.ls_R_factor_obs                          0.192 
_refine.ls_R_factor_all                          ? 
_refine.ls_R_factor_R_work                       0.192 
_refine.ls_R_factor_R_free                       0.241 
_refine.ls_R_factor_R_free_error                 0.008 
_refine.ls_R_factor_R_free_error_details         ? 
_refine.ls_percent_reflns_R_free                 5.1 
_refine.ls_number_reflns_R_free                  1031 
_refine.ls_number_parameters                     ? 
_refine.ls_number_restraints                     ? 
_refine.occupancy_min                            ? 
_refine.occupancy_max                            ? 
_refine.B_iso_mean                               19.5 
_refine.aniso_B[1][1]                            0 
_refine.aniso_B[2][2]                            0 
_refine.aniso_B[3][3]                            0 
_refine.aniso_B[1][2]                            0 
_refine.aniso_B[1][3]                            0 
_refine.aniso_B[2][3]                            0 
_refine.solvent_model_details                    ? 
_refine.solvent_model_param_ksol                 ? 
_refine.solvent_model_param_bsol                 ? 
_refine.pdbx_ls_cross_valid_method               THROUGHOUT 
_refine.details                                  ? 
_refine.pdbx_starting_model                      ? 
_refine.pdbx_method_to_determine_struct          SIRAS 
_refine.pdbx_isotropic_thermal_model             RESTRAINED 
_refine.pdbx_stereochemistry_target_values       ? 
_refine.pdbx_stereochem_target_val_spec_case     ? 
_refine.pdbx_R_Free_selection_details            RANDOM 
_refine.pdbx_overall_ESU_R                       ? 
_refine.pdbx_overall_ESU_R_Free                  ? 
_refine.overall_SU_ML                            ? 
_refine.overall_SU_B                             ? 
_refine.ls_redundancy_reflns_obs                 ? 
_refine.B_iso_min                                ? 
_refine.B_iso_max                                ? 
_refine.pdbx_refine_id                           'X-RAY DIFFRACTION' 
_refine.pdbx_diffrn_id                           1 
_refine.pdbx_TLS_residual_ADP_flag               ? 
_refine.correlation_coeff_Fo_to_Fc               ? 
_refine.correlation_coeff_Fo_to_Fc_free          ? 
_refine.pdbx_solvent_vdw_probe_radii             ? 
_refine.pdbx_solvent_ion_probe_radii             ? 
_refine.pdbx_solvent_shrinkage_radii             ? 
_refine.pdbx_overall_phase_error                 ? 
_refine.overall_SU_R_Cruickshank_DPI             ? 
_refine.pdbx_overall_SU_R_free_Cruickshank_DPI   ? 
_refine.pdbx_overall_SU_R_Blow_DPI               ? 
_refine.pdbx_overall_SU_R_free_Blow_DPI          ? 
# 
_refine_analyze.entry_id                        1BK7 
_refine_analyze.Luzzati_coordinate_error_obs    0.20 
_refine_analyze.Luzzati_sigma_a_obs             0.22 
_refine_analyze.Luzzati_d_res_low_obs           5.00 
_refine_analyze.Luzzati_coordinate_error_free   0.25 
_refine_analyze.Luzzati_sigma_a_free            0.23 
_refine_analyze.Luzzati_d_res_low_free          ? 
_refine_analyze.number_disordered_residues      ? 
_refine_analyze.occupancy_sum_hydrogen          ? 
_refine_analyze.occupancy_sum_non_hydrogen      ? 
_refine_analyze.pdbx_Luzzati_d_res_high_obs     ? 
_refine_analyze.pdbx_refine_id                  'X-RAY DIFFRACTION' 
# 
_refine_hist.pdbx_refine_id                   'X-RAY DIFFRACTION' 
_refine_hist.cycle_id                         LAST 
_refine_hist.pdbx_number_atoms_protein        1496 
_refine_hist.pdbx_number_atoms_nucleic_acid   0 
_refine_hist.pdbx_number_atoms_ligand         0 
_refine_hist.number_atoms_solvent             187 
_refine_hist.number_atoms_total               1683 
_refine_hist.d_res_high                       1.75 
_refine_hist.d_res_low                        100 
# 
loop_
_refine_ls_restr.type 
_refine_ls_restr.dev_ideal 
_refine_ls_restr.dev_ideal_target 
_refine_ls_restr.weight 
_refine_ls_restr.number 
_refine_ls_restr.pdbx_refine_id 
_refine_ls_restr.pdbx_restraint_function 
x_bond_d                0.006 ?    ? ? 'X-RAY DIFFRACTION' ? 
x_bond_d_na             ?     ?    ? ? 'X-RAY DIFFRACTION' ? 
x_bond_d_prot           ?     ?    ? ? 'X-RAY DIFFRACTION' ? 
x_angle_d               ?     ?    ? ? 'X-RAY DIFFRACTION' ? 
x_angle_d_na            ?     ?    ? ? 'X-RAY DIFFRACTION' ? 
x_angle_d_prot          ?     ?    ? ? 'X-RAY DIFFRACTION' ? 
x_angle_deg             1.2   ?    ? ? 'X-RAY DIFFRACTION' ? 
x_angle_deg_na          ?     ?    ? ? 'X-RAY DIFFRACTION' ? 
x_angle_deg_prot        ?     ?    ? ? 'X-RAY DIFFRACTION' ? 
x_dihedral_angle_d      25.4  ?    ? ? 'X-RAY DIFFRACTION' ? 
x_dihedral_angle_d_na   ?     ?    ? ? 'X-RAY DIFFRACTION' ? 
x_dihedral_angle_d_prot ?     ?    ? ? 'X-RAY DIFFRACTION' ? 
x_improper_angle_d      0.62  ?    ? ? 'X-RAY DIFFRACTION' ? 
x_improper_angle_d_na   ?     ?    ? ? 'X-RAY DIFFRACTION' ? 
x_improper_angle_d_prot ?     ?    ? ? 'X-RAY DIFFRACTION' ? 
x_mcbond_it             1.51  1.50 ? ? 'X-RAY DIFFRACTION' ? 
x_mcangle_it            2.27  2.00 ? ? 'X-RAY DIFFRACTION' ? 
x_scbond_it             2.83  2.00 ? ? 'X-RAY DIFFRACTION' ? 
x_scangle_it            4.38  2.50 ? ? 'X-RAY DIFFRACTION' ? 
# 
_refine_ls_shell.pdbx_total_number_of_bins_used   6 
_refine_ls_shell.d_res_high                       1.75 
_refine_ls_shell.d_res_low                        1.86 
_refine_ls_shell.number_reflns_R_work             3042 
_refine_ls_shell.R_factor_R_work                  0.327 
_refine_ls_shell.percent_reflns_obs               97.4 
_refine_ls_shell.R_factor_R_free                  0.364 
_refine_ls_shell.R_factor_R_free_error            0.028 
_refine_ls_shell.percent_reflns_R_free            5.2 
_refine_ls_shell.number_reflns_R_free             168 
_refine_ls_shell.redundancy_reflns_obs            ? 
_refine_ls_shell.number_reflns_all                ? 
_refine_ls_shell.number_reflns_obs                ? 
_refine_ls_shell.pdbx_refine_id                   'X-RAY DIFFRACTION' 
_refine_ls_shell.R_factor_all                     ? 
# 
loop_
_pdbx_xplor_file.serial_no 
_pdbx_xplor_file.param_file 
_pdbx_xplor_file.topol_file 
_pdbx_xplor_file.pdbx_refine_id 
1 PROTEIN_REP.PARAM TOPHCSDX.PRO 'X-RAY DIFFRACTION' 
2 ?                 WAT.TOP      'X-RAY DIFFRACTION' 
# 
_struct.entry_id                  1BK7 
_struct.title                     'RIBONUCLEASE MC1 FROM THE SEEDS OF BITTER GOURD' 
_struct.pdbx_model_details        ? 
_struct.pdbx_CASP_flag            ? 
_struct.pdbx_model_type_details   ? 
# 
_struct_keywords.entry_id        1BK7 
_struct_keywords.pdbx_keywords   HYDROLASE 
_struct_keywords.text            'HYDROLASE (NUCLEIC ACID, RNA), HYDROLASE' 
# 
loop_
_struct_asym.id 
_struct_asym.pdbx_blank_PDB_chainid_flag 
_struct_asym.pdbx_modified 
_struct_asym.entity_id 
_struct_asym.details 
A N N 1 ? 
B N N 2 ? 
# 
_struct_ref.id                         1 
_struct_ref.db_name                    UNP 
_struct_ref.db_code                    RNMC_MOMCH 
_struct_ref.entity_id                  1 
_struct_ref.pdbx_db_accession          P23540 
_struct_ref.pdbx_align_begin           ? 
_struct_ref.pdbx_seq_one_letter_code   ? 
_struct_ref.pdbx_db_isoform            ? 
# 
_struct_ref_seq.align_id                      1 
_struct_ref_seq.ref_id                        1 
_struct_ref_seq.pdbx_PDB_id_code              1BK7 
_struct_ref_seq.pdbx_strand_id                A 
_struct_ref_seq.seq_align_beg                 1 
_struct_ref_seq.pdbx_seq_align_beg_ins_code   ? 
_struct_ref_seq.seq_align_end                 190 
_struct_ref_seq.pdbx_seq_align_end_ins_code   ? 
_struct_ref_seq.pdbx_db_accession             P23540 
_struct_ref_seq.db_align_beg                  1 
_struct_ref_seq.pdbx_db_align_beg_ins_code    ? 
_struct_ref_seq.db_align_end                  191 
_struct_ref_seq.pdbx_db_align_end_ins_code    ? 
_struct_ref_seq.pdbx_auth_seq_align_beg       1 
_struct_ref_seq.pdbx_auth_seq_align_end       190 
# 
loop_
_struct_ref_seq_dif.align_id 
_struct_ref_seq_dif.pdbx_pdb_id_code 
_struct_ref_seq_dif.mon_id 
_struct_ref_seq_dif.pdbx_pdb_strand_id 
_struct_ref_seq_dif.seq_num 
_struct_ref_seq_dif.pdbx_pdb_ins_code 
_struct_ref_seq_dif.pdbx_seq_db_name 
_struct_ref_seq_dif.pdbx_seq_db_accession_code 
_struct_ref_seq_dif.db_mon_id 
_struct_ref_seq_dif.pdbx_seq_db_seq_num 
_struct_ref_seq_dif.details 
_struct_ref_seq_dif.pdbx_auth_seq_num 
_struct_ref_seq_dif.pdbx_ordinal 
1 1BK7 GLN A 40 ? UNP P23540 GLY 40 conflict 40 1 
1 1BK7 ?   A ?  ? UNP P23540 GLN 50 deletion ?  2 
# 
_pdbx_struct_assembly.id                   1 
_pdbx_struct_assembly.details              author_defined_assembly 
_pdbx_struct_assembly.method_details       ? 
_pdbx_struct_assembly.oligomeric_details   monomeric 
_pdbx_struct_assembly.oligomeric_count     1 
# 
_pdbx_struct_assembly_gen.assembly_id       1 
_pdbx_struct_assembly_gen.oper_expression   1 
_pdbx_struct_assembly_gen.asym_id_list      A,B 
# 
_pdbx_struct_oper_list.id                   1 
_pdbx_struct_oper_list.type                 'identity operation' 
_pdbx_struct_oper_list.name                 1_555 
_pdbx_struct_oper_list.symmetry_operation   x,y,z 
_pdbx_struct_oper_list.matrix[1][1]         1.0000000000 
_pdbx_struct_oper_list.matrix[1][2]         0.0000000000 
_pdbx_struct_oper_list.matrix[1][3]         0.0000000000 
_pdbx_struct_oper_list.vector[1]            0.0000000000 
_pdbx_struct_oper_list.matrix[2][1]         0.0000000000 
_pdbx_struct_oper_list.matrix[2][2]         1.0000000000 
_pdbx_struct_oper_list.matrix[2][3]         0.0000000000 
_pdbx_struct_oper_list.vector[2]            0.0000000000 
_pdbx_struct_oper_list.matrix[3][1]         0.0000000000 
_pdbx_struct_oper_list.matrix[3][2]         0.0000000000 
_pdbx_struct_oper_list.matrix[3][3]         1.0000000000 
_pdbx_struct_oper_list.vector[3]            0.0000000000 
# 
_struct_biol.id   1 
# 
loop_
_struct_conf.conf_type_id 
_struct_conf.id 
_struct_conf.pdbx_PDB_helix_id 
_struct_conf.beg_label_comp_id 
_struct_conf.beg_label_asym_id 
_struct_conf.beg_label_seq_id 
_struct_conf.pdbx_beg_PDB_ins_code 
_struct_conf.end_label_comp_id 
_struct_conf.end_label_asym_id 
_struct_conf.end_label_seq_id 
_struct_conf.pdbx_end_PDB_ins_code 
_struct_conf.beg_auth_comp_id 
_struct_conf.beg_auth_asym_id 
_struct_conf.beg_auth_seq_id 
_struct_conf.end_auth_comp_id 
_struct_conf.end_auth_asym_id 
_struct_conf.end_auth_seq_id 
_struct_conf.pdbx_PDB_helix_class 
_struct_conf.details 
_struct_conf.pdbx_PDB_helix_length 
HELX_P HELX_P1  H1  PRO A 11  ? SER A 16  ? PRO A 11  SER A 16  1 ? 6  
HELX_P HELX_P2  H2  PRO A 24  ? GLY A 27  ? PRO A 24  GLY A 27  5 ? 4  
HELX_P HELX_P3  H3  ILE A 55  ? LEU A 61  ? ILE A 55  LEU A 61  5 ? 7  
HELX_P HELX_P4  H4  GLN A 62  ? LEU A 68  ? GLN A 62  LEU A 68  1 ? 7  
HELX_P HELX_P5  H5  ASN A 77  ? LYS A 87  ? ASN A 77  LYS A 87  1 ? 11 
HELX_P HELX_P6  H6  GLY A 89  ? SER A 92  ? GLY A 89  SER A 92  5 ? 4  
HELX_P HELX_P7  H7  GLN A 98  ? ASN A 111 ? GLN A 98  ASN A 111 1 ? 14 
HELX_P HELX_P8  H8  ILE A 114 ? LEU A 118 ? ILE A 114 LEU A 118 1 ? 5  
HELX_P HELX_P9  H9  ARG A 119 ? HIS A 121 ? ARG A 119 HIS A 121 5 ? 3  
HELX_P HELX_P10 H10 ARG A 132 ? PHE A 143 ? ARG A 132 PHE A 143 5 ? 12 
# 
_struct_conf_type.id          HELX_P 
_struct_conf_type.criteria    ? 
_struct_conf_type.reference   ? 
# 
loop_
_struct_conn.id 
_struct_conn.conn_type_id 
_struct_conn.pdbx_leaving_atom_flag 
_struct_conn.pdbx_PDB_id 
_struct_conn.ptnr1_label_asym_id 
_struct_conn.ptnr1_label_comp_id 
_struct_conn.ptnr1_label_seq_id 
_struct_conn.ptnr1_label_atom_id 
_struct_conn.pdbx_ptnr1_label_alt_id 
_struct_conn.pdbx_ptnr1_PDB_ins_code 
_struct_conn.pdbx_ptnr1_standard_comp_id 
_struct_conn.ptnr1_symmetry 
_struct_conn.ptnr2_label_asym_id 
_struct_conn.ptnr2_label_comp_id 
_struct_conn.ptnr2_label_seq_id 
_struct_conn.ptnr2_label_atom_id 
_struct_conn.pdbx_ptnr2_label_alt_id 
_struct_conn.pdbx_ptnr2_PDB_ins_code 
_struct_conn.ptnr1_auth_asym_id 
_struct_conn.ptnr1_auth_comp_id 
_struct_conn.ptnr1_auth_seq_id 
_struct_conn.ptnr2_auth_asym_id 
_struct_conn.ptnr2_auth_comp_id 
_struct_conn.ptnr2_auth_seq_id 
_struct_conn.ptnr2_symmetry 
_struct_conn.pdbx_ptnr3_label_atom_id 
_struct_conn.pdbx_ptnr3_label_seq_id 
_struct_conn.pdbx_ptnr3_label_comp_id 
_struct_conn.pdbx_ptnr3_label_asym_id 
_struct_conn.pdbx_ptnr3_label_alt_id 
_struct_conn.pdbx_ptnr3_PDB_ins_code 
_struct_conn.details 
_struct_conn.pdbx_dist_value 
_struct_conn.pdbx_value_order 
_struct_conn.pdbx_role 
disulf1 disulf ? ? A CYS 15  SG ? ? ? 1_555 A CYS 23  SG ? ? A CYS 15  A CYS 23  1_555 ? ? ? ? ? ? ? 2.017 ? ? 
disulf2 disulf ? ? A CYS 48  SG ? ? ? 1_555 A CYS 91  SG ? ? A CYS 48  A CYS 91  1_555 ? ? ? ? ? ? ? 2.025 ? ? 
disulf3 disulf ? ? A CYS 151 SG ? ? ? 1_555 A CYS 184 SG ? ? A CYS 151 A CYS 184 1_555 ? ? ? ? ? ? ? 2.031 ? ? 
disulf4 disulf ? ? A CYS 168 SG ? ? ? 1_555 A CYS 179 SG ? ? A CYS 168 A CYS 179 1_555 ? ? ? ? ? ? ? 2.026 ? ? 
# 
_struct_conn_type.id          disulf 
_struct_conn_type.criteria    ? 
_struct_conn_type.reference   ? 
# 
loop_
_pdbx_modification_feature.ordinal 
_pdbx_modification_feature.label_comp_id 
_pdbx_modification_feature.label_asym_id 
_pdbx_modification_feature.label_seq_id 
_pdbx_modification_feature.label_alt_id 
_pdbx_modification_feature.modified_residue_label_comp_id 
_pdbx_modification_feature.modified_residue_label_asym_id 
_pdbx_modification_feature.modified_residue_label_seq_id 
_pdbx_modification_feature.modified_residue_label_alt_id 
_pdbx_modification_feature.auth_comp_id 
_pdbx_modification_feature.auth_asym_id 
_pdbx_modification_feature.auth_seq_id 
_pdbx_modification_feature.PDB_ins_code 
_pdbx_modification_feature.symmetry 
_pdbx_modification_feature.modified_residue_auth_comp_id 
_pdbx_modification_feature.modified_residue_auth_asym_id 
_pdbx_modification_feature.modified_residue_auth_seq_id 
_pdbx_modification_feature.modified_residue_PDB_ins_code 
_pdbx_modification_feature.modified_residue_symmetry 
_pdbx_modification_feature.comp_id_linking_atom 
_pdbx_modification_feature.modified_residue_id_linking_atom 
_pdbx_modification_feature.modified_residue_id 
_pdbx_modification_feature.ref_pcm_id 
_pdbx_modification_feature.ref_comp_id 
_pdbx_modification_feature.type 
_pdbx_modification_feature.category 
1 CYS A 15  ? CYS A 23  ? CYS A 15  ? 1_555 CYS A 23  ? 1_555 SG SG . . . None 'Disulfide bridge' 
2 CYS A 48  ? CYS A 91  ? CYS A 48  ? 1_555 CYS A 91  ? 1_555 SG SG . . . None 'Disulfide bridge' 
3 CYS A 151 ? CYS A 184 ? CYS A 151 ? 1_555 CYS A 184 ? 1_555 SG SG . . . None 'Disulfide bridge' 
4 CYS A 168 ? CYS A 179 ? CYS A 168 ? 1_555 CYS A 179 ? 1_555 SG SG . . . None 'Disulfide bridge' 
# 
loop_
_struct_sheet.id 
_struct_sheet.type 
_struct_sheet.number_strands 
_struct_sheet.details 
S1 ? 1 ? 
S2 ? 1 ? 
S3 ? 1 ? 
S4 ? 1 ? 
S5 ? 1 ? 
S6 ? 1 ? 
S7 ? 1 ? 
S8 ? 1 ? 
# 
loop_
_struct_sheet_range.sheet_id 
_struct_sheet_range.id 
_struct_sheet_range.beg_label_comp_id 
_struct_sheet_range.beg_label_asym_id 
_struct_sheet_range.beg_label_seq_id 
_struct_sheet_range.pdbx_beg_PDB_ins_code 
_struct_sheet_range.end_label_comp_id 
_struct_sheet_range.end_label_asym_id 
_struct_sheet_range.end_label_seq_id 
_struct_sheet_range.pdbx_end_PDB_ins_code 
_struct_sheet_range.beg_auth_comp_id 
_struct_sheet_range.beg_auth_asym_id 
_struct_sheet_range.beg_auth_seq_id 
_struct_sheet_range.end_auth_comp_id 
_struct_sheet_range.end_auth_asym_id 
_struct_sheet_range.end_auth_seq_id 
S1 1 SER A 3   ? GLN A 9   ? SER A 3   GLN A 9   
S2 1 THR A 32  ? GLN A 40  ? THR A 32  GLN A 40  
S3 1 THR A 43  ? SER A 44  ? THR A 43  SER A 44  
S4 1 THR A 129 ? SER A 131 ? THR A 129 SER A 131 
S5 1 GLY A 148 ? THR A 153 ? GLY A 148 THR A 153 
S6 1 SER A 160 ? ALA A 170 ? SER A 160 ALA A 170 
S7 1 LEU A 176 ? ILE A 177 ? LEU A 176 ILE A 177 
S8 1 ASN A 187 ? ILE A 189 ? ASN A 187 ILE A 189 
# 
_pdbx_entry_details.entry_id                   1BK7 
_pdbx_entry_details.compound_details           ? 
_pdbx_entry_details.source_details             ? 
_pdbx_entry_details.nonpolymer_details         ? 
_pdbx_entry_details.sequence_details           ? 
_pdbx_entry_details.has_ligand_of_interest     ? 
_pdbx_entry_details.has_protein_modification   Y 
# 
loop_
_pdbx_validate_torsion.id 
_pdbx_validate_torsion.PDB_model_num 
_pdbx_validate_torsion.auth_comp_id 
_pdbx_validate_torsion.auth_asym_id 
_pdbx_validate_torsion.auth_seq_id 
_pdbx_validate_torsion.PDB_ins_code 
_pdbx_validate_torsion.label_alt_id 
_pdbx_validate_torsion.phi 
_pdbx_validate_torsion.psi 
1 1 GLN A 40  ? ? -160.24 110.91 
2 1 ALA A 75  ? ? -79.73  27.18  
3 1 ASN A 126 ? ? -153.72 18.47  
4 1 SER A 174 ? ? -141.32 -25.08 
# 
loop_
_chem_comp_atom.comp_id 
_chem_comp_atom.atom_id 
_chem_comp_atom.type_symbol 
_chem_comp_atom.pdbx_aromatic_flag 
_chem_comp_atom.pdbx_stereo_config 
_chem_comp_atom.pdbx_ordinal 
ALA N    N N N 1   
ALA CA   C N S 2   
ALA C    C N N 3   
ALA O    O N N 4   
ALA CB   C N N 5   
ALA OXT  O N N 6   
ALA H    H N N 7   
ALA H2   H N N 8   
ALA HA   H N N 9   
ALA HB1  H N N 10  
ALA HB2  H N N 11  
ALA HB3  H N N 12  
ALA HXT  H N N 13  
ARG N    N N N 14  
ARG CA   C N S 15  
ARG C    C N N 16  
ARG O    O N N 17  
ARG CB   C N N 18  
ARG CG   C N N 19  
ARG CD   C N N 20  
ARG NE   N N N 21  
ARG CZ   C N N 22  
ARG NH1  N N N 23  
ARG NH2  N N N 24  
ARG OXT  O N N 25  
ARG H    H N N 26  
ARG H2   H N N 27  
ARG HA   H N N 28  
ARG HB2  H N N 29  
ARG HB3  H N N 30  
ARG HG2  H N N 31  
ARG HG3  H N N 32  
ARG HD2  H N N 33  
ARG HD3  H N N 34  
ARG HE   H N N 35  
ARG HH11 H N N 36  
ARG HH12 H N N 37  
ARG HH21 H N N 38  
ARG HH22 H N N 39  
ARG HXT  H N N 40  
ASN N    N N N 41  
ASN CA   C N S 42  
ASN C    C N N 43  
ASN O    O N N 44  
ASN CB   C N N 45  
ASN CG   C N N 46  
ASN OD1  O N N 47  
ASN ND2  N N N 48  
ASN OXT  O N N 49  
ASN H    H N N 50  
ASN H2   H N N 51  
ASN HA   H N N 52  
ASN HB2  H N N 53  
ASN HB3  H N N 54  
ASN HD21 H N N 55  
ASN HD22 H N N 56  
ASN HXT  H N N 57  
ASP N    N N N 58  
ASP CA   C N S 59  
ASP C    C N N 60  
ASP O    O N N 61  
ASP CB   C N N 62  
ASP CG   C N N 63  
ASP OD1  O N N 64  
ASP OD2  O N N 65  
ASP OXT  O N N 66  
ASP H    H N N 67  
ASP H2   H N N 68  
ASP HA   H N N 69  
ASP HB2  H N N 70  
ASP HB3  H N N 71  
ASP HD2  H N N 72  
ASP HXT  H N N 73  
CYS N    N N N 74  
CYS CA   C N R 75  
CYS C    C N N 76  
CYS O    O N N 77  
CYS CB   C N N 78  
CYS SG   S N N 79  
CYS OXT  O N N 80  
CYS H    H N N 81  
CYS H2   H N N 82  
CYS HA   H N N 83  
CYS HB2  H N N 84  
CYS HB3  H N N 85  
CYS HG   H N N 86  
CYS HXT  H N N 87  
GLN N    N N N 88  
GLN CA   C N S 89  
GLN C    C N N 90  
GLN O    O N N 91  
GLN CB   C N N 92  
GLN CG   C N N 93  
GLN CD   C N N 94  
GLN OE1  O N N 95  
GLN NE2  N N N 96  
GLN OXT  O N N 97  
GLN H    H N N 98  
GLN H2   H N N 99  
GLN HA   H N N 100 
GLN HB2  H N N 101 
GLN HB3  H N N 102 
GLN HG2  H N N 103 
GLN HG3  H N N 104 
GLN HE21 H N N 105 
GLN HE22 H N N 106 
GLN HXT  H N N 107 
GLU N    N N N 108 
GLU CA   C N S 109 
GLU C    C N N 110 
GLU O    O N N 111 
GLU CB   C N N 112 
GLU CG   C N N 113 
GLU CD   C N N 114 
GLU OE1  O N N 115 
GLU OE2  O N N 116 
GLU OXT  O N N 117 
GLU H    H N N 118 
GLU H2   H N N 119 
GLU HA   H N N 120 
GLU HB2  H N N 121 
GLU HB3  H N N 122 
GLU HG2  H N N 123 
GLU HG3  H N N 124 
GLU HE2  H N N 125 
GLU HXT  H N N 126 
GLY N    N N N 127 
GLY CA   C N N 128 
GLY C    C N N 129 
GLY O    O N N 130 
GLY OXT  O N N 131 
GLY H    H N N 132 
GLY H2   H N N 133 
GLY HA2  H N N 134 
GLY HA3  H N N 135 
GLY HXT  H N N 136 
HIS N    N N N 137 
HIS CA   C N S 138 
HIS C    C N N 139 
HIS O    O N N 140 
HIS CB   C N N 141 
HIS CG   C Y N 142 
HIS ND1  N Y N 143 
HIS CD2  C Y N 144 
HIS CE1  C Y N 145 
HIS NE2  N Y N 146 
HIS OXT  O N N 147 
HIS H    H N N 148 
HIS H2   H N N 149 
HIS HA   H N N 150 
HIS HB2  H N N 151 
HIS HB3  H N N 152 
HIS HD1  H N N 153 
HIS HD2  H N N 154 
HIS HE1  H N N 155 
HIS HE2  H N N 156 
HIS HXT  H N N 157 
HOH O    O N N 158 
HOH H1   H N N 159 
HOH H2   H N N 160 
ILE N    N N N 161 
ILE CA   C N S 162 
ILE C    C N N 163 
ILE O    O N N 164 
ILE CB   C N S 165 
ILE CG1  C N N 166 
ILE CG2  C N N 167 
ILE CD1  C N N 168 
ILE OXT  O N N 169 
ILE H    H N N 170 
ILE H2   H N N 171 
ILE HA   H N N 172 
ILE HB   H N N 173 
ILE HG12 H N N 174 
ILE HG13 H N N 175 
ILE HG21 H N N 176 
ILE HG22 H N N 177 
ILE HG23 H N N 178 
ILE HD11 H N N 179 
ILE HD12 H N N 180 
ILE HD13 H N N 181 
ILE HXT  H N N 182 
LEU N    N N N 183 
LEU CA   C N S 184 
LEU C    C N N 185 
LEU O    O N N 186 
LEU CB   C N N 187 
LEU CG   C N N 188 
LEU CD1  C N N 189 
LEU CD2  C N N 190 
LEU OXT  O N N 191 
LEU H    H N N 192 
LEU H2   H N N 193 
LEU HA   H N N 194 
LEU HB2  H N N 195 
LEU HB3  H N N 196 
LEU HG   H N N 197 
LEU HD11 H N N 198 
LEU HD12 H N N 199 
LEU HD13 H N N 200 
LEU HD21 H N N 201 
LEU HD22 H N N 202 
LEU HD23 H N N 203 
LEU HXT  H N N 204 
LYS N    N N N 205 
LYS CA   C N S 206 
LYS C    C N N 207 
LYS O    O N N 208 
LYS CB   C N N 209 
LYS CG   C N N 210 
LYS CD   C N N 211 
LYS CE   C N N 212 
LYS NZ   N N N 213 
LYS OXT  O N N 214 
LYS H    H N N 215 
LYS H2   H N N 216 
LYS HA   H N N 217 
LYS HB2  H N N 218 
LYS HB3  H N N 219 
LYS HG2  H N N 220 
LYS HG3  H N N 221 
LYS HD2  H N N 222 
LYS HD3  H N N 223 
LYS HE2  H N N 224 
LYS HE3  H N N 225 
LYS HZ1  H N N 226 
LYS HZ2  H N N 227 
LYS HZ3  H N N 228 
LYS HXT  H N N 229 
MET N    N N N 230 
MET CA   C N S 231 
MET C    C N N 232 
MET O    O N N 233 
MET CB   C N N 234 
MET CG   C N N 235 
MET SD   S N N 236 
MET CE   C N N 237 
MET OXT  O N N 238 
MET H    H N N 239 
MET H2   H N N 240 
MET HA   H N N 241 
MET HB2  H N N 242 
MET HB3  H N N 243 
MET HG2  H N N 244 
MET HG3  H N N 245 
MET HE1  H N N 246 
MET HE2  H N N 247 
MET HE3  H N N 248 
MET HXT  H N N 249 
PHE N    N N N 250 
PHE CA   C N S 251 
PHE C    C N N 252 
PHE O    O N N 253 
PHE CB   C N N 254 
PHE CG   C Y N 255 
PHE CD1  C Y N 256 
PHE CD2  C Y N 257 
PHE CE1  C Y N 258 
PHE CE2  C Y N 259 
PHE CZ   C Y N 260 
PHE OXT  O N N 261 
PHE H    H N N 262 
PHE H2   H N N 263 
PHE HA   H N N 264 
PHE HB2  H N N 265 
PHE HB3  H N N 266 
PHE HD1  H N N 267 
PHE HD2  H N N 268 
PHE HE1  H N N 269 
PHE HE2  H N N 270 
PHE HZ   H N N 271 
PHE HXT  H N N 272 
PRO N    N N N 273 
PRO CA   C N S 274 
PRO C    C N N 275 
PRO O    O N N 276 
PRO CB   C N N 277 
PRO CG   C N N 278 
PRO CD   C N N 279 
PRO OXT  O N N 280 
PRO H    H N N 281 
PRO HA   H N N 282 
PRO HB2  H N N 283 
PRO HB3  H N N 284 
PRO HG2  H N N 285 
PRO HG3  H N N 286 
PRO HD2  H N N 287 
PRO HD3  H N N 288 
PRO HXT  H N N 289 
SER N    N N N 290 
SER CA   C N S 291 
SER C    C N N 292 
SER O    O N N 293 
SER CB   C N N 294 
SER OG   O N N 295 
SER OXT  O N N 296 
SER H    H N N 297 
SER H2   H N N 298 
SER HA   H N N 299 
SER HB2  H N N 300 
SER HB3  H N N 301 
SER HG   H N N 302 
SER HXT  H N N 303 
THR N    N N N 304 
THR CA   C N S 305 
THR C    C N N 306 
THR O    O N N 307 
THR CB   C N R 308 
THR OG1  O N N 309 
THR CG2  C N N 310 
THR OXT  O N N 311 
THR H    H N N 312 
THR H2   H N N 313 
THR HA   H N N 314 
THR HB   H N N 315 
THR HG1  H N N 316 
THR HG21 H N N 317 
THR HG22 H N N 318 
THR HG23 H N N 319 
THR HXT  H N N 320 
TRP N    N N N 321 
TRP CA   C N S 322 
TRP C    C N N 323 
TRP O    O N N 324 
TRP CB   C N N 325 
TRP CG   C Y N 326 
TRP CD1  C Y N 327 
TRP CD2  C Y N 328 
TRP NE1  N Y N 329 
TRP CE2  C Y N 330 
TRP CE3  C Y N 331 
TRP CZ2  C Y N 332 
TRP CZ3  C Y N 333 
TRP CH2  C Y N 334 
TRP OXT  O N N 335 
TRP H    H N N 336 
TRP H2   H N N 337 
TRP HA   H N N 338 
TRP HB2  H N N 339 
TRP HB3  H N N 340 
TRP HD1  H N N 341 
TRP HE1  H N N 342 
TRP HE3  H N N 343 
TRP HZ2  H N N 344 
TRP HZ3  H N N 345 
TRP HH2  H N N 346 
TRP HXT  H N N 347 
TYR N    N N N 348 
TYR CA   C N S 349 
TYR C    C N N 350 
TYR O    O N N 351 
TYR CB   C N N 352 
TYR CG   C Y N 353 
TYR CD1  C Y N 354 
TYR CD2  C Y N 355 
TYR CE1  C Y N 356 
TYR CE2  C Y N 357 
TYR CZ   C Y N 358 
TYR OH   O N N 359 
TYR OXT  O N N 360 
TYR H    H N N 361 
TYR H2   H N N 362 
TYR HA   H N N 363 
TYR HB2  H N N 364 
TYR HB3  H N N 365 
TYR HD1  H N N 366 
TYR HD2  H N N 367 
TYR HE1  H N N 368 
TYR HE2  H N N 369 
TYR HH   H N N 370 
TYR HXT  H N N 371 
VAL N    N N N 372 
VAL CA   C N S 373 
VAL C    C N N 374 
VAL O    O N N 375 
VAL CB   C N N 376 
VAL CG1  C N N 377 
VAL CG2  C N N 378 
VAL OXT  O N N 379 
VAL H    H N N 380 
VAL H2   H N N 381 
VAL HA   H N N 382 
VAL HB   H N N 383 
VAL HG11 H N N 384 
VAL HG12 H N N 385 
VAL HG13 H N N 386 
VAL HG21 H N N 387 
VAL HG22 H N N 388 
VAL HG23 H N N 389 
VAL HXT  H N N 390 
# 
loop_
_chem_comp_bond.comp_id 
_chem_comp_bond.atom_id_1 
_chem_comp_bond.atom_id_2 
_chem_comp_bond.value_order 
_chem_comp_bond.pdbx_aromatic_flag 
_chem_comp_bond.pdbx_stereo_config 
_chem_comp_bond.pdbx_ordinal 
ALA N   CA   sing N N 1   
ALA N   H    sing N N 2   
ALA N   H2   sing N N 3   
ALA CA  C    sing N N 4   
ALA CA  CB   sing N N 5   
ALA CA  HA   sing N N 6   
ALA C   O    doub N N 7   
ALA C   OXT  sing N N 8   
ALA CB  HB1  sing N N 9   
ALA CB  HB2  sing N N 10  
ALA CB  HB3  sing N N 11  
ALA OXT HXT  sing N N 12  
ARG N   CA   sing N N 13  
ARG N   H    sing N N 14  
ARG N   H2   sing N N 15  
ARG CA  C    sing N N 16  
ARG CA  CB   sing N N 17  
ARG CA  HA   sing N N 18  
ARG C   O    doub N N 19  
ARG C   OXT  sing N N 20  
ARG CB  CG   sing N N 21  
ARG CB  HB2  sing N N 22  
ARG CB  HB3  sing N N 23  
ARG CG  CD   sing N N 24  
ARG CG  HG2  sing N N 25  
ARG CG  HG3  sing N N 26  
ARG CD  NE   sing N N 27  
ARG CD  HD2  sing N N 28  
ARG CD  HD3  sing N N 29  
ARG NE  CZ   sing N N 30  
ARG NE  HE   sing N N 31  
ARG CZ  NH1  sing N N 32  
ARG CZ  NH2  doub N N 33  
ARG NH1 HH11 sing N N 34  
ARG NH1 HH12 sing N N 35  
ARG NH2 HH21 sing N N 36  
ARG NH2 HH22 sing N N 37  
ARG OXT HXT  sing N N 38  
ASN N   CA   sing N N 39  
ASN N   H    sing N N 40  
ASN N   H2   sing N N 41  
ASN CA  C    sing N N 42  
ASN CA  CB   sing N N 43  
ASN CA  HA   sing N N 44  
ASN C   O    doub N N 45  
ASN C   OXT  sing N N 46  
ASN CB  CG   sing N N 47  
ASN CB  HB2  sing N N 48  
ASN CB  HB3  sing N N 49  
ASN CG  OD1  doub N N 50  
ASN CG  ND2  sing N N 51  
ASN ND2 HD21 sing N N 52  
ASN ND2 HD22 sing N N 53  
ASN OXT HXT  sing N N 54  
ASP N   CA   sing N N 55  
ASP N   H    sing N N 56  
ASP N   H2   sing N N 57  
ASP CA  C    sing N N 58  
ASP CA  CB   sing N N 59  
ASP CA  HA   sing N N 60  
ASP C   O    doub N N 61  
ASP C   OXT  sing N N 62  
ASP CB  CG   sing N N 63  
ASP CB  HB2  sing N N 64  
ASP CB  HB3  sing N N 65  
ASP CG  OD1  doub N N 66  
ASP CG  OD2  sing N N 67  
ASP OD2 HD2  sing N N 68  
ASP OXT HXT  sing N N 69  
CYS N   CA   sing N N 70  
CYS N   H    sing N N 71  
CYS N   H2   sing N N 72  
CYS CA  C    sing N N 73  
CYS CA  CB   sing N N 74  
CYS CA  HA   sing N N 75  
CYS C   O    doub N N 76  
CYS C   OXT  sing N N 77  
CYS CB  SG   sing N N 78  
CYS CB  HB2  sing N N 79  
CYS CB  HB3  sing N N 80  
CYS SG  HG   sing N N 81  
CYS OXT HXT  sing N N 82  
GLN N   CA   sing N N 83  
GLN N   H    sing N N 84  
GLN N   H2   sing N N 85  
GLN CA  C    sing N N 86  
GLN CA  CB   sing N N 87  
GLN CA  HA   sing N N 88  
GLN C   O    doub N N 89  
GLN C   OXT  sing N N 90  
GLN CB  CG   sing N N 91  
GLN CB  HB2  sing N N 92  
GLN CB  HB3  sing N N 93  
GLN CG  CD   sing N N 94  
GLN CG  HG2  sing N N 95  
GLN CG  HG3  sing N N 96  
GLN CD  OE1  doub N N 97  
GLN CD  NE2  sing N N 98  
GLN NE2 HE21 sing N N 99  
GLN NE2 HE22 sing N N 100 
GLN OXT HXT  sing N N 101 
GLU N   CA   sing N N 102 
GLU N   H    sing N N 103 
GLU N   H2   sing N N 104 
GLU CA  C    sing N N 105 
GLU CA  CB   sing N N 106 
GLU CA  HA   sing N N 107 
GLU C   O    doub N N 108 
GLU C   OXT  sing N N 109 
GLU CB  CG   sing N N 110 
GLU CB  HB2  sing N N 111 
GLU CB  HB3  sing N N 112 
GLU CG  CD   sing N N 113 
GLU CG  HG2  sing N N 114 
GLU CG  HG3  sing N N 115 
GLU CD  OE1  doub N N 116 
GLU CD  OE2  sing N N 117 
GLU OE2 HE2  sing N N 118 
GLU OXT HXT  sing N N 119 
GLY N   CA   sing N N 120 
GLY N   H    sing N N 121 
GLY N   H2   sing N N 122 
GLY CA  C    sing N N 123 
GLY CA  HA2  sing N N 124 
GLY CA  HA3  sing N N 125 
GLY C   O    doub N N 126 
GLY C   OXT  sing N N 127 
GLY OXT HXT  sing N N 128 
HIS N   CA   sing N N 129 
HIS N   H    sing N N 130 
HIS N   H2   sing N N 131 
HIS CA  C    sing N N 132 
HIS CA  CB   sing N N 133 
HIS CA  HA   sing N N 134 
HIS C   O    doub N N 135 
HIS C   OXT  sing N N 136 
HIS CB  CG   sing N N 137 
HIS CB  HB2  sing N N 138 
HIS CB  HB3  sing N N 139 
HIS CG  ND1  sing Y N 140 
HIS CG  CD2  doub Y N 141 
HIS ND1 CE1  doub Y N 142 
HIS ND1 HD1  sing N N 143 
HIS CD2 NE2  sing Y N 144 
HIS CD2 HD2  sing N N 145 
HIS CE1 NE2  sing Y N 146 
HIS CE1 HE1  sing N N 147 
HIS NE2 HE2  sing N N 148 
HIS OXT HXT  sing N N 149 
HOH O   H1   sing N N 150 
HOH O   H2   sing N N 151 
ILE N   CA   sing N N 152 
ILE N   H    sing N N 153 
ILE N   H2   sing N N 154 
ILE CA  C    sing N N 155 
ILE CA  CB   sing N N 156 
ILE CA  HA   sing N N 157 
ILE C   O    doub N N 158 
ILE C   OXT  sing N N 159 
ILE CB  CG1  sing N N 160 
ILE CB  CG2  sing N N 161 
ILE CB  HB   sing N N 162 
ILE CG1 CD1  sing N N 163 
ILE CG1 HG12 sing N N 164 
ILE CG1 HG13 sing N N 165 
ILE CG2 HG21 sing N N 166 
ILE CG2 HG22 sing N N 167 
ILE CG2 HG23 sing N N 168 
ILE CD1 HD11 sing N N 169 
ILE CD1 HD12 sing N N 170 
ILE CD1 HD13 sing N N 171 
ILE OXT HXT  sing N N 172 
LEU N   CA   sing N N 173 
LEU N   H    sing N N 174 
LEU N   H2   sing N N 175 
LEU CA  C    sing N N 176 
LEU CA  CB   sing N N 177 
LEU CA  HA   sing N N 178 
LEU C   O    doub N N 179 
LEU C   OXT  sing N N 180 
LEU CB  CG   sing N N 181 
LEU CB  HB2  sing N N 182 
LEU CB  HB3  sing N N 183 
LEU CG  CD1  sing N N 184 
LEU CG  CD2  sing N N 185 
LEU CG  HG   sing N N 186 
LEU CD1 HD11 sing N N 187 
LEU CD1 HD12 sing N N 188 
LEU CD1 HD13 sing N N 189 
LEU CD2 HD21 sing N N 190 
LEU CD2 HD22 sing N N 191 
LEU CD2 HD23 sing N N 192 
LEU OXT HXT  sing N N 193 
LYS N   CA   sing N N 194 
LYS N   H    sing N N 195 
LYS N   H2   sing N N 196 
LYS CA  C    sing N N 197 
LYS CA  CB   sing N N 198 
LYS CA  HA   sing N N 199 
LYS C   O    doub N N 200 
LYS C   OXT  sing N N 201 
LYS CB  CG   sing N N 202 
LYS CB  HB2  sing N N 203 
LYS CB  HB3  sing N N 204 
LYS CG  CD   sing N N 205 
LYS CG  HG2  sing N N 206 
LYS CG  HG3  sing N N 207 
LYS CD  CE   sing N N 208 
LYS CD  HD2  sing N N 209 
LYS CD  HD3  sing N N 210 
LYS CE  NZ   sing N N 211 
LYS CE  HE2  sing N N 212 
LYS CE  HE3  sing N N 213 
LYS NZ  HZ1  sing N N 214 
LYS NZ  HZ2  sing N N 215 
LYS NZ  HZ3  sing N N 216 
LYS OXT HXT  sing N N 217 
MET N   CA   sing N N 218 
MET N   H    sing N N 219 
MET N   H2   sing N N 220 
MET CA  C    sing N N 221 
MET CA  CB   sing N N 222 
MET CA  HA   sing N N 223 
MET C   O    doub N N 224 
MET C   OXT  sing N N 225 
MET CB  CG   sing N N 226 
MET CB  HB2  sing N N 227 
MET CB  HB3  sing N N 228 
MET CG  SD   sing N N 229 
MET CG  HG2  sing N N 230 
MET CG  HG3  sing N N 231 
MET SD  CE   sing N N 232 
MET CE  HE1  sing N N 233 
MET CE  HE2  sing N N 234 
MET CE  HE3  sing N N 235 
MET OXT HXT  sing N N 236 
PHE N   CA   sing N N 237 
PHE N   H    sing N N 238 
PHE N   H2   sing N N 239 
PHE CA  C    sing N N 240 
PHE CA  CB   sing N N 241 
PHE CA  HA   sing N N 242 
PHE C   O    doub N N 243 
PHE C   OXT  sing N N 244 
PHE CB  CG   sing N N 245 
PHE CB  HB2  sing N N 246 
PHE CB  HB3  sing N N 247 
PHE CG  CD1  doub Y N 248 
PHE CG  CD2  sing Y N 249 
PHE CD1 CE1  sing Y N 250 
PHE CD1 HD1  sing N N 251 
PHE CD2 CE2  doub Y N 252 
PHE CD2 HD2  sing N N 253 
PHE CE1 CZ   doub Y N 254 
PHE CE1 HE1  sing N N 255 
PHE CE2 CZ   sing Y N 256 
PHE CE2 HE2  sing N N 257 
PHE CZ  HZ   sing N N 258 
PHE OXT HXT  sing N N 259 
PRO N   CA   sing N N 260 
PRO N   CD   sing N N 261 
PRO N   H    sing N N 262 
PRO CA  C    sing N N 263 
PRO CA  CB   sing N N 264 
PRO CA  HA   sing N N 265 
PRO C   O    doub N N 266 
PRO C   OXT  sing N N 267 
PRO CB  CG   sing N N 268 
PRO CB  HB2  sing N N 269 
PRO CB  HB3  sing N N 270 
PRO CG  CD   sing N N 271 
PRO CG  HG2  sing N N 272 
PRO CG  HG3  sing N N 273 
PRO CD  HD2  sing N N 274 
PRO CD  HD3  sing N N 275 
PRO OXT HXT  sing N N 276 
SER N   CA   sing N N 277 
SER N   H    sing N N 278 
SER N   H2   sing N N 279 
SER CA  C    sing N N 280 
SER CA  CB   sing N N 281 
SER CA  HA   sing N N 282 
SER C   O    doub N N 283 
SER C   OXT  sing N N 284 
SER CB  OG   sing N N 285 
SER CB  HB2  sing N N 286 
SER CB  HB3  sing N N 287 
SER OG  HG   sing N N 288 
SER OXT HXT  sing N N 289 
THR N   CA   sing N N 290 
THR N   H    sing N N 291 
THR N   H2   sing N N 292 
THR CA  C    sing N N 293 
THR CA  CB   sing N N 294 
THR CA  HA   sing N N 295 
THR C   O    doub N N 296 
THR C   OXT  sing N N 297 
THR CB  OG1  sing N N 298 
THR CB  CG2  sing N N 299 
THR CB  HB   sing N N 300 
THR OG1 HG1  sing N N 301 
THR CG2 HG21 sing N N 302 
THR CG2 HG22 sing N N 303 
THR CG2 HG23 sing N N 304 
THR OXT HXT  sing N N 305 
TRP N   CA   sing N N 306 
TRP N   H    sing N N 307 
TRP N   H2   sing N N 308 
TRP CA  C    sing N N 309 
TRP CA  CB   sing N N 310 
TRP CA  HA   sing N N 311 
TRP C   O    doub N N 312 
TRP C   OXT  sing N N 313 
TRP CB  CG   sing N N 314 
TRP CB  HB2  sing N N 315 
TRP CB  HB3  sing N N 316 
TRP CG  CD1  doub Y N 317 
TRP CG  CD2  sing Y N 318 
TRP CD1 NE1  sing Y N 319 
TRP CD1 HD1  sing N N 320 
TRP CD2 CE2  doub Y N 321 
TRP CD2 CE3  sing Y N 322 
TRP NE1 CE2  sing Y N 323 
TRP NE1 HE1  sing N N 324 
TRP CE2 CZ2  sing Y N 325 
TRP CE3 CZ3  doub Y N 326 
TRP CE3 HE3  sing N N 327 
TRP CZ2 CH2  doub Y N 328 
TRP CZ2 HZ2  sing N N 329 
TRP CZ3 CH2  sing Y N 330 
TRP CZ3 HZ3  sing N N 331 
TRP CH2 HH2  sing N N 332 
TRP OXT HXT  sing N N 333 
TYR N   CA   sing N N 334 
TYR N   H    sing N N 335 
TYR N   H2   sing N N 336 
TYR CA  C    sing N N 337 
TYR CA  CB   sing N N 338 
TYR CA  HA   sing N N 339 
TYR C   O    doub N N 340 
TYR C   OXT  sing N N 341 
TYR CB  CG   sing N N 342 
TYR CB  HB2  sing N N 343 
TYR CB  HB3  sing N N 344 
TYR CG  CD1  doub Y N 345 
TYR CG  CD2  sing Y N 346 
TYR CD1 CE1  sing Y N 347 
TYR CD1 HD1  sing N N 348 
TYR CD2 CE2  doub Y N 349 
TYR CD2 HD2  sing N N 350 
TYR CE1 CZ   doub Y N 351 
TYR CE1 HE1  sing N N 352 
TYR CE2 CZ   sing Y N 353 
TYR CE2 HE2  sing N N 354 
TYR CZ  OH   sing N N 355 
TYR OH  HH   sing N N 356 
TYR OXT HXT  sing N N 357 
VAL N   CA   sing N N 358 
VAL N   H    sing N N 359 
VAL N   H2   sing N N 360 
VAL CA  C    sing N N 361 
VAL CA  CB   sing N N 362 
VAL CA  HA   sing N N 363 
VAL C   O    doub N N 364 
VAL C   OXT  sing N N 365 
VAL CB  CG1  sing N N 366 
VAL CB  CG2  sing N N 367 
VAL CB  HB   sing N N 368 
VAL CG1 HG11 sing N N 369 
VAL CG1 HG12 sing N N 370 
VAL CG1 HG13 sing N N 371 
VAL CG2 HG21 sing N N 372 
VAL CG2 HG22 sing N N 373 
VAL CG2 HG23 sing N N 374 
VAL OXT HXT  sing N N 375 
# 
_atom_sites.entry_id                    1BK7 
_atom_sites.fract_transf_matrix[1][1]   0.00485260 
_atom_sites.fract_transf_matrix[1][2]   -0.02324875 
_atom_sites.fract_transf_matrix[1][3]   0.01000975 
_atom_sites.fract_transf_matrix[2][1]   -0.01097666 
_atom_sites.fract_transf_matrix[2][2]   -0.00571613 
_atom_sites.fract_transf_matrix[2][3]   -0.00795499 
_atom_sites.fract_transf_matrix[3][1]   0.00846666 
_atom_sites.fract_transf_matrix[3][2]   -0.00249186 
_atom_sites.fract_transf_matrix[3][3]   -0.00989214 
_atom_sites.fract_transf_vector[1]      0.545898 
_atom_sites.fract_transf_vector[2]      0.541429 
_atom_sites.fract_transf_vector[3]      0.405625 
# 
loop_
_atom_type.symbol 
C 
N 
O 
S 
# 
loop_
_atom_site.group_PDB 
_atom_site.id 
_atom_site.type_symbol 
_atom_site.label_atom_id 
_atom_site.label_alt_id 
_atom_site.label_comp_id 
_atom_site.label_asym_id 
_atom_site.label_entity_id 
_atom_site.label_seq_id 
_atom_site.pdbx_PDB_ins_code 
_atom_site.Cartn_x 
_atom_site.Cartn_y 
_atom_site.Cartn_z 
_atom_site.occupancy 
_atom_site.B_iso_or_equiv 
_atom_site.pdbx_formal_charge 
_atom_site.auth_seq_id 
_atom_site.auth_comp_id 
_atom_site.auth_asym_id 
_atom_site.auth_atom_id 
_atom_site.pdbx_PDB_model_num 
ATOM   1    N N   . PHE A 1 1   ? -4.517  9.947   16.309  1.00 21.95 ? 1   PHE A N   1 
ATOM   2    C CA  . PHE A 1 1   ? -4.484  9.970   14.819  1.00 20.38 ? 1   PHE A CA  1 
ATOM   3    C C   . PHE A 1 1   ? -5.844  10.355  14.264  1.00 19.73 ? 1   PHE A C   1 
ATOM   4    O O   . PHE A 1 1   ? -6.865  10.093  14.890  1.00 20.31 ? 1   PHE A O   1 
ATOM   5    C CB  . PHE A 1 1   ? -4.063  8.600   14.277  1.00 20.12 ? 1   PHE A CB  1 
ATOM   6    C CG  . PHE A 1 1   ? -5.086  7.522   14.486  1.00 21.20 ? 1   PHE A CG  1 
ATOM   7    C CD1 . PHE A 1 1   ? -5.223  6.905   15.726  1.00 21.94 ? 1   PHE A CD1 1 
ATOM   8    C CD2 . PHE A 1 1   ? -5.914  7.125   13.444  1.00 21.26 ? 1   PHE A CD2 1 
ATOM   9    C CE1 . PHE A 1 1   ? -6.172  5.910   15.925  1.00 21.94 ? 1   PHE A CE1 1 
ATOM   10   C CE2 . PHE A 1 1   ? -6.865  6.131   13.632  1.00 22.76 ? 1   PHE A CE2 1 
ATOM   11   C CZ  . PHE A 1 1   ? -6.996  5.522   14.876  1.00 22.71 ? 1   PHE A CZ  1 
ATOM   12   N N   . ASP A 1 2   ? -5.854  10.965  13.081  1.00 18.96 ? 2   ASP A N   1 
ATOM   13   C CA  . ASP A 1 2   ? -7.097  11.410  12.458  1.00 19.58 ? 2   ASP A CA  1 
ATOM   14   C C   . ASP A 1 2   ? -7.511  10.675  11.189  1.00 19.14 ? 2   ASP A C   1 
ATOM   15   O O   . ASP A 1 2   ? -8.611  10.885  10.681  1.00 19.43 ? 2   ASP A O   1 
ATOM   16   C CB  . ASP A 1 2   ? -7.025  12.914  12.159  1.00 22.96 ? 2   ASP A CB  1 
ATOM   17   C CG  . ASP A 1 2   ? -5.862  13.284  11.245  1.00 25.32 ? 2   ASP A CG  1 
ATOM   18   O OD1 . ASP A 1 2   ? -5.560  12.520  10.303  1.00 24.34 ? 2   ASP A OD1 1 
ATOM   19   O OD2 . ASP A 1 2   ? -5.248  14.350  11.469  1.00 27.24 ? 2   ASP A OD2 1 
ATOM   20   N N   . SER A 1 3   ? -6.635  9.822   10.670  1.00 16.94 ? 3   SER A N   1 
ATOM   21   C CA  . SER A 1 3   ? -6.949  9.079   9.453   1.00 14.83 ? 3   SER A CA  1 
ATOM   22   C C   . SER A 1 3   ? -5.917  7.984   9.200   1.00 11.83 ? 3   SER A C   1 
ATOM   23   O O   . SER A 1 3   ? -4.936  7.865   9.928   1.00 11.71 ? 3   SER A O   1 
ATOM   24   C CB  . SER A 1 3   ? -6.991  10.029  8.251   1.00 13.88 ? 3   SER A CB  1 
ATOM   25   O OG  . SER A 1 3   ? -5.797  10.784  8.176   1.00 14.07 ? 3   SER A OG  1 
ATOM   26   N N   . PHE A 1 4   ? -6.158  7.195   8.161   1.00 9.72  ? 4   PHE A N   1 
ATOM   27   C CA  . PHE A 1 4   ? -5.267  6.106   7.781   1.00 11.49 ? 4   PHE A CA  1 
ATOM   28   C C   . PHE A 1 4   ? -4.879  6.227   6.317   1.00 8.96  ? 4   PHE A C   1 
ATOM   29   O O   . PHE A 1 4   ? -5.670  6.675   5.489   1.00 10.18 ? 4   PHE A O   1 
ATOM   30   C CB  . PHE A 1 4   ? -5.968  4.745   7.913   1.00 13.04 ? 4   PHE A CB  1 
ATOM   31   C CG  . PHE A 1 4   ? -6.020  4.201   9.307   1.00 15.63 ? 4   PHE A CG  1 
ATOM   32   C CD1 . PHE A 1 4   ? -4.876  3.705   9.921   1.00 14.19 ? 4   PHE A CD1 1 
ATOM   33   C CD2 . PHE A 1 4   ? -7.235  4.136   9.990   1.00 18.41 ? 4   PHE A CD2 1 
ATOM   34   C CE1 . PHE A 1 4   ? -4.937  3.149   11.196  1.00 15.55 ? 4   PHE A CE1 1 
ATOM   35   C CE2 . PHE A 1 4   ? -7.307  3.582   11.263  1.00 18.00 ? 4   PHE A CE2 1 
ATOM   36   C CZ  . PHE A 1 4   ? -6.155  3.088   11.868  1.00 16.98 ? 4   PHE A CZ  1 
ATOM   37   N N   . TRP A 1 5   ? -3.660  5.807   6.006   1.00 10.12 ? 5   TRP A N   1 
ATOM   38   C CA  . TRP A 1 5   ? -3.210  5.748   4.627   1.00 7.61  ? 5   TRP A CA  1 
ATOM   39   C C   . TRP A 1 5   ? -3.043  4.249   4.399   1.00 6.38  ? 5   TRP A C   1 
ATOM   40   O O   . TRP A 1 5   ? -2.209  3.620   5.053   1.00 7.54  ? 5   TRP A O   1 
ATOM   41   C CB  . TRP A 1 5   ? -1.854  6.412   4.454   1.00 9.68  ? 5   TRP A CB  1 
ATOM   42   C CG  . TRP A 1 5   ? -1.901  7.836   4.034   1.00 12.70 ? 5   TRP A CG  1 
ATOM   43   C CD1 . TRP A 1 5   ? -2.911  8.733   4.251   1.00 13.13 ? 5   TRP A CD1 1 
ATOM   44   C CD2 . TRP A 1 5   ? -0.859  8.555   3.372   1.00 14.13 ? 5   TRP A CD2 1 
ATOM   45   N NE1 . TRP A 1 5   ? -2.554  9.971   3.766   1.00 13.13 ? 5   TRP A NE1 1 
ATOM   46   C CE2 . TRP A 1 5   ? -1.300  9.889   3.223   1.00 13.76 ? 5   TRP A CE2 1 
ATOM   47   C CE3 . TRP A 1 5   ? 0.410   8.198   2.892   1.00 13.98 ? 5   TRP A CE3 1 
ATOM   48   C CZ2 . TRP A 1 5   ? -0.517  10.872  2.612   1.00 18.00 ? 5   TRP A CZ2 1 
ATOM   49   C CZ3 . TRP A 1 5   ? 1.190   9.175   2.284   1.00 17.60 ? 5   TRP A CZ3 1 
ATOM   50   C CH2 . TRP A 1 5   ? 0.722   10.497  2.151   1.00 17.09 ? 5   TRP A CH2 1 
ATOM   51   N N   . PHE A 1 6   ? -3.854  3.667   3.521   1.00 7.00  ? 6   PHE A N   1 
ATOM   52   C CA  . PHE A 1 6   ? -3.729  2.244   3.211   1.00 7.40  ? 6   PHE A CA  1 
ATOM   53   C C   . PHE A 1 6   ? -2.910  2.193   1.927   1.00 6.88  ? 6   PHE A C   1 
ATOM   54   O O   . PHE A 1 6   ? -3.409  2.502   0.842   1.00 7.07  ? 6   PHE A O   1 
ATOM   55   C CB  . PHE A 1 6   ? -5.089  1.595   2.987   1.00 7.24  ? 6   PHE A CB  1 
ATOM   56   C CG  . PHE A 1 6   ? -5.002  0.154   2.574   1.00 9.19  ? 6   PHE A CG  1 
ATOM   57   C CD1 . PHE A 1 6   ? -4.215  -0.740  3.300   1.00 10.12 ? 6   PHE A CD1 1 
ATOM   58   C CD2 . PHE A 1 6   ? -5.696  -0.312  1.465   1.00 8.91  ? 6   PHE A CD2 1 
ATOM   59   C CE1 . PHE A 1 6   ? -4.123  -2.081  2.923   1.00 9.41  ? 6   PHE A CE1 1 
ATOM   60   C CE2 . PHE A 1 6   ? -5.610  -1.649  1.080   1.00 9.89  ? 6   PHE A CE2 1 
ATOM   61   C CZ  . PHE A 1 6   ? -4.820  -2.533  1.814   1.00 8.20  ? 6   PHE A CZ  1 
ATOM   62   N N   . VAL A 1 7   ? -1.651  1.799   2.074   1.00 8.19  ? 7   VAL A N   1 
ATOM   63   C CA  . VAL A 1 7   ? -0.696  1.760   0.973   1.00 7.18  ? 7   VAL A CA  1 
ATOM   64   C C   . VAL A 1 7   ? -0.464  0.399   0.342   1.00 6.48  ? 7   VAL A C   1 
ATOM   65   O O   . VAL A 1 7   ? -0.044  -0.538  1.011   1.00 8.51  ? 7   VAL A O   1 
ATOM   66   C CB  . VAL A 1 7   ? 0.675   2.295   1.449   1.00 7.24  ? 7   VAL A CB  1 
ATOM   67   C CG1 . VAL A 1 7   ? 1.592   2.544   0.256   1.00 8.45  ? 7   VAL A CG1 1 
ATOM   68   C CG2 . VAL A 1 7   ? 0.479   3.572   2.266   1.00 9.55  ? 7   VAL A CG2 1 
ATOM   69   N N   . GLN A 1 8   ? -0.736  0.305   -0.953  1.00 5.95  ? 8   GLN A N   1 
ATOM   70   C CA  . GLN A 1 8   ? -0.508  -0.922  -1.707  1.00 7.08  ? 8   GLN A CA  1 
ATOM   71   C C   . GLN A 1 8   ? 0.651   -0.656  -2.669  1.00 8.89  ? 8   GLN A C   1 
ATOM   72   O O   . GLN A 1 8   ? 0.815   0.458   -3.158  1.00 8.61  ? 8   GLN A O   1 
ATOM   73   C CB  . GLN A 1 8   ? -1.753  -1.305  -2.500  1.00 5.53  ? 8   GLN A CB  1 
ATOM   74   C CG  . GLN A 1 8   ? -2.886  -1.817  -1.639  1.00 5.52  ? 8   GLN A CG  1 
ATOM   75   C CD  . GLN A 1 8   ? -4.011  -2.361  -2.464  1.00 6.50  ? 8   GLN A CD  1 
ATOM   76   O OE1 . GLN A 1 8   ? -3.860  -3.375  -3.147  1.00 8.86  ? 8   GLN A OE1 1 
ATOM   77   N NE2 . GLN A 1 8   ? -5.154  -1.692  -2.417  1.00 7.36  ? 8   GLN A NE2 1 
ATOM   78   N N   . GLN A 1 9   ? 1.467   -1.668  -2.933  1.00 8.12  ? 9   GLN A N   1 
ATOM   79   C CA  . GLN A 1 9   ? 2.592   -1.494  -3.841  1.00 8.43  ? 9   GLN A CA  1 
ATOM   80   C C   . GLN A 1 9   ? 2.518   -2.453  -5.030  1.00 8.59  ? 9   GLN A C   1 
ATOM   81   O O   . GLN A 1 9   ? 1.895   -3.516  -4.947  1.00 9.01  ? 9   GLN A O   1 
ATOM   82   C CB  . GLN A 1 9   ? 3.917   -1.678  -3.085  1.00 9.48  ? 9   GLN A CB  1 
ATOM   83   C CG  . GLN A 1 9   ? 4.095   -3.038  -2.413  1.00 9.31  ? 9   GLN A CG  1 
ATOM   84   C CD  . GLN A 1 9   ? 5.282   -3.067  -1.461  1.00 12.56 ? 9   GLN A CD  1 
ATOM   85   O OE1 . GLN A 1 9   ? 6.204   -2.258  -1.573  1.00 14.34 ? 9   GLN A OE1 1 
ATOM   86   N NE2 . GLN A 1 9   ? 5.263   -4.002  -0.518  1.00 13.42 ? 9   GLN A NE2 1 
ATOM   87   N N   . TRP A 1 10  ? 3.132   -2.045  -6.140  1.00 8.39  ? 10  TRP A N   1 
ATOM   88   C CA  . TRP A 1 10  ? 3.181   -2.829  -7.372  1.00 9.33  ? 10  TRP A CA  1 
ATOM   89   C C   . TRP A 1 10  ? 4.562   -3.497  -7.312  1.00 10.95 ? 10  TRP A C   1 
ATOM   90   O O   . TRP A 1 10  ? 5.572   -2.875  -7.642  1.00 9.02  ? 10  TRP A O   1 
ATOM   91   C CB  . TRP A 1 10  ? 3.068   -1.879  -8.569  1.00 12.09 ? 10  TRP A CB  1 
ATOM   92   C CG  . TRP A 1 10  ? 2.988   -2.548  -9.902  1.00 14.75 ? 10  TRP A CG  1 
ATOM   93   C CD1 . TRP A 1 10  ? 3.702   -2.222  -11.024 1.00 16.39 ? 10  TRP A CD1 1 
ATOM   94   C CD2 . TRP A 1 10  ? 2.140   -3.646  -10.270 1.00 15.75 ? 10  TRP A CD2 1 
ATOM   95   N NE1 . TRP A 1 10  ? 3.352   -3.049  -12.064 1.00 17.05 ? 10  TRP A NE1 1 
ATOM   96   C CE2 . TRP A 1 10  ? 2.397   -3.932  -11.633 1.00 16.18 ? 10  TRP A CE2 1 
ATOM   97   C CE3 . TRP A 1 10  ? 1.189   -4.414  -9.585  1.00 14.74 ? 10  TRP A CE3 1 
ATOM   98   C CZ2 . TRP A 1 10  ? 1.738   -4.955  -12.321 1.00 16.11 ? 10  TRP A CZ2 1 
ATOM   99   C CZ3 . TRP A 1 10  ? 0.531   -5.433  -10.272 1.00 15.66 ? 10  TRP A CZ3 1 
ATOM   100  C CH2 . TRP A 1 10  ? 0.811   -5.693  -11.627 1.00 15.77 ? 10  TRP A CH2 1 
ATOM   101  N N   . PRO A 1 11  ? 4.612   -4.785  -6.919  1.00 11.04 ? 11  PRO A N   1 
ATOM   102  C CA  . PRO A 1 11  ? 5.864   -5.545  -6.789  1.00 10.99 ? 11  PRO A CA  1 
ATOM   103  C C   . PRO A 1 11  ? 6.905   -5.437  -7.900  1.00 9.53  ? 11  PRO A C   1 
ATOM   104  O O   . PRO A 1 11  ? 8.084   -5.198  -7.623  1.00 11.49 ? 11  PRO A O   1 
ATOM   105  C CB  . PRO A 1 11  ? 5.391   -6.985  -6.564  1.00 10.56 ? 11  PRO A CB  1 
ATOM   106  C CG  . PRO A 1 11  ? 4.034   -6.831  -5.954  1.00 10.39 ? 11  PRO A CG  1 
ATOM   107  C CD  . PRO A 1 11  ? 3.437   -5.631  -6.641  1.00 10.55 ? 11  PRO A CD  1 
ATOM   108  N N   . PRO A 1 12  ? 6.499   -5.627  -9.162  1.00 12.08 ? 12  PRO A N   1 
ATOM   109  C CA  . PRO A 1 12  ? 7.481   -5.528  -10.254 1.00 13.92 ? 12  PRO A CA  1 
ATOM   110  C C   . PRO A 1 12  ? 8.189   -4.167  -10.319 1.00 13.83 ? 12  PRO A C   1 
ATOM   111  O O   . PRO A 1 12  ? 9.408   -4.100  -10.489 1.00 13.87 ? 12  PRO A O   1 
ATOM   112  C CB  . PRO A 1 12  ? 6.659   -5.807  -11.514 1.00 13.75 ? 12  PRO A CB  1 
ATOM   113  C CG  . PRO A 1 12  ? 5.401   -6.442  -11.041 1.00 15.79 ? 12  PRO A CG  1 
ATOM   114  C CD  . PRO A 1 12  ? 5.148   -5.941  -9.655  1.00 11.88 ? 12  PRO A CD  1 
ATOM   115  N N   . ALA A 1 13  ? 7.425   -3.085  -10.187 1.00 11.28 ? 13  ALA A N   1 
ATOM   116  C CA  . ALA A 1 13  ? 7.999   -1.745  -10.223 1.00 9.98  ? 13  ALA A CA  1 
ATOM   117  C C   . ALA A 1 13  ? 8.937   -1.541  -9.041  1.00 10.11 ? 13  ALA A C   1 
ATOM   118  O O   . ALA A 1 13  ? 10.040  -1.022  -9.196  1.00 12.27 ? 13  ALA A O   1 
ATOM   119  C CB  . ALA A 1 13  ? 6.887   -0.691  -10.205 1.00 11.03 ? 13  ALA A CB  1 
ATOM   120  N N   . VAL A 1 14  ? 8.495   -1.945  -7.856  1.00 9.44  ? 14  VAL A N   1 
ATOM   121  C CA  . VAL A 1 14  ? 9.304   -1.808  -6.651  1.00 9.80  ? 14  VAL A CA  1 
ATOM   122  C C   . VAL A 1 14  ? 10.658  -2.504  -6.833  1.00 10.42 ? 14  VAL A C   1 
ATOM   123  O O   . VAL A 1 14  ? 11.709  -1.932  -6.538  1.00 11.27 ? 14  VAL A O   1 
ATOM   124  C CB  . VAL A 1 14  ? 8.580   -2.428  -5.422  1.00 10.23 ? 14  VAL A CB  1 
ATOM   125  C CG1 . VAL A 1 14  ? 9.515   -2.463  -4.217  1.00 10.58 ? 14  VAL A CG1 1 
ATOM   126  C CG2 . VAL A 1 14  ? 7.325   -1.624  -5.098  1.00 10.97 ? 14  VAL A CG2 1 
ATOM   127  N N   . CYS A 1 15  ? 10.621  -3.739  -7.323  1.00 12.35 ? 15  CYS A N   1 
ATOM   128  C CA  . CYS A 1 15  ? 11.834  -4.521  -7.519  1.00 13.26 ? 15  CYS A CA  1 
ATOM   129  C C   . CYS A 1 15  ? 12.704  -4.031  -8.682  1.00 14.52 ? 15  CYS A C   1 
ATOM   130  O O   . CYS A 1 15  ? 13.909  -4.287  -8.714  1.00 13.17 ? 15  CYS A O   1 
ATOM   131  C CB  . CYS A 1 15  ? 11.466  -5.997  -7.708  1.00 15.04 ? 15  CYS A CB  1 
ATOM   132  S SG  . CYS A 1 15  ? 11.169  -6.869  -6.129  1.00 14.17 ? 15  CYS A SG  1 
ATOM   133  N N   . SER A 1 16  ? 12.104  -3.315  -9.631  1.00 14.80 ? 16  SER A N   1 
ATOM   134  C CA  . SER A 1 16  ? 12.865  -2.807  -10.769 1.00 15.25 ? 16  SER A CA  1 
ATOM   135  C C   . SER A 1 16  ? 13.964  -1.837  -10.331 1.00 15.67 ? 16  SER A C   1 
ATOM   136  O O   . SER A 1 16  ? 14.945  -1.646  -11.043 1.00 16.62 ? 16  SER A O   1 
ATOM   137  C CB  . SER A 1 16  ? 11.930  -2.135  -11.781 1.00 16.33 ? 16  SER A CB  1 
ATOM   138  O OG  . SER A 1 16  ? 11.517  -0.857  -11.335 1.00 19.00 ? 16  SER A OG  1 
ATOM   139  N N   . PHE A 1 17  ? 13.809  -1.244  -9.149  1.00 15.03 ? 17  PHE A N   1 
ATOM   140  C CA  . PHE A 1 17  ? 14.792  -0.301  -8.619  1.00 16.56 ? 17  PHE A CA  1 
ATOM   141  C C   . PHE A 1 17  ? 15.920  -0.995  -7.861  1.00 16.10 ? 17  PHE A C   1 
ATOM   142  O O   . PHE A 1 17  ? 16.859  -0.347  -7.403  1.00 18.18 ? 17  PHE A O   1 
ATOM   143  C CB  . PHE A 1 17  ? 14.106  0.728   -7.711  1.00 17.55 ? 17  PHE A CB  1 
ATOM   144  C CG  . PHE A 1 17  ? 13.195  1.670   -8.453  1.00 20.66 ? 17  PHE A CG  1 
ATOM   145  C CD1 . PHE A 1 17  ? 13.694  2.848   -9.013  1.00 20.64 ? 17  PHE A CD1 1 
ATOM   146  C CD2 . PHE A 1 17  ? 11.846  1.363   -8.631  1.00 18.35 ? 17  PHE A CD2 1 
ATOM   147  C CE1 . PHE A 1 17  ? 12.864  3.699   -9.741  1.00 19.11 ? 17  PHE A CE1 1 
ATOM   148  C CE2 . PHE A 1 17  ? 11.007  2.210   -9.360  1.00 18.89 ? 17  PHE A CE2 1 
ATOM   149  C CZ  . PHE A 1 17  ? 11.518  3.377   -9.914  1.00 17.63 ? 17  PHE A CZ  1 
ATOM   150  N N   . GLN A 1 18  ? 15.813  -2.312  -7.710  1.00 16.93 ? 18  GLN A N   1 
ATOM   151  C CA  . GLN A 1 18  ? 16.856  -3.094  -7.050  1.00 17.69 ? 18  GLN A CA  1 
ATOM   152  C C   . GLN A 1 18  ? 17.659  -3.696  -8.203  1.00 16.26 ? 18  GLN A C   1 
ATOM   153  O O   . GLN A 1 18  ? 17.354  -4.787  -8.678  1.00 16.47 ? 18  GLN A O   1 
ATOM   154  C CB  . GLN A 1 18  ? 16.238  -4.208  -6.206  1.00 20.16 ? 18  GLN A CB  1 
ATOM   155  C CG  . GLN A 1 18  ? 15.360  -3.703  -5.078  1.00 27.61 ? 18  GLN A CG  1 
ATOM   156  C CD  . GLN A 1 18  ? 16.152  -2.982  -4.011  1.00 31.79 ? 18  GLN A CD  1 
ATOM   157  O OE1 . GLN A 1 18  ? 17.123  -3.520  -3.476  1.00 36.13 ? 18  GLN A OE1 1 
ATOM   158  N NE2 . GLN A 1 18  ? 15.743  -1.755  -3.692  1.00 33.73 ? 18  GLN A NE2 1 
ATOM   159  N N   . LYS A 1 19  ? 18.673  -2.967  -8.656  1.00 17.97 ? 19  LYS A N   1 
ATOM   160  C CA  . LYS A 1 19  ? 19.496  -3.393  -9.785  1.00 19.49 ? 19  LYS A CA  1 
ATOM   161  C C   . LYS A 1 19  ? 20.613  -4.346  -9.402  1.00 19.41 ? 19  LYS A C   1 
ATOM   162  O O   . LYS A 1 19  ? 21.460  -4.681  -10.227 1.00 18.70 ? 19  LYS A O   1 
ATOM   163  C CB  . LYS A 1 19  ? 20.098  -2.174  -10.495 1.00 21.40 ? 19  LYS A CB  1 
ATOM   164  C CG  . LYS A 1 19  ? 19.226  -0.923  -10.449 1.00 24.84 ? 19  LYS A CG  1 
ATOM   165  C CD  . LYS A 1 19  ? 18.700  -0.563  -11.822 1.00 25.56 ? 19  LYS A CD  1 
ATOM   166  C CE  . LYS A 1 19  ? 17.824  0.679   -11.771 1.00 27.79 ? 19  LYS A CE  1 
ATOM   167  N NZ  . LYS A 1 19  ? 17.874  1.423   -13.057 1.00 29.12 ? 19  LYS A NZ  1 
ATOM   168  N N   . SER A 1 20  ? 20.607  -4.782  -8.150  1.00 18.69 ? 20  SER A N   1 
ATOM   169  C CA  . SER A 1 20  ? 21.617  -5.699  -7.655  1.00 20.35 ? 20  SER A CA  1 
ATOM   170  C C   . SER A 1 20  ? 20.964  -6.658  -6.666  1.00 21.23 ? 20  SER A C   1 
ATOM   171  O O   . SER A 1 20  ? 20.144  -6.242  -5.844  1.00 23.93 ? 20  SER A O   1 
ATOM   172  C CB  . SER A 1 20  ? 22.727  -4.908  -6.963  1.00 21.31 ? 20  SER A CB  1 
ATOM   173  O OG  . SER A 1 20  ? 23.830  -5.735  -6.651  1.00 31.25 ? 20  SER A OG  1 
ATOM   174  N N   . GLY A 1 21  ? 21.310  -7.938  -6.751  1.00 19.38 ? 21  GLY A N   1 
ATOM   175  C CA  . GLY A 1 21  ? 20.741  -8.912  -5.834  1.00 16.57 ? 21  GLY A CA  1 
ATOM   176  C C   . GLY A 1 21  ? 19.347  -9.389  -6.194  1.00 14.13 ? 21  GLY A C   1 
ATOM   177  O O   . GLY A 1 21  ? 18.764  -8.975  -7.194  1.00 13.78 ? 21  GLY A O   1 
ATOM   178  N N   . SER A 1 22  ? 18.807  -10.269 -5.359  1.00 14.04 ? 22  SER A N   1 
ATOM   179  C CA  . SER A 1 22  ? 17.481  -10.831 -5.577  1.00 14.09 ? 22  SER A CA  1 
ATOM   180  C C   . SER A 1 22  ? 16.372  -9.915  -5.077  1.00 13.02 ? 22  SER A C   1 
ATOM   181  O O   . SER A 1 22  ? 16.599  -9.043  -4.235  1.00 13.84 ? 22  SER A O   1 
ATOM   182  C CB  . SER A 1 22  ? 17.362  -12.172 -4.859  1.00 15.83 ? 22  SER A CB  1 
ATOM   183  O OG  . SER A 1 22  ? 17.736  -12.019 -3.500  1.00 17.30 ? 22  SER A OG  1 
ATOM   184  N N   . CYS A 1 23  ? 15.175  -10.139 -5.603  1.00 12.34 ? 23  CYS A N   1 
ATOM   185  C CA  . CYS A 1 23  ? 13.992  -9.376  -5.226  1.00 13.62 ? 23  CYS A CA  1 
ATOM   186  C C   . CYS A 1 23  ? 12.780  -10.234 -5.553  1.00 12.47 ? 23  CYS A C   1 
ATOM   187  O O   . CYS A 1 23  ? 12.324  -10.267 -6.693  1.00 13.62 ? 23  CYS A O   1 
ATOM   188  C CB  . CYS A 1 23  ? 13.929  -8.053  -5.996  1.00 15.11 ? 23  CYS A CB  1 
ATOM   189  S SG  . CYS A 1 23  ? 12.946  -6.746  -5.182  1.00 13.37 ? 23  CYS A SG  1 
ATOM   190  N N   . PRO A 1 24  ? 12.257  -10.960 -4.548  1.00 14.31 ? 24  PRO A N   1 
ATOM   191  C CA  . PRO A 1 24  ? 11.092  -11.842 -4.686  1.00 16.77 ? 24  PRO A CA  1 
ATOM   192  C C   . PRO A 1 24  ? 9.881   -11.204 -5.361  1.00 18.42 ? 24  PRO A C   1 
ATOM   193  O O   . PRO A 1 24  ? 9.091   -11.894 -5.999  1.00 23.09 ? 24  PRO A O   1 
ATOM   194  C CB  . PRO A 1 24  ? 10.784  -12.258 -3.250  1.00 17.44 ? 24  PRO A CB  1 
ATOM   195  C CG  . PRO A 1 24  ? 12.070  -12.122 -2.535  1.00 16.94 ? 24  PRO A CG  1 
ATOM   196  C CD  . PRO A 1 24  ? 12.792  -10.974 -3.176  1.00 13.24 ? 24  PRO A CD  1 
ATOM   197  N N   . GLY A 1 25  ? 9.734   -9.892  -5.217  1.00 20.37 ? 25  GLY A N   1 
ATOM   198  C CA  . GLY A 1 25  ? 8.603   -9.208  -5.820  1.00 20.24 ? 25  GLY A CA  1 
ATOM   199  C C   . GLY A 1 25  ? 8.613   -9.193  -7.337  1.00 21.10 ? 25  GLY A C   1 
ATOM   200  O O   . GLY A 1 25  ? 7.576   -8.980  -7.965  1.00 21.57 ? 25  GLY A O   1 
ATOM   201  N N   . SER A 1 26  ? 9.783   -9.420  -7.926  1.00 22.00 ? 26  SER A N   1 
ATOM   202  C CA  . SER A 1 26  ? 9.933   -9.434  -9.377  1.00 23.92 ? 26  SER A CA  1 
ATOM   203  C C   . SER A 1 26  ? 8.909   -10.326 -10.073 1.00 24.41 ? 26  SER A C   1 
ATOM   204  O O   . SER A 1 26  ? 8.515   -10.052 -11.202 1.00 26.00 ? 26  SER A O   1 
ATOM   205  C CB  . SER A 1 26  ? 11.336  -9.909  -9.760  1.00 25.52 ? 26  SER A CB  1 
ATOM   206  O OG  . SER A 1 26  ? 12.284  -8.862  -9.660  1.00 32.75 ? 26  SER A OG  1 
ATOM   207  N N   . GLY A 1 27  ? 8.478   -11.388 -9.398  1.00 24.14 ? 27  GLY A N   1 
ATOM   208  C CA  . GLY A 1 27  ? 7.523   -12.303 -10.001 1.00 23.59 ? 27  GLY A CA  1 
ATOM   209  C C   . GLY A 1 27  ? 6.045   -12.116 -9.705  1.00 24.12 ? 27  GLY A C   1 
ATOM   210  O O   . GLY A 1 27  ? 5.213   -12.827 -10.272 1.00 25.95 ? 27  GLY A O   1 
ATOM   211  N N   . LEU A 1 28  ? 5.703   -11.165 -8.838  1.00 22.21 ? 28  LEU A N   1 
ATOM   212  C CA  . LEU A 1 28  ? 4.304   -10.926 -8.477  1.00 20.04 ? 28  LEU A CA  1 
ATOM   213  C C   . LEU A 1 28  ? 3.587   -10.032 -9.493  1.00 18.81 ? 28  LEU A C   1 
ATOM   214  O O   . LEU A 1 28  ? 4.147   -9.044  -9.956  1.00 19.21 ? 28  LEU A O   1 
ATOM   215  C CB  . LEU A 1 28  ? 4.237   -10.296 -7.085  1.00 19.34 ? 28  LEU A CB  1 
ATOM   216  C CG  . LEU A 1 28  ? 4.150   -11.204 -5.850  1.00 22.18 ? 28  LEU A CG  1 
ATOM   217  C CD1 . LEU A 1 28  ? 4.619   -12.614 -6.172  1.00 21.27 ? 28  LEU A CD1 1 
ATOM   218  C CD2 . LEU A 1 28  ? 4.995   -10.609 -4.736  1.00 20.57 ? 28  LEU A CD2 1 
ATOM   219  N N   . ARG A 1 29  ? 2.348   -10.384 -9.828  1.00 16.88 ? 29  ARG A N   1 
ATOM   220  C CA  . ARG A 1 29  ? 1.568   -9.627  -10.799 1.00 18.21 ? 29  ARG A CA  1 
ATOM   221  C C   . ARG A 1 29  ? 0.257   -9.070  -10.247 1.00 15.70 ? 29  ARG A C   1 
ATOM   222  O O   . ARG A 1 29  ? -0.749  -8.999  -10.957 1.00 14.62 ? 29  ARG A O   1 
ATOM   223  C CB  . ARG A 1 29  ? 1.283   -10.492 -12.030 1.00 23.94 ? 29  ARG A CB  1 
ATOM   224  C CG  . ARG A 1 29  ? 2.534   -10.970 -12.758 1.00 30.82 ? 29  ARG A CG  1 
ATOM   225  C CD  . ARG A 1 29  ? 3.201   -9.843  -13.538 1.00 37.72 ? 29  ARG A CD  1 
ATOM   226  N NE  . ARG A 1 29  ? 4.397   -9.343  -12.858 1.00 46.19 ? 29  ARG A NE  1 
ATOM   227  C CZ  . ARG A 1 29  ? 5.638   -9.458  -13.325 1.00 46.94 ? 29  ARG A CZ  1 
ATOM   228  N NH1 . ARG A 1 29  ? 5.867   -10.058 -14.485 1.00 50.24 ? 29  ARG A NH1 1 
ATOM   229  N NH2 . ARG A 1 29  ? 6.658   -8.977  -12.627 1.00 48.38 ? 29  ARG A NH2 1 
ATOM   230  N N   . THR A 1 30  ? 0.271   -8.683  -8.976  1.00 14.56 ? 30  THR A N   1 
ATOM   231  C CA  . THR A 1 30  ? -0.902  -8.102  -8.334  1.00 13.04 ? 30  THR A CA  1 
ATOM   232  C C   . THR A 1 30  ? -0.407  -7.117  -7.284  1.00 8.88  ? 30  THR A C   1 
ATOM   233  O O   . THR A 1 30  ? 0.733   -7.210  -6.831  1.00 8.83  ? 30  THR A O   1 
ATOM   234  C CB  . THR A 1 30  ? -1.783  -9.183  -7.647  1.00 16.55 ? 30  THR A CB  1 
ATOM   235  O OG1 . THR A 1 30  ? -3.079  -8.637  -7.368  1.00 19.56 ? 30  THR A OG1 1 
ATOM   236  C CG2 . THR A 1 30  ? -1.148  -9.657  -6.341  1.00 14.53 ? 30  THR A CG2 1 
ATOM   237  N N   . PHE A 1 31  ? -1.259  -6.163  -6.916  1.00 9.06  ? 31  PHE A N   1 
ATOM   238  C CA  . PHE A 1 31  ? -0.902  -5.178  -5.902  1.00 8.58  ? 31  PHE A CA  1 
ATOM   239  C C   . PHE A 1 31  ? -0.921  -5.886  -4.553  1.00 7.39  ? 31  PHE A C   1 
ATOM   240  O O   . PHE A 1 31  ? -1.848  -6.642  -4.255  1.00 9.60  ? 31  PHE A O   1 
ATOM   241  C CB  . PHE A 1 31  ? -1.915  -4.025  -5.887  1.00 8.74  ? 31  PHE A CB  1 
ATOM   242  C CG  . PHE A 1 31  ? -1.553  -2.882  -6.799  1.00 10.37 ? 31  PHE A CG  1 
ATOM   243  C CD1 . PHE A 1 31  ? -0.750  -1.837  -6.344  1.00 11.45 ? 31  PHE A CD1 1 
ATOM   244  C CD2 . PHE A 1 31  ? -2.004  -2.857  -8.121  1.00 11.29 ? 31  PHE A CD2 1 
ATOM   245  C CE1 . PHE A 1 31  ? -0.398  -0.776  -7.199  1.00 9.73  ? 31  PHE A CE1 1 
ATOM   246  C CE2 . PHE A 1 31  ? -1.656  -1.805  -8.976  1.00 8.85  ? 31  PHE A CE2 1 
ATOM   247  C CZ  . PHE A 1 31  ? -0.852  -0.766  -8.510  1.00 6.01  ? 31  PHE A CZ  1 
ATOM   248  N N   . THR A 1 32  ? 0.107   -5.651  -3.750  1.00 8.53  ? 32  THR A N   1 
ATOM   249  C CA  . THR A 1 32  ? 0.193   -6.256  -2.431  1.00 10.08 ? 32  THR A CA  1 
ATOM   250  C C   . THR A 1 32  ? 0.223   -5.152  -1.378  1.00 10.72 ? 32  THR A C   1 
ATOM   251  O O   . THR A 1 32  ? 0.439   -3.975  -1.693  1.00 9.22  ? 32  THR A O   1 
ATOM   252  C CB  . THR A 1 32  ? 1.446   -7.154  -2.303  1.00 9.00  ? 32  THR A CB  1 
ATOM   253  O OG1 . THR A 1 32  ? 2.628   -6.390  -2.564  1.00 8.88  ? 32  THR A OG1 1 
ATOM   254  C CG2 . THR A 1 32  ? 1.364   -8.309  -3.290  1.00 11.39 ? 32  THR A CG2 1 
ATOM   255  N N   . ILE A 1 33  ? -0.003  -5.523  -0.126  1.00 7.77  ? 33  ILE A N   1 
ATOM   256  C CA  . ILE A 1 33  ? -0.011  -4.542  0.938   1.00 7.87  ? 33  ILE A CA  1 
ATOM   257  C C   . ILE A 1 33  ? 1.376   -4.104  1.357   1.00 8.68  ? 33  ILE A C   1 
ATOM   258  O O   . ILE A 1 33  ? 2.265   -4.927  1.565   1.00 10.48 ? 33  ILE A O   1 
ATOM   259  C CB  . ILE A 1 33  ? -0.732  -5.086  2.197   1.00 6.81  ? 33  ILE A CB  1 
ATOM   260  C CG1 . ILE A 1 33  ? -2.184  -5.422  1.866   1.00 5.95  ? 33  ILE A CG1 1 
ATOM   261  C CG2 . ILE A 1 33  ? -0.640  -4.066  3.334   1.00 7.42  ? 33  ILE A CG2 1 
ATOM   262  C CD1 . ILE A 1 33  ? -2.845  -6.299  2.904   1.00 7.78  ? 33  ILE A CD1 1 
ATOM   263  N N   . HIS A 1 34  ? 1.572   -2.798  1.461   1.00 6.01  ? 34  HIS A N   1 
ATOM   264  C CA  . HIS A 1 34  ? 2.838   -2.286  1.943   1.00 7.40  ? 34  HIS A CA  1 
ATOM   265  C C   . HIS A 1 34  ? 2.564   -2.032  3.424   1.00 11.13 ? 34  HIS A C   1 
ATOM   266  O O   . HIS A 1 34  ? 3.289   -2.525  4.294   1.00 10.55 ? 34  HIS A O   1 
ATOM   267  C CB  . HIS A 1 34  ? 3.229   -0.974  1.258   1.00 9.00  ? 34  HIS A CB  1 
ATOM   268  C CG  . HIS A 1 34  ? 4.514   -0.392  1.765   1.00 11.02 ? 34  HIS A CG  1 
ATOM   269  N ND1 . HIS A 1 34  ? 5.212   0.580   1.084   1.00 12.70 ? 34  HIS A ND1 1 
ATOM   270  C CD2 . HIS A 1 34  ? 5.230   -0.648  2.886   1.00 13.15 ? 34  HIS A CD2 1 
ATOM   271  C CE1 . HIS A 1 34  ? 6.301   0.898   1.760   1.00 11.58 ? 34  HIS A CE1 1 
ATOM   272  N NE2 . HIS A 1 34  ? 6.336   0.166   2.858   1.00 16.17 ? 34  HIS A NE2 1 
ATOM   273  N N   . GLY A 1 35  ? 1.502   -1.275  3.703   1.00 9.41  ? 35  GLY A N   1 
ATOM   274  C CA  . GLY A 1 35  ? 1.157   -0.986  5.085   1.00 9.87  ? 35  GLY A CA  1 
ATOM   275  C C   . GLY A 1 35  ? -0.086  -0.141  5.298   1.00 9.81  ? 35  GLY A C   1 
ATOM   276  O O   . GLY A 1 35  ? -0.698  0.337   4.344   1.00 8.15  ? 35  GLY A O   1 
ATOM   277  N N   . LEU A 1 36  ? -0.458  0.010   6.571   1.00 7.89  ? 36  LEU A N   1 
ATOM   278  C CA  . LEU A 1 36  ? -1.608  0.802   7.008   1.00 8.43  ? 36  LEU A CA  1 
ATOM   279  C C   . LEU A 1 36  ? -0.984  1.812   7.962   1.00 8.88  ? 36  LEU A C   1 
ATOM   280  O O   . LEU A 1 36  ? -0.602  1.476   9.083   1.00 9.23  ? 36  LEU A O   1 
ATOM   281  C CB  . LEU A 1 36  ? -2.613  -0.087  7.746   1.00 11.23 ? 36  LEU A CB  1 
ATOM   282  C CG  . LEU A 1 36  ? -3.937  0.513   8.228   1.00 10.67 ? 36  LEU A CG  1 
ATOM   283  C CD1 . LEU A 1 36  ? -4.654  1.218   7.077   1.00 12.67 ? 36  LEU A CD1 1 
ATOM   284  C CD2 . LEU A 1 36  ? -4.812  -0.611  8.793   1.00 13.18 ? 36  LEU A CD2 1 
ATOM   285  N N   . TRP A 1 37  ? -0.861  3.054   7.510   1.00 9.54  ? 37  TRP A N   1 
ATOM   286  C CA  . TRP A 1 37  ? -0.210  4.075   8.309   1.00 9.27  ? 37  TRP A CA  1 
ATOM   287  C C   . TRP A 1 37  ? -1.110  5.114   8.953   1.00 10.94 ? 37  TRP A C   1 
ATOM   288  O O   . TRP A 1 37  ? -1.754  5.898   8.259   1.00 10.01 ? 37  TRP A O   1 
ATOM   289  C CB  . TRP A 1 37  ? 0.822   4.815   7.460   1.00 10.62 ? 37  TRP A CB  1 
ATOM   290  C CG  . TRP A 1 37  ? 1.735   3.939   6.664   1.00 13.03 ? 37  TRP A CG  1 
ATOM   291  C CD1 . TRP A 1 37  ? 2.037   2.627   6.903   1.00 13.58 ? 37  TRP A CD1 1 
ATOM   292  C CD2 . TRP A 1 37  ? 2.516   4.332   5.529   1.00 14.70 ? 37  TRP A CD2 1 
ATOM   293  N NE1 . TRP A 1 37  ? 2.963   2.180   5.990   1.00 15.44 ? 37  TRP A NE1 1 
ATOM   294  C CE2 . TRP A 1 37  ? 3.276   3.206   5.135   1.00 16.31 ? 37  TRP A CE2 1 
ATOM   295  C CE3 . TRP A 1 37  ? 2.652   5.529   4.807   1.00 12.47 ? 37  TRP A CE3 1 
ATOM   296  C CZ2 . TRP A 1 37  ? 4.161   3.240   4.047   1.00 16.07 ? 37  TRP A CZ2 1 
ATOM   297  C CZ3 . TRP A 1 37  ? 3.533   5.564   3.727   1.00 13.73 ? 37  TRP A CZ3 1 
ATOM   298  C CH2 . TRP A 1 37  ? 4.276   4.424   3.359   1.00 15.67 ? 37  TRP A CH2 1 
ATOM   299  N N   . PRO A 1 38  ? -1.171  5.131   10.296  1.00 12.11 ? 38  PRO A N   1 
ATOM   300  C CA  . PRO A 1 38  ? -2.017  6.132   10.959  1.00 11.10 ? 38  PRO A CA  1 
ATOM   301  C C   . PRO A 1 38  ? -1.457  7.526   10.648  1.00 12.39 ? 38  PRO A C   1 
ATOM   302  O O   . PRO A 1 38  ? -0.237  7.714   10.588  1.00 13.62 ? 38  PRO A O   1 
ATOM   303  C CB  . PRO A 1 38  ? -1.900  5.786   12.445  1.00 11.77 ? 38  PRO A CB  1 
ATOM   304  C CG  . PRO A 1 38  ? -1.353  4.371   12.486  1.00 11.32 ? 38  PRO A CG  1 
ATOM   305  C CD  . PRO A 1 38  ? -0.505  4.236   11.259  1.00 10.71 ? 38  PRO A CD  1 
ATOM   306  N N   . GLN A 1 39  ? -2.347  8.495   10.454  1.00 13.31 ? 39  GLN A N   1 
ATOM   307  C CA  . GLN A 1 39  ? -1.944  9.863   10.137  1.00 15.68 ? 39  GLN A CA  1 
ATOM   308  C C   . GLN A 1 39  ? -2.422  10.872  11.177  1.00 18.31 ? 39  GLN A C   1 
ATOM   309  O O   . GLN A 1 39  ? -3.335  10.597  11.949  1.00 16.68 ? 39  GLN A O   1 
ATOM   310  C CB  . GLN A 1 39  ? -2.506  10.276  8.773   1.00 13.79 ? 39  GLN A CB  1 
ATOM   311  C CG  . GLN A 1 39  ? -2.220  9.294   7.657   1.00 16.21 ? 39  GLN A CG  1 
ATOM   312  C CD  . GLN A 1 39  ? -0.816  9.436   7.131   1.00 16.07 ? 39  GLN A CD  1 
ATOM   313  O OE1 . GLN A 1 39  ? -0.404  10.523  6.729   1.00 17.27 ? 39  GLN A OE1 1 
ATOM   314  N NE2 . GLN A 1 39  ? -0.065  8.342   7.136   1.00 15.39 ? 39  GLN A NE2 1 
ATOM   315  N N   . GLN A 1 40  ? -1.787  12.040  11.176  1.00 22.98 ? 40  GLN A N   1 
ATOM   316  C CA  . GLN A 1 40  ? -2.141  13.139  12.072  1.00 29.04 ? 40  GLN A CA  1 
ATOM   317  C C   . GLN A 1 40  ? -1.596  14.454  11.517  1.00 30.37 ? 40  GLN A C   1 
ATOM   318  O O   . GLN A 1 40  ? -0.383  14.667  11.486  1.00 30.47 ? 40  GLN A O   1 
ATOM   319  C CB  . GLN A 1 40  ? -1.578  12.911  13.477  1.00 32.50 ? 40  GLN A CB  1 
ATOM   320  C CG  . GLN A 1 40  ? -1.930  14.026  14.465  1.00 36.76 ? 40  GLN A CG  1 
ATOM   321  C CD  . GLN A 1 40  ? -2.934  13.585  15.512  1.00 40.08 ? 40  GLN A CD  1 
ATOM   322  O OE1 . GLN A 1 40  ? -2.561  13.077  16.573  1.00 44.63 ? 40  GLN A OE1 1 
ATOM   323  N NE2 . GLN A 1 40  ? -4.216  13.773  15.219  1.00 41.08 ? 40  GLN A NE2 1 
ATOM   324  N N   . SER A 1 41  ? -2.498  15.326  11.071  1.00 32.83 ? 41  SER A N   1 
ATOM   325  C CA  . SER A 1 41  ? -2.121  16.630  10.521  1.00 34.68 ? 41  SER A CA  1 
ATOM   326  C C   . SER A 1 41  ? -1.337  16.539  9.214   1.00 34.14 ? 41  SER A C   1 
ATOM   327  O O   . SER A 1 41  ? -0.412  17.319  8.984   1.00 35.33 ? 41  SER A O   1 
ATOM   328  C CB  . SER A 1 41  ? -1.300  17.418  11.547  1.00 35.84 ? 41  SER A CB  1 
ATOM   329  O OG  . SER A 1 41  ? -2.004  17.550  12.769  1.00 40.61 ? 41  SER A OG  1 
ATOM   330  N N   . GLY A 1 42  ? -1.704  15.590  8.361   1.00 33.19 ? 42  GLY A N   1 
ATOM   331  C CA  . GLY A 1 42  ? -1.017  15.439  7.091   1.00 34.00 ? 42  GLY A CA  1 
ATOM   332  C C   . GLY A 1 42  ? 0.371   14.831  7.197   1.00 34.07 ? 42  GLY A C   1 
ATOM   333  O O   . GLY A 1 42  ? 1.203   15.017  6.308   1.00 35.35 ? 42  GLY A O   1 
ATOM   334  N N   . THR A 1 43  ? 0.629   14.111  8.285   1.00 31.80 ? 43  THR A N   1 
ATOM   335  C CA  . THR A 1 43  ? 1.923   13.465  8.489   1.00 31.11 ? 43  THR A CA  1 
ATOM   336  C C   . THR A 1 43  ? 1.749   12.077  9.115   1.00 28.55 ? 43  THR A C   1 
ATOM   337  O O   . THR A 1 43  ? 0.841   11.855  9.917   1.00 25.89 ? 43  THR A O   1 
ATOM   338  C CB  . THR A 1 43  ? 2.850   14.316  9.392   1.00 32.03 ? 43  THR A CB  1 
ATOM   339  O OG1 . THR A 1 43  ? 4.202   13.869  9.237   1.00 38.01 ? 43  THR A OG1 1 
ATOM   340  C CG2 . THR A 1 43  ? 2.453   14.191  10.854  1.00 33.44 ? 43  THR A CG2 1 
ATOM   341  N N   . SER A 1 44  ? 2.626   11.151  8.738   1.00 25.58 ? 44  SER A N   1 
ATOM   342  C CA  . SER A 1 44  ? 2.576   9.786   9.250   1.00 23.59 ? 44  SER A CA  1 
ATOM   343  C C   . SER A 1 44  ? 3.111   9.691   10.672  1.00 21.97 ? 44  SER A C   1 
ATOM   344  O O   . SER A 1 44  ? 4.211   10.157  10.959  1.00 22.97 ? 44  SER A O   1 
ATOM   345  C CB  . SER A 1 44  ? 3.395   8.853   8.352   1.00 22.22 ? 44  SER A CB  1 
ATOM   346  O OG  . SER A 1 44  ? 2.685   8.509   7.176   1.00 25.44 ? 44  SER A OG  1 
ATOM   347  N N   . LEU A 1 45  ? 2.328   9.091   11.562  1.00 20.27 ? 45  LEU A N   1 
ATOM   348  C CA  . LEU A 1 45  ? 2.757   8.910   12.944  1.00 19.18 ? 45  LEU A CA  1 
ATOM   349  C C   . LEU A 1 45  ? 3.617   7.656   12.940  1.00 18.68 ? 45  LEU A C   1 
ATOM   350  O O   . LEU A 1 45  ? 3.190   6.618   12.436  1.00 20.84 ? 45  LEU A O   1 
ATOM   351  C CB  . LEU A 1 45  ? 1.553   8.687   13.860  1.00 19.45 ? 45  LEU A CB  1 
ATOM   352  C CG  . LEU A 1 45  ? 0.584   9.850   14.054  1.00 21.60 ? 45  LEU A CG  1 
ATOM   353  C CD1 . LEU A 1 45  ? -0.633  9.375   14.827  1.00 21.16 ? 45  LEU A CD1 1 
ATOM   354  C CD2 . LEU A 1 45  ? 1.286   10.970  14.798  1.00 22.16 ? 45  LEU A CD2 1 
ATOM   355  N N   . THR A 1 46  ? 4.822   7.734   13.490  1.00 17.32 ? 46  THR A N   1 
ATOM   356  C CA  . THR A 1 46  ? 5.679   6.557   13.509  1.00 18.43 ? 46  THR A CA  1 
ATOM   357  C C   . THR A 1 46  ? 6.386   6.312   14.832  1.00 19.25 ? 46  THR A C   1 
ATOM   358  O O   . THR A 1 46  ? 6.565   7.225   15.647  1.00 18.59 ? 46  THR A O   1 
ATOM   359  C CB  . THR A 1 46  ? 6.761   6.619   12.404  1.00 19.40 ? 46  THR A CB  1 
ATOM   360  O OG1 . THR A 1 46  ? 7.628   7.732   12.648  1.00 22.13 ? 46  THR A OG1 1 
ATOM   361  C CG2 . THR A 1 46  ? 6.126   6.764   11.032  1.00 18.07 ? 46  THR A CG2 1 
ATOM   362  N N   . ASN A 1 47  ? 6.774   5.054   15.028  1.00 19.28 ? 47  ASN A N   1 
ATOM   363  C CA  . ASN A 1 47  ? 7.497   4.612   16.212  1.00 20.77 ? 47  ASN A CA  1 
ATOM   364  C C   . ASN A 1 47  ? 6.875   5.000   17.544  1.00 20.11 ? 47  ASN A C   1 
ATOM   365  O O   . ASN A 1 47  ? 7.566   5.482   18.442  1.00 22.15 ? 47  ASN A O   1 
ATOM   366  C CB  . ASN A 1 47  ? 8.937   5.121   16.146  1.00 22.83 ? 47  ASN A CB  1 
ATOM   367  C CG  . ASN A 1 47  ? 9.668   4.617   14.917  1.00 27.78 ? 47  ASN A CG  1 
ATOM   368  O OD1 . ASN A 1 47  ? 9.724   3.409   14.663  1.00 31.00 ? 47  ASN A OD1 1 
ATOM   369  N ND2 . ASN A 1 47  ? 10.229  5.540   14.144  1.00 29.31 ? 47  ASN A ND2 1 
ATOM   370  N N   . CYS A 1 48  ? 5.570   4.787   17.672  1.00 18.33 ? 48  CYS A N   1 
ATOM   371  C CA  . CYS A 1 48  ? 4.875   5.095   18.910  1.00 17.59 ? 48  CYS A CA  1 
ATOM   372  C C   . CYS A 1 48  ? 5.133   3.974   19.904  1.00 18.22 ? 48  CYS A C   1 
ATOM   373  O O   . CYS A 1 48  ? 5.206   2.804   19.518  1.00 19.40 ? 48  CYS A O   1 
ATOM   374  C CB  . CYS A 1 48  ? 3.372   5.193   18.672  1.00 16.25 ? 48  CYS A CB  1 
ATOM   375  S SG  . CYS A 1 48  ? 2.887   6.528   17.541  1.00 18.38 ? 48  CYS A SG  1 
ATOM   376  N N   . PRO A 1 49  ? 5.306   4.314   21.193  1.00 18.18 ? 49  PRO A N   1 
ATOM   377  C CA  . PRO A 1 49  ? 5.543   3.246   22.167  1.00 18.08 ? 49  PRO A CA  1 
ATOM   378  C C   . PRO A 1 49  ? 4.281   2.382   22.235  1.00 18.53 ? 49  PRO A C   1 
ATOM   379  O O   . PRO A 1 49  ? 3.161   2.901   22.243  1.00 18.34 ? 49  PRO A O   1 
ATOM   380  C CB  . PRO A 1 49  ? 5.809   3.993   23.476  1.00 18.73 ? 49  PRO A CB  1 
ATOM   381  C CG  . PRO A 1 49  ? 6.117   5.410   23.062  1.00 20.13 ? 49  PRO A CG  1 
ATOM   382  C CD  . PRO A 1 49  ? 5.327   5.646   21.817  1.00 17.87 ? 49  PRO A CD  1 
ATOM   383  N N   . GLY A 1 50  ? 4.463   1.067   22.262  1.00 17.87 ? 50  GLY A N   1 
ATOM   384  C CA  . GLY A 1 50  ? 3.318   0.179   22.314  1.00 18.58 ? 50  GLY A CA  1 
ATOM   385  C C   . GLY A 1 50  ? 3.727   -1.265  22.509  1.00 19.83 ? 50  GLY A C   1 
ATOM   386  O O   . GLY A 1 50  ? 4.877   -1.548  22.844  1.00 21.02 ? 50  GLY A O   1 
ATOM   387  N N   . SER A 1 51  ? 2.783   -2.176  22.290  1.00 20.43 ? 51  SER A N   1 
ATOM   388  C CA  . SER A 1 51  ? 3.025   -3.607  22.451  1.00 20.14 ? 51  SER A CA  1 
ATOM   389  C C   . SER A 1 51  ? 3.995   -4.176  21.421  1.00 20.11 ? 51  SER A C   1 
ATOM   390  O O   . SER A 1 51  ? 3.966   -3.804  20.251  1.00 19.40 ? 51  SER A O   1 
ATOM   391  C CB  . SER A 1 51  ? 1.705   -4.380  22.347  1.00 20.31 ? 51  SER A CB  1 
ATOM   392  O OG  . SER A 1 51  ? 0.764   -3.928  23.304  1.00 27.35 ? 51  SER A OG  1 
ATOM   393  N N   . PRO A 1 52  ? 4.884   -5.082  21.855  1.00 20.71 ? 52  PRO A N   1 
ATOM   394  C CA  . PRO A 1 52  ? 5.836   -5.680  20.913  1.00 19.57 ? 52  PRO A CA  1 
ATOM   395  C C   . PRO A 1 52  ? 5.054   -6.610  19.978  1.00 17.27 ? 52  PRO A C   1 
ATOM   396  O O   . PRO A 1 52  ? 4.022   -7.157  20.366  1.00 16.65 ? 52  PRO A O   1 
ATOM   397  C CB  . PRO A 1 52  ? 6.807   -6.454  21.813  1.00 20.87 ? 52  PRO A CB  1 
ATOM   398  C CG  . PRO A 1 52  ? 6.506   -6.013  23.220  1.00 20.99 ? 52  PRO A CG  1 
ATOM   399  C CD  . PRO A 1 52  ? 5.077   -5.580  23.227  1.00 21.27 ? 52  PRO A CD  1 
ATOM   400  N N   . PHE A 1 53  ? 5.528   -6.781  18.750  1.00 16.35 ? 53  PHE A N   1 
ATOM   401  C CA  . PHE A 1 53  ? 4.845   -7.651  17.795  1.00 15.66 ? 53  PHE A CA  1 
ATOM   402  C C   . PHE A 1 53  ? 4.720   -9.065  18.367  1.00 15.34 ? 53  PHE A C   1 
ATOM   403  O O   . PHE A 1 53  ? 5.668   -9.592  18.947  1.00 18.23 ? 53  PHE A O   1 
ATOM   404  C CB  . PHE A 1 53  ? 5.617   -7.683  16.470  1.00 15.67 ? 53  PHE A CB  1 
ATOM   405  C CG  . PHE A 1 53  ? 4.985   -8.551  15.416  1.00 15.74 ? 53  PHE A CG  1 
ATOM   406  C CD1 . PHE A 1 53  ? 3.813   -8.155  14.780  1.00 15.45 ? 53  PHE A CD1 1 
ATOM   407  C CD2 . PHE A 1 53  ? 5.566   -9.764  15.057  1.00 16.37 ? 53  PHE A CD2 1 
ATOM   408  C CE1 . PHE A 1 53  ? 3.222   -8.951  13.803  1.00 15.07 ? 53  PHE A CE1 1 
ATOM   409  C CE2 . PHE A 1 53  ? 4.984   -10.570 14.078  1.00 17.22 ? 53  PHE A CE2 1 
ATOM   410  C CZ  . PHE A 1 53  ? 3.809   -10.163 13.450  1.00 16.70 ? 53  PHE A CZ  1 
ATOM   411  N N   . ASP A 1 54  ? 3.549   -9.669  18.205  1.00 15.42 ? 54  ASP A N   1 
ATOM   412  C CA  . ASP A 1 54  ? 3.291   -11.021 18.701  1.00 16.58 ? 54  ASP A CA  1 
ATOM   413  C C   . ASP A 1 54  ? 2.573   -11.809 17.614  1.00 14.97 ? 54  ASP A C   1 
ATOM   414  O O   . ASP A 1 54  ? 1.386   -11.615 17.364  1.00 13.48 ? 54  ASP A O   1 
ATOM   415  C CB  . ASP A 1 54  ? 2.422   -10.966 19.964  1.00 18.66 ? 54  ASP A CB  1 
ATOM   416  C CG  . ASP A 1 54  ? 2.226   -12.330 20.606  1.00 21.89 ? 54  ASP A CG  1 
ATOM   417  O OD1 . ASP A 1 54  ? 2.679   -13.341 20.030  1.00 22.26 ? 54  ASP A OD1 1 
ATOM   418  O OD2 . ASP A 1 54  ? 1.612   -12.390 21.695  1.00 25.18 ? 54  ASP A OD2 1 
ATOM   419  N N   . ILE A 1 55  ? 3.308   -12.710 16.976  1.00 16.14 ? 55  ILE A N   1 
ATOM   420  C CA  . ILE A 1 55  ? 2.758   -13.521 15.906  1.00 15.54 ? 55  ILE A CA  1 
ATOM   421  C C   . ILE A 1 55  ? 1.562   -14.404 16.283  1.00 15.22 ? 55  ILE A C   1 
ATOM   422  O O   . ILE A 1 55  ? 0.740   -14.718 15.425  1.00 16.52 ? 55  ILE A O   1 
ATOM   423  C CB  . ILE A 1 55  ? 3.872   -14.400 15.277  1.00 18.00 ? 55  ILE A CB  1 
ATOM   424  C CG1 . ILE A 1 55  ? 3.358   -15.060 13.998  1.00 17.96 ? 55  ILE A CG1 1 
ATOM   425  C CG2 . ILE A 1 55  ? 4.356   -15.435 16.286  1.00 20.00 ? 55  ILE A CG2 1 
ATOM   426  C CD1 . ILE A 1 55  ? 3.107   -14.085 12.874  1.00 20.46 ? 55  ILE A CD1 1 
ATOM   427  N N   . THR A 1 56  ? 1.434   -14.799 17.546  1.00 16.38 ? 56  THR A N   1 
ATOM   428  C CA  . THR A 1 56  ? 0.307   -15.660 17.910  1.00 16.95 ? 56  THR A CA  1 
ATOM   429  C C   . THR A 1 56  ? -1.024  -14.924 17.903  1.00 16.25 ? 56  THR A C   1 
ATOM   430  O O   . THR A 1 56  ? -2.084  -15.547 17.885  1.00 18.31 ? 56  THR A O   1 
ATOM   431  C CB  . THR A 1 56  ? 0.499   -16.325 19.294  1.00 18.96 ? 56  THR A CB  1 
ATOM   432  O OG1 . THR A 1 56  ? 0.043   -15.436 20.320  1.00 26.25 ? 56  THR A OG1 1 
ATOM   433  C CG2 . THR A 1 56  ? 1.959   -16.670 19.530  1.00 20.21 ? 56  THR A CG2 1 
ATOM   434  N N   . LYS A 1 57  ? -0.979  -13.597 17.904  1.00 17.12 ? 57  LYS A N   1 
ATOM   435  C CA  . LYS A 1 57  ? -2.211  -12.815 17.904  1.00 16.96 ? 57  LYS A CA  1 
ATOM   436  C C   . LYS A 1 57  ? -2.835  -12.722 16.515  1.00 16.24 ? 57  LYS A C   1 
ATOM   437  O O   . LYS A 1 57  ? -4.016  -12.387 16.372  1.00 16.54 ? 57  LYS A O   1 
ATOM   438  C CB  . LYS A 1 57  ? -1.944  -11.419 18.462  1.00 17.68 ? 57  LYS A CB  1 
ATOM   439  C CG  . LYS A 1 57  ? -1.784  -11.406 19.972  1.00 20.89 ? 57  LYS A CG  1 
ATOM   440  C CD  . LYS A 1 57  ? -1.034  -10.179 20.425  1.00 28.15 ? 57  LYS A CD  1 
ATOM   441  C CE  . LYS A 1 57  ? -1.257  -9.911  21.904  1.00 31.99 ? 57  LYS A CE  1 
ATOM   442  N NZ  . LYS A 1 57  ? -0.544  -8.676  22.333  1.00 36.72 ? 57  LYS A NZ  1 
ATOM   443  N N   . ILE A 1 58  ? -2.039  -13.035 15.494  1.00 14.41 ? 58  ILE A N   1 
ATOM   444  C CA  . ILE A 1 58  ? -2.511  -12.992 14.115  1.00 14.73 ? 58  ILE A CA  1 
ATOM   445  C C   . ILE A 1 58  ? -2.364  -14.358 13.429  1.00 16.50 ? 58  ILE A C   1 
ATOM   446  O O   . ILE A 1 58  ? -2.356  -14.456 12.201  1.00 16.27 ? 58  ILE A O   1 
ATOM   447  C CB  . ILE A 1 58  ? -1.747  -11.909 13.307  1.00 14.95 ? 58  ILE A CB  1 
ATOM   448  C CG1 . ILE A 1 58  ? -0.237  -12.129 13.406  1.00 15.55 ? 58  ILE A CG1 1 
ATOM   449  C CG2 . ILE A 1 58  ? -2.081  -10.527 13.854  1.00 15.54 ? 58  ILE A CG2 1 
ATOM   450  C CD1 . ILE A 1 58  ? 0.559   -11.367 12.357  1.00 16.35 ? 58  ILE A CD1 1 
ATOM   451  N N   . SER A 1 59  ? -2.277  -15.411 14.238  1.00 17.54 ? 59  SER A N   1 
ATOM   452  C CA  . SER A 1 59  ? -2.119  -16.775 13.738  1.00 18.25 ? 59  SER A CA  1 
ATOM   453  C C   . SER A 1 59  ? -3.230  -17.221 12.803  1.00 15.64 ? 59  SER A C   1 
ATOM   454  O O   . SER A 1 59  ? -2.994  -17.986 11.871  1.00 18.72 ? 59  SER A O   1 
ATOM   455  C CB  . SER A 1 59  ? -2.038  -17.755 14.910  1.00 20.59 ? 59  SER A CB  1 
ATOM   456  O OG  . SER A 1 59  ? -3.331  -18.034 15.428  1.00 25.36 ? 59  SER A OG  1 
ATOM   457  N N   . HIS A 1 60  ? -4.442  -16.753 13.056  1.00 15.13 ? 60  HIS A N   1 
ATOM   458  C CA  . HIS A 1 60  ? -5.583  -17.129 12.233  1.00 15.60 ? 60  HIS A CA  1 
ATOM   459  C C   . HIS A 1 60  ? -5.575  -16.440 10.869  1.00 16.06 ? 60  HIS A C   1 
ATOM   460  O O   . HIS A 1 60  ? -6.368  -16.783 9.989   1.00 18.75 ? 60  HIS A O   1 
ATOM   461  C CB  . HIS A 1 60  ? -6.881  -16.790 12.963  1.00 15.48 ? 60  HIS A CB  1 
ATOM   462  C CG  . HIS A 1 60  ? -6.940  -15.379 13.455  1.00 15.79 ? 60  HIS A CG  1 
ATOM   463  N ND1 . HIS A 1 60  ? -5.988  -14.845 14.296  1.00 17.69 ? 60  HIS A ND1 1 
ATOM   464  C CD2 . HIS A 1 60  ? -7.823  -14.383 13.207  1.00 17.68 ? 60  HIS A CD2 1 
ATOM   465  C CE1 . HIS A 1 60  ? -6.280  -13.581 14.544  1.00 16.66 ? 60  HIS A CE1 1 
ATOM   466  N NE2 . HIS A 1 60  ? -7.389  -13.276 13.895  1.00 16.59 ? 60  HIS A NE2 1 
ATOM   467  N N   . LEU A 1 61  ? -4.682  -15.476 10.686  1.00 15.76 ? 61  LEU A N   1 
ATOM   468  C CA  . LEU A 1 61  ? -4.617  -14.758 9.416   1.00 16.16 ? 61  LEU A CA  1 
ATOM   469  C C   . LEU A 1 61  ? -3.378  -15.061 8.588   1.00 16.76 ? 61  LEU A C   1 
ATOM   470  O O   . LEU A 1 61  ? -3.141  -14.389 7.586   1.00 16.14 ? 61  LEU A O   1 
ATOM   471  C CB  . LEU A 1 61  ? -4.661  -13.246 9.658   1.00 15.89 ? 61  LEU A CB  1 
ATOM   472  C CG  . LEU A 1 61  ? -5.874  -12.622 10.352  1.00 15.96 ? 61  LEU A CG  1 
ATOM   473  C CD1 . LEU A 1 61  ? -5.479  -11.253 10.874  1.00 19.30 ? 61  LEU A CD1 1 
ATOM   474  C CD2 . LEU A 1 61  ? -7.032  -12.503 9.388   1.00 16.33 ? 61  LEU A CD2 1 
ATOM   475  N N   . GLN A 1 62  ? -2.599  -16.067 8.980   1.00 16.00 ? 62  GLN A N   1 
ATOM   476  C CA  . GLN A 1 62  ? -1.363  -16.372 8.263   1.00 17.13 ? 62  GLN A CA  1 
ATOM   477  C C   . GLN A 1 62  ? -1.478  -16.697 6.772   1.00 15.77 ? 62  GLN A C   1 
ATOM   478  O O   . GLN A 1 62  ? -0.567  -16.392 6.007   1.00 16.07 ? 62  GLN A O   1 
ATOM   479  C CB  . GLN A 1 62  ? -0.578  -17.473 8.992   1.00 18.57 ? 62  GLN A CB  1 
ATOM   480  C CG  . GLN A 1 62  ? -1.270  -18.821 9.102   1.00 22.44 ? 62  GLN A CG  1 
ATOM   481  C CD  . GLN A 1 62  ? -0.467  -19.802 9.950   1.00 23.72 ? 62  GLN A CD  1 
ATOM   482  O OE1 . GLN A 1 62  ? 0.376   -20.543 9.439   1.00 25.03 ? 62  GLN A OE1 1 
ATOM   483  N NE2 . GLN A 1 62  ? -0.723  -19.801 11.252  1.00 21.20 ? 62  GLN A NE2 1 
ATOM   484  N N   . SER A 1 63  ? -2.587  -17.297 6.354   1.00 17.39 ? 63  SER A N   1 
ATOM   485  C CA  . SER A 1 63  ? -2.781  -17.630 4.943   1.00 18.47 ? 63  SER A CA  1 
ATOM   486  C C   . SER A 1 63  ? -2.980  -16.349 4.123   1.00 17.53 ? 63  SER A C   1 
ATOM   487  O O   . SER A 1 63  ? -2.326  -16.151 3.095   1.00 16.11 ? 63  SER A O   1 
ATOM   488  C CB  . SER A 1 63  ? -4.001  -18.542 4.776   1.00 20.79 ? 63  SER A CB  1 
ATOM   489  O OG  . SER A 1 63  ? -4.260  -18.806 3.407   1.00 26.29 ? 63  SER A OG  1 
ATOM   490  N N   . GLN A 1 64  ? -3.878  -15.484 4.591   1.00 16.09 ? 64  GLN A N   1 
ATOM   491  C CA  . GLN A 1 64  ? -4.171  -14.221 3.908   1.00 16.34 ? 64  GLN A CA  1 
ATOM   492  C C   . GLN A 1 64  ? -2.960  -13.299 3.894   1.00 14.04 ? 64  GLN A C   1 
ATOM   493  O O   . GLN A 1 64  ? -2.677  -12.656 2.886   1.00 14.30 ? 64  GLN A O   1 
ATOM   494  C CB  . GLN A 1 64  ? -5.344  -13.502 4.589   1.00 18.17 ? 64  GLN A CB  1 
ATOM   495  C CG  . GLN A 1 64  ? -6.700  -14.184 4.399   1.00 24.51 ? 64  GLN A CG  1 
ATOM   496  C CD  . GLN A 1 64  ? -7.142  -14.974 5.625   1.00 29.61 ? 64  GLN A CD  1 
ATOM   497  O OE1 . GLN A 1 64  ? -8.333  -15.060 5.929   1.00 33.40 ? 64  GLN A OE1 1 
ATOM   498  N NE2 . GLN A 1 64  ? -6.180  -15.555 6.335   1.00 31.25 ? 64  GLN A NE2 1 
ATOM   499  N N   . LEU A 1 65  ? -2.247  -13.241 5.014   1.00 10.73 ? 65  LEU A N   1 
ATOM   500  C CA  . LEU A 1 65  ? -1.076  -12.385 5.138   1.00 10.24 ? 65  LEU A CA  1 
ATOM   501  C C   . LEU A 1 65  ? 0.076   -12.810 4.238   1.00 12.31 ? 65  LEU A C   1 
ATOM   502  O O   . LEU A 1 65  ? 0.770   -11.969 3.676   1.00 10.14 ? 65  LEU A O   1 
ATOM   503  C CB  . LEU A 1 65  ? -0.597  -12.347 6.589   1.00 9.33  ? 65  LEU A CB  1 
ATOM   504  C CG  . LEU A 1 65  ? -1.459  -11.527 7.554   1.00 12.33 ? 65  LEU A CG  1 
ATOM   505  C CD1 . LEU A 1 65  ? -0.877  -11.604 8.955   1.00 13.78 ? 65  LEU A CD1 1 
ATOM   506  C CD2 . LEU A 1 65  ? -1.526  -10.078 7.086   1.00 12.82 ? 65  LEU A CD2 1 
ATOM   507  N N   . ASN A 1 66  ? 0.295   -14.114 4.104   1.00 13.25 ? 66  ASN A N   1 
ATOM   508  C CA  . ASN A 1 66  ? 1.384   -14.584 3.257   1.00 12.95 ? 66  ASN A CA  1 
ATOM   509  C C   . ASN A 1 66  ? 1.074   -14.321 1.788   1.00 13.26 ? 66  ASN A C   1 
ATOM   510  O O   . ASN A 1 66  ? 1.984   -14.123 0.986   1.00 17.05 ? 66  ASN A O   1 
ATOM   511  C CB  . ASN A 1 66  ? 1.643   -16.080 3.487   1.00 13.50 ? 66  ASN A CB  1 
ATOM   512  C CG  . ASN A 1 66  ? 2.509   -16.337 4.708   1.00 13.68 ? 66  ASN A CG  1 
ATOM   513  O OD1 . ASN A 1 66  ? 3.653   -15.880 4.785   1.00 16.28 ? 66  ASN A OD1 1 
ATOM   514  N ND2 . ASN A 1 66  ? 1.962   -17.063 5.676   1.00 19.00 ? 66  ASN A ND2 1 
ATOM   515  N N   . THR A 1 67  ? -0.211  -14.306 1.448   1.00 13.32 ? 67  THR A N   1 
ATOM   516  C CA  . THR A 1 67  ? -0.647  -14.072 0.074   1.00 14.00 ? 67  THR A CA  1 
ATOM   517  C C   . THR A 1 67  ? -0.762  -12.584 -0.267  1.00 14.00 ? 67  THR A C   1 
ATOM   518  O O   . THR A 1 67  ? -0.291  -12.144 -1.314  1.00 14.10 ? 67  THR A O   1 
ATOM   519  C CB  . THR A 1 67  ? -2.030  -14.715 -0.194  1.00 15.99 ? 67  THR A CB  1 
ATOM   520  O OG1 . THR A 1 67  ? -1.972  -16.126 0.050   1.00 19.80 ? 67  THR A OG1 1 
ATOM   521  C CG2 . THR A 1 67  ? -2.456  -14.472 -1.634  1.00 18.09 ? 67  THR A CG2 1 
ATOM   522  N N   . LEU A 1 68  ? -1.377  -11.818 0.630   1.00 11.50 ? 68  LEU A N   1 
ATOM   523  C CA  . LEU A 1 68  ? -1.609  -10.390 0.415   1.00 10.24 ? 68  LEU A CA  1 
ATOM   524  C C   . LEU A 1 68  ? -0.584  -9.405  0.978   1.00 8.85  ? 68  LEU A C   1 
ATOM   525  O O   . LEU A 1 68  ? -0.482  -8.280  0.494   1.00 12.14 ? 68  LEU A O   1 
ATOM   526  C CB  . LEU A 1 68  ? -2.998  -10.027 0.946   1.00 8.00  ? 68  LEU A CB  1 
ATOM   527  C CG  . LEU A 1 68  ? -4.157  -10.923 0.500   1.00 10.37 ? 68  LEU A CG  1 
ATOM   528  C CD1 . LEU A 1 68  ? -5.426  -10.498 1.226   1.00 12.75 ? 68  LEU A CD1 1 
ATOM   529  C CD2 . LEU A 1 68  ? -4.355  -10.830 -1.003  1.00 10.37 ? 68  LEU A CD2 1 
ATOM   530  N N   . TRP A 1 69  ? 0.177   -9.810  1.987   1.00 7.69  ? 69  TRP A N   1 
ATOM   531  C CA  . TRP A 1 69  ? 1.166   -8.918  2.588   1.00 7.59  ? 69  TRP A CA  1 
ATOM   532  C C   . TRP A 1 69  ? 2.587   -9.506  2.589   1.00 8.18  ? 69  TRP A C   1 
ATOM   533  O O   . TRP A 1 69  ? 3.276   -9.508  3.612   1.00 8.11  ? 69  TRP A O   1 
ATOM   534  C CB  . TRP A 1 69  ? 0.728   -8.576  4.021   1.00 7.43  ? 69  TRP A CB  1 
ATOM   535  C CG  . TRP A 1 69  ? 1.304   -7.313  4.604   1.00 7.47  ? 69  TRP A CG  1 
ATOM   536  C CD1 . TRP A 1 69  ? 2.502   -6.730  4.304   1.00 9.02  ? 69  TRP A CD1 1 
ATOM   537  C CD2 . TRP A 1 69  ? 0.703   -6.491  5.614   1.00 10.41 ? 69  TRP A CD2 1 
ATOM   538  N NE1 . TRP A 1 69  ? 2.686   -5.598  5.065   1.00 8.53  ? 69  TRP A NE1 1 
ATOM   539  C CE2 . TRP A 1 69  ? 1.596   -5.428  5.878   1.00 10.11 ? 69  TRP A CE2 1 
ATOM   540  C CE3 . TRP A 1 69  ? -0.508  -6.551  6.324   1.00 9.69  ? 69  TRP A CE3 1 
ATOM   541  C CZ2 . TRP A 1 69  ? 1.320   -4.430  6.823   1.00 10.97 ? 69  TRP A CZ2 1 
ATOM   542  C CZ3 . TRP A 1 69  ? -0.782  -5.554  7.265   1.00 9.82  ? 69  TRP A CZ3 1 
ATOM   543  C CH2 . TRP A 1 69  ? 0.128   -4.512  7.503   1.00 9.13  ? 69  TRP A CH2 1 
ATOM   544  N N   . PRO A 1 70  ? 3.051   -10.007 1.433   1.00 11.21 ? 70  PRO A N   1 
ATOM   545  C CA  . PRO A 1 70  ? 4.402   -10.573 1.392   1.00 10.06 ? 70  PRO A CA  1 
ATOM   546  C C   . PRO A 1 70  ? 5.500   -9.514  1.400   1.00 12.97 ? 70  PRO A C   1 
ATOM   547  O O   . PRO A 1 70  ? 5.264   -8.367  1.018   1.00 11.34 ? 70  PRO A O   1 
ATOM   548  C CB  . PRO A 1 70  ? 4.412   -11.361 0.086   1.00 12.10 ? 70  PRO A CB  1 
ATOM   549  C CG  . PRO A 1 70  ? 3.462   -10.600 -0.800  1.00 11.44 ? 70  PRO A CG  1 
ATOM   550  C CD  . PRO A 1 70  ? 2.371   -10.101 0.125   1.00 9.56  ? 70  PRO A CD  1 
ATOM   551  N N   . ASN A 1 71  ? 6.694   -9.895  1.857   1.00 11.60 ? 71  ASN A N   1 
ATOM   552  C CA  . ASN A 1 71  ? 7.841   -8.994  1.838   1.00 12.58 ? 71  ASN A CA  1 
ATOM   553  C C   . ASN A 1 71  ? 8.290   -9.132  0.373   1.00 15.40 ? 71  ASN A C   1 
ATOM   554  O O   . ASN A 1 71  ? 8.585   -10.235 -0.083  1.00 15.97 ? 71  ASN A O   1 
ATOM   555  C CB  . ASN A 1 71  ? 8.934   -9.501  2.790   1.00 11.80 ? 71  ASN A CB  1 
ATOM   556  C CG  . ASN A 1 71  ? 10.084  -8.520  2.942   1.00 11.72 ? 71  ASN A CG  1 
ATOM   557  O OD1 . ASN A 1 71  ? 10.304  -7.662  2.086   1.00 15.05 ? 71  ASN A OD1 1 
ATOM   558  N ND2 . ASN A 1 71  ? 10.829  -8.646  4.038   1.00 11.56 ? 71  ASN A ND2 1 
ATOM   559  N N   . VAL A 1 72  ? 8.315   -8.039  -0.380  1.00 14.42 ? 72  VAL A N   1 
ATOM   560  C CA  . VAL A 1 72  ? 8.699   -8.145  -1.786  1.00 13.46 ? 72  VAL A CA  1 
ATOM   561  C C   . VAL A 1 72  ? 10.182  -7.954  -2.030  1.00 12.99 ? 72  VAL A C   1 
ATOM   562  O O   . VAL A 1 72  ? 10.695  -8.329  -3.084  1.00 13.76 ? 72  VAL A O   1 
ATOM   563  C CB  . VAL A 1 72  ? 7.920   -7.131  -2.665  1.00 14.34 ? 72  VAL A CB  1 
ATOM   564  C CG1 . VAL A 1 72  ? 6.420   -7.345  -2.503  1.00 15.51 ? 72  VAL A CG1 1 
ATOM   565  C CG2 . VAL A 1 72  ? 8.312   -5.715  -2.300  1.00 14.99 ? 72  VAL A CG2 1 
ATOM   566  N N   . LEU A 1 73  ? 10.869  -7.378  -1.050  1.00 12.75 ? 73  LEU A N   1 
ATOM   567  C CA  . LEU A 1 73  ? 12.293  -7.115  -1.161  1.00 13.57 ? 73  LEU A CA  1 
ATOM   568  C C   . LEU A 1 73  ? 13.148  -8.262  -0.643  1.00 15.89 ? 73  LEU A C   1 
ATOM   569  O O   . LEU A 1 73  ? 14.262  -8.470  -1.114  1.00 14.68 ? 73  LEU A O   1 
ATOM   570  C CB  . LEU A 1 73  ? 12.639  -5.833  -0.404  1.00 15.85 ? 73  LEU A CB  1 
ATOM   571  C CG  . LEU A 1 73  ? 11.942  -4.572  -0.928  1.00 19.60 ? 73  LEU A CG  1 
ATOM   572  C CD1 . LEU A 1 73  ? 12.333  -3.385  -0.063  1.00 21.64 ? 73  LEU A CD1 1 
ATOM   573  C CD2 . LEU A 1 73  ? 12.328  -4.321  -2.381  1.00 19.29 ? 73  LEU A CD2 1 
ATOM   574  N N   . ARG A 1 74  ? 12.621  -8.997  0.329   1.00 19.63 ? 74  ARG A N   1 
ATOM   575  C CA  . ARG A 1 74  ? 13.329  -10.130 0.927   1.00 23.37 ? 74  ARG A CA  1 
ATOM   576  C C   . ARG A 1 74  ? 12.337  -11.247 1.252   1.00 22.61 ? 74  ARG A C   1 
ATOM   577  O O   . ARG A 1 74  ? 11.155  -10.991 1.455   1.00 19.97 ? 74  ARG A O   1 
ATOM   578  C CB  . ARG A 1 74  ? 14.054  -9.683  2.196   1.00 27.64 ? 74  ARG A CB  1 
ATOM   579  C CG  . ARG A 1 74  ? 14.962  -8.489  1.986   1.00 37.82 ? 74  ARG A CG  1 
ATOM   580  C CD  . ARG A 1 74  ? 15.460  -7.941  3.309   1.00 46.85 ? 74  ARG A CD  1 
ATOM   581  N NE  . ARG A 1 74  ? 15.936  -9.004  4.190   1.00 55.53 ? 74  ARG A NE  1 
ATOM   582  C CZ  . ARG A 1 74  ? 16.321  -8.818  5.450   1.00 60.09 ? 74  ARG A CZ  1 
ATOM   583  N NH1 . ARG A 1 74  ? 16.287  -7.602  5.984   1.00 62.03 ? 74  ARG A NH1 1 
ATOM   584  N NH2 . ARG A 1 74  ? 16.740  -9.848  6.178   1.00 61.68 ? 74  ARG A NH2 1 
ATOM   585  N N   . ALA A 1 75  ? 12.828  -12.483 1.319   1.00 23.26 ? 75  ALA A N   1 
ATOM   586  C CA  . ALA A 1 75  ? 11.972  -13.641 1.572   1.00 23.63 ? 75  ALA A CA  1 
ATOM   587  C C   . ALA A 1 75  ? 11.560  -13.904 3.020   1.00 25.87 ? 75  ALA A C   1 
ATOM   588  O O   . ALA A 1 75  ? 11.282  -15.047 3.382   1.00 31.37 ? 75  ALA A O   1 
ATOM   589  C CB  . ALA A 1 75  ? 12.629  -14.882 0.999   1.00 23.56 ? 75  ALA A CB  1 
ATOM   590  N N   . ASN A 1 76  ? 11.501  -12.865 3.843   1.00 22.75 ? 76  ASN A N   1 
ATOM   591  C CA  . ASN A 1 76  ? 11.113  -13.030 5.241   1.00 19.62 ? 76  ASN A CA  1 
ATOM   592  C C   . ASN A 1 76  ? 9.868   -12.196 5.522   1.00 18.20 ? 76  ASN A C   1 
ATOM   593  O O   . ASN A 1 76  ? 9.969   -11.016 5.855   1.00 17.22 ? 76  ASN A O   1 
ATOM   594  C CB  . ASN A 1 76  ? 12.253  -12.581 6.152   1.00 20.94 ? 76  ASN A CB  1 
ATOM   595  C CG  . ASN A 1 76  ? 12.037  -12.978 7.596   1.00 24.32 ? 76  ASN A CG  1 
ATOM   596  O OD1 . ASN A 1 76  ? 10.905  -13.136 8.057   1.00 23.35 ? 76  ASN A OD1 1 
ATOM   597  N ND2 . ASN A 1 76  ? 13.131  -13.139 8.325   1.00 28.80 ? 76  ASN A ND2 1 
ATOM   598  N N   . ASN A 1 77  ? 8.699   -12.816 5.399   1.00 16.54 ? 77  ASN A N   1 
ATOM   599  C CA  . ASN A 1 77  ? 7.430   -12.120 5.610   1.00 15.29 ? 77  ASN A CA  1 
ATOM   600  C C   . ASN A 1 77  ? 7.188   -11.628 7.034   1.00 16.83 ? 77  ASN A C   1 
ATOM   601  O O   . ASN A 1 77  ? 6.808   -10.475 7.239   1.00 15.54 ? 77  ASN A O   1 
ATOM   602  C CB  . ASN A 1 77  ? 6.268   -13.016 5.174   1.00 12.67 ? 77  ASN A CB  1 
ATOM   603  C CG  . ASN A 1 77  ? 6.248   -13.263 3.674   1.00 12.40 ? 77  ASN A CG  1 
ATOM   604  O OD1 . ASN A 1 77  ? 6.988   -12.634 2.918   1.00 15.85 ? 77  ASN A OD1 1 
ATOM   605  N ND2 . ASN A 1 77  ? 5.400   -14.182 3.239   1.00 11.62 ? 77  ASN A ND2 1 
ATOM   606  N N   . GLN A 1 78  ? 7.412   -12.497 8.014   1.00 17.85 ? 78  GLN A N   1 
ATOM   607  C CA  . GLN A 1 78  ? 7.194   -12.147 9.414   1.00 19.68 ? 78  GLN A CA  1 
ATOM   608  C C   . GLN A 1 78  ? 7.974   -10.922 9.874   1.00 18.75 ? 78  GLN A C   1 
ATOM   609  O O   . GLN A 1 78  ? 7.485   -10.137 10.684  1.00 17.63 ? 78  GLN A O   1 
ATOM   610  C CB  . GLN A 1 78  ? 7.541   -13.337 10.313  1.00 22.18 ? 78  GLN A CB  1 
ATOM   611  C CG  . GLN A 1 78  ? 6.579   -14.504 10.171  1.00 30.04 ? 78  GLN A CG  1 
ATOM   612  C CD  . GLN A 1 78  ? 6.621   -15.449 11.360  1.00 35.63 ? 78  GLN A CD  1 
ATOM   613  O OE1 . GLN A 1 78  ? 7.378   -15.240 12.312  1.00 38.63 ? 78  GLN A OE1 1 
ATOM   614  N NE2 . GLN A 1 78  ? 5.804   -16.499 11.309  1.00 35.88 ? 78  GLN A NE2 1 
ATOM   615  N N   . GLN A 1 79  ? 9.188   -10.762 9.362   1.00 18.35 ? 79  GLN A N   1 
ATOM   616  C CA  . GLN A 1 79  ? 10.014  -9.627  9.739   1.00 19.32 ? 79  GLN A CA  1 
ATOM   617  C C   . GLN A 1 79  ? 9.415   -8.333  9.204   1.00 17.36 ? 79  GLN A C   1 
ATOM   618  O O   . GLN A 1 79  ? 9.541   -7.276  9.823   1.00 17.77 ? 79  GLN A O   1 
ATOM   619  C CB  . GLN A 1 79  ? 11.426  -9.802  9.197   1.00 23.09 ? 79  GLN A CB  1 
ATOM   620  C CG  . GLN A 1 79  ? 12.271  -8.559  9.306   1.00 32.76 ? 79  GLN A CG  1 
ATOM   621  C CD  . GLN A 1 79  ? 13.723  -8.829  8.988   1.00 40.24 ? 79  GLN A CD  1 
ATOM   622  O OE1 . GLN A 1 79  ? 14.242  -8.377  7.965   1.00 44.66 ? 79  GLN A OE1 1 
ATOM   623  N NE2 . GLN A 1 79  ? 14.391  -9.574  9.865   1.00 43.18 ? 79  GLN A NE2 1 
ATOM   624  N N   . PHE A 1 80  ? 8.769   -8.431  8.049   1.00 15.82 ? 80  PHE A N   1 
ATOM   625  C CA  . PHE A 1 80  ? 8.126   -7.286  7.412   1.00 14.46 ? 80  PHE A CA  1 
ATOM   626  C C   . PHE A 1 80  ? 6.907   -6.869  8.237   1.00 14.31 ? 80  PHE A C   1 
ATOM   627  O O   . PHE A 1 80  ? 6.698   -5.684  8.495   1.00 14.02 ? 80  PHE A O   1 
ATOM   628  C CB  . PHE A 1 80  ? 7.693   -7.666  5.996   1.00 12.62 ? 80  PHE A CB  1 
ATOM   629  C CG  . PHE A 1 80  ? 7.168   -6.518  5.190   1.00 14.92 ? 80  PHE A CG  1 
ATOM   630  C CD1 . PHE A 1 80  ? 7.681   -5.236  5.360   1.00 16.55 ? 80  PHE A CD1 1 
ATOM   631  C CD2 . PHE A 1 80  ? 6.173   -6.721  4.241   1.00 13.78 ? 80  PHE A CD2 1 
ATOM   632  C CE1 . PHE A 1 80  ? 7.210   -4.172  4.594   1.00 16.90 ? 80  PHE A CE1 1 
ATOM   633  C CE2 . PHE A 1 80  ? 5.697   -5.663  3.469   1.00 14.91 ? 80  PHE A CE2 1 
ATOM   634  C CZ  . PHE A 1 80  ? 6.215   -4.388  3.646   1.00 13.03 ? 80  PHE A CZ  1 
ATOM   635  N N   . TRP A 1 81  ? 6.103   -7.848  8.648   1.00 14.02 ? 81  TRP A N   1 
ATOM   636  C CA  . TRP A 1 81  ? 4.918   -7.570  9.455   1.00 12.90 ? 81  TRP A CA  1 
ATOM   637  C C   . TRP A 1 81  ? 5.343   -6.963  10.787  1.00 14.13 ? 81  TRP A C   1 
ATOM   638  O O   . TRP A 1 81  ? 4.730   -6.010  11.270  1.00 13.82 ? 81  TRP A O   1 
ATOM   639  C CB  . TRP A 1 81  ? 4.123   -8.852  9.704   1.00 10.92 ? 81  TRP A CB  1 
ATOM   640  C CG  . TRP A 1 81  ? 3.718   -9.568  8.455   1.00 11.05 ? 81  TRP A CG  1 
ATOM   641  C CD1 . TRP A 1 81  ? 3.552   -9.028  7.212   1.00 12.17 ? 81  TRP A CD1 1 
ATOM   642  C CD2 . TRP A 1 81  ? 3.451   -10.967 8.320   1.00 12.32 ? 81  TRP A CD2 1 
ATOM   643  N NE1 . TRP A 1 81  ? 3.200   -10.003 6.312   1.00 11.55 ? 81  TRP A NE1 1 
ATOM   644  C CE2 . TRP A 1 81  ? 3.131   -11.204 6.965   1.00 11.67 ? 81  TRP A CE2 1 
ATOM   645  C CE3 . TRP A 1 81  ? 3.453   -12.046 9.214   1.00 14.20 ? 81  TRP A CE3 1 
ATOM   646  C CZ2 . TRP A 1 81  ? 2.814   -12.477 6.482   1.00 14.22 ? 81  TRP A CZ2 1 
ATOM   647  C CZ3 . TRP A 1 81  ? 3.138   -13.315 8.731   1.00 15.19 ? 81  TRP A CZ3 1 
ATOM   648  C CH2 . TRP A 1 81  ? 2.823   -13.517 7.376   1.00 14.39 ? 81  TRP A CH2 1 
ATOM   649  N N   . SER A 1 82  ? 6.400   -7.516  11.376  1.00 13.62 ? 82  SER A N   1 
ATOM   650  C CA  . SER A 1 82  ? 6.911   -7.021  12.649  1.00 15.96 ? 82  SER A CA  1 
ATOM   651  C C   . SER A 1 82  ? 7.379   -5.573  12.525  1.00 16.65 ? 82  SER A C   1 
ATOM   652  O O   . SER A 1 82  ? 7.116   -4.747  13.397  1.00 16.65 ? 82  SER A O   1 
ATOM   653  C CB  . SER A 1 82  ? 8.073   -7.893  13.126  1.00 17.01 ? 82  SER A CB  1 
ATOM   654  O OG  . SER A 1 82  ? 8.593   -7.405  14.350  1.00 21.17 ? 82  SER A OG  1 
ATOM   655  N N   . HIS A 1 83  ? 8.077   -5.272  11.437  1.00 17.07 ? 83  HIS A N   1 
ATOM   656  C CA  . HIS A 1 83  ? 8.578   -3.924  11.189  1.00 17.51 ? 83  HIS A CA  1 
ATOM   657  C C   . HIS A 1 83  ? 7.427   -2.929  11.014  1.00 15.48 ? 83  HIS A C   1 
ATOM   658  O O   . HIS A 1 83  ? 7.468   -1.825  11.552  1.00 17.59 ? 83  HIS A O   1 
ATOM   659  C CB  . HIS A 1 83  ? 9.465   -3.917  9.935   1.00 19.99 ? 83  HIS A CB  1 
ATOM   660  C CG  . HIS A 1 83  ? 9.990   -2.562  9.570   1.00 25.01 ? 83  HIS A CG  1 
ATOM   661  N ND1 . HIS A 1 83  ? 9.469   -1.813  8.534   1.00 26.41 ? 83  HIS A ND1 1 
ATOM   662  C CD2 . HIS A 1 83  ? 10.974  -1.810  10.117  1.00 24.54 ? 83  HIS A CD2 1 
ATOM   663  C CE1 . HIS A 1 83  ? 10.108  -0.659  8.462   1.00 24.95 ? 83  HIS A CE1 1 
ATOM   664  N NE2 . HIS A 1 83  ? 11.026  -0.632  9.411   1.00 27.13 ? 83  HIS A NE2 1 
ATOM   665  N N   . GLU A 1 84  ? 6.404   -3.323  10.262  1.00 13.89 ? 84  GLU A N   1 
ATOM   666  C CA  . GLU A 1 84  ? 5.258   -2.449  10.015  1.00 13.34 ? 84  GLU A CA  1 
ATOM   667  C C   . GLU A 1 84  ? 4.448   -2.191  11.280  1.00 13.21 ? 84  GLU A C   1 
ATOM   668  O O   . GLU A 1 84  ? 3.937   -1.090  11.480  1.00 11.31 ? 84  GLU A O   1 
ATOM   669  C CB  . GLU A 1 84  ? 4.354   -3.047  8.937   1.00 12.84 ? 84  GLU A CB  1 
ATOM   670  C CG  . GLU A 1 84  ? 4.896   -2.893  7.515   1.00 13.04 ? 84  GLU A CG  1 
ATOM   671  C CD  . GLU A 1 84  ? 5.214   -1.451  7.154   1.00 15.54 ? 84  GLU A CD  1 
ATOM   672  O OE1 . GLU A 1 84  ? 4.324   -0.589  7.287   1.00 15.40 ? 84  GLU A OE1 1 
ATOM   673  O OE2 . GLU A 1 84  ? 6.357   -1.179  6.736   1.00 19.57 ? 84  GLU A OE2 1 
ATOM   674  N N   . TRP A 1 85  ? 4.328   -3.205  12.133  1.00 13.68 ? 85  TRP A N   1 
ATOM   675  C CA  . TRP A 1 85  ? 3.584   -3.045  13.378  1.00 12.75 ? 85  TRP A CA  1 
ATOM   676  C C   . TRP A 1 85  ? 4.298   -2.063  14.315  1.00 12.74 ? 85  TRP A C   1 
ATOM   677  O O   . TRP A 1 85  ? 3.693   -1.118  14.819  1.00 13.88 ? 85  TRP A O   1 
ATOM   678  C CB  . TRP A 1 85  ? 3.411   -4.394  14.094  1.00 11.49 ? 85  TRP A CB  1 
ATOM   679  C CG  . TRP A 1 85  ? 2.878   -4.220  15.491  1.00 9.22  ? 85  TRP A CG  1 
ATOM   680  C CD1 . TRP A 1 85  ? 3.587   -4.300  16.655  1.00 10.47 ? 85  TRP A CD1 1 
ATOM   681  C CD2 . TRP A 1 85  ? 1.548   -3.825  15.856  1.00 10.96 ? 85  TRP A CD2 1 
ATOM   682  N NE1 . TRP A 1 85  ? 2.781   -3.972  17.723  1.00 13.06 ? 85  TRP A NE1 1 
ATOM   683  C CE2 . TRP A 1 85  ? 1.527   -3.674  17.261  1.00 11.26 ? 85  TRP A CE2 1 
ATOM   684  C CE3 . TRP A 1 85  ? 0.375   -3.576  15.133  1.00 11.42 ? 85  TRP A CE3 1 
ATOM   685  C CZ2 . TRP A 1 85  ? 0.372   -3.288  17.960  1.00 11.99 ? 85  TRP A CZ2 1 
ATOM   686  C CZ3 . TRP A 1 85  ? -0.776  -3.189  15.827  1.00 12.15 ? 85  TRP A CZ3 1 
ATOM   687  C CH2 . TRP A 1 85  ? -0.765  -3.050  17.226  1.00 9.82  ? 85  TRP A CH2 1 
ATOM   688  N N   . THR A 1 86  ? 5.589   -2.288  14.532  1.00 13.19 ? 86  THR A N   1 
ATOM   689  C CA  . THR A 1 86  ? 6.389   -1.451  15.423  1.00 16.79 ? 86  THR A CA  1 
ATOM   690  C C   . THR A 1 86  ? 6.546   -0.006  14.951  1.00 15.71 ? 86  THR A C   1 
ATOM   691  O O   . THR A 1 86  ? 6.576   0.923   15.762  1.00 15.91 ? 86  THR A O   1 
ATOM   692  C CB  . THR A 1 86  ? 7.799   -2.065  15.621  1.00 19.42 ? 86  THR A CB  1 
ATOM   693  O OG1 . THR A 1 86  ? 7.669   -3.415  16.084  1.00 22.65 ? 86  THR A OG1 1 
ATOM   694  C CG2 . THR A 1 86  ? 8.598   -1.267  16.638  1.00 21.18 ? 86  THR A CG2 1 
ATOM   695  N N   . LYS A 1 87  ? 6.639   0.181   13.640  1.00 14.23 ? 87  LYS A N   1 
ATOM   696  C CA  . LYS A 1 87  ? 6.816   1.508   13.078  1.00 13.86 ? 87  LYS A CA  1 
ATOM   697  C C   . LYS A 1 87  ? 5.519   2.282   12.858  1.00 13.62 ? 87  LYS A C   1 
ATOM   698  O O   . LYS A 1 87  ? 5.494   3.499   13.013  1.00 14.14 ? 87  LYS A O   1 
ATOM   699  C CB  . LYS A 1 87  ? 7.579   1.403   11.757  1.00 17.34 ? 87  LYS A CB  1 
ATOM   700  C CG  . LYS A 1 87  ? 7.864   2.737   11.093  1.00 22.90 ? 87  LYS A CG  1 
ATOM   701  C CD  . LYS A 1 87  ? 8.762   2.559   9.875   1.00 29.45 ? 87  LYS A CD  1 
ATOM   702  C CE  . LYS A 1 87  ? 9.049   3.890   9.190   1.00 32.69 ? 87  LYS A CE  1 
ATOM   703  N NZ  . LYS A 1 87  ? 9.113   3.762   7.698   1.00 35.71 ? 87  LYS A NZ  1 
ATOM   704  N N   . HIS A 1 88  ? 4.444   1.582   12.506  1.00 12.64 ? 88  HIS A N   1 
ATOM   705  C CA  . HIS A 1 88  ? 3.166   2.235   12.233  1.00 11.43 ? 88  HIS A CA  1 
ATOM   706  C C   . HIS A 1 88  ? 1.994   1.768   13.085  1.00 12.59 ? 88  HIS A C   1 
ATOM   707  O O   . HIS A 1 88  ? 1.248   2.589   13.624  1.00 12.08 ? 88  HIS A O   1 
ATOM   708  C CB  . HIS A 1 88  ? 2.784   2.043   10.762  1.00 11.94 ? 88  HIS A CB  1 
ATOM   709  C CG  . HIS A 1 88  ? 3.755   2.646   9.797   1.00 14.15 ? 88  HIS A CG  1 
ATOM   710  N ND1 . HIS A 1 88  ? 3.752   3.985   9.479   1.00 15.16 ? 88  HIS A ND1 1 
ATOM   711  C CD2 . HIS A 1 88  ? 4.758   2.091   9.078   1.00 14.92 ? 88  HIS A CD2 1 
ATOM   712  C CE1 . HIS A 1 88  ? 4.712   4.232   8.605   1.00 14.79 ? 88  HIS A CE1 1 
ATOM   713  N NE2 . HIS A 1 88  ? 5.338   3.098   8.345   1.00 15.69 ? 88  HIS A NE2 1 
ATOM   714  N N   . GLY A 1 89  ? 1.829   0.449   13.180  1.00 9.69  ? 89  GLY A N   1 
ATOM   715  C CA  . GLY A 1 89  ? 0.723   -0.128  13.928  1.00 10.20 ? 89  GLY A CA  1 
ATOM   716  C C   . GLY A 1 89  ? 0.566   0.319   15.368  1.00 9.39  ? 89  GLY A C   1 
ATOM   717  O O   . GLY A 1 89  ? -0.553  0.496   15.854  1.00 10.34 ? 89  GLY A O   1 
ATOM   718  N N   . THR A 1 90  ? 1.680   0.497   16.059  1.00 11.68 ? 90  THR A N   1 
ATOM   719  C CA  . THR A 1 90  ? 1.629   0.922   17.446  1.00 13.06 ? 90  THR A CA  1 
ATOM   720  C C   . THR A 1 90  ? 0.969   2.284   17.600  1.00 13.35 ? 90  THR A C   1 
ATOM   721  O O   . THR A 1 90  ? 0.414   2.592   18.653  1.00 14.01 ? 90  THR A O   1 
ATOM   722  C CB  . THR A 1 90  ? 3.032   0.989   18.059  1.00 13.91 ? 90  THR A CB  1 
ATOM   723  O OG1 . THR A 1 90  ? 3.910   1.708   17.183  1.00 16.28 ? 90  THR A OG1 1 
ATOM   724  C CG2 . THR A 1 90  ? 3.563   -0.418  18.294  1.00 15.01 ? 90  THR A CG2 1 
ATOM   725  N N   . CYS A 1 91  ? 1.007   3.090   16.545  1.00 11.51 ? 91  CYS A N   1 
ATOM   726  C CA  . CYS A 1 91  ? 0.419   4.423   16.607  1.00 11.90 ? 91  CYS A CA  1 
ATOM   727  C C   . CYS A 1 91  ? -1.106  4.465   16.578  1.00 11.36 ? 91  CYS A C   1 
ATOM   728  O O   . CYS A 1 91  ? -1.695  5.526   16.780  1.00 14.30 ? 91  CYS A O   1 
ATOM   729  C CB  . CYS A 1 91  ? 1.000   5.295   15.495  1.00 13.34 ? 91  CYS A CB  1 
ATOM   730  S SG  . CYS A 1 91  ? 2.774   5.609   15.740  1.00 14.87 ? 91  CYS A SG  1 
ATOM   731  N N   . SER A 1 92  ? -1.752  3.329   16.324  1.00 10.55 ? 92  SER A N   1 
ATOM   732  C CA  . SER A 1 92  ? -3.212  3.287   16.342  1.00 11.39 ? 92  SER A CA  1 
ATOM   733  C C   . SER A 1 92  ? -3.707  2.225   17.340  1.00 11.64 ? 92  SER A C   1 
ATOM   734  O O   . SER A 1 92  ? -4.888  1.871   17.353  1.00 10.73 ? 92  SER A O   1 
ATOM   735  C CB  . SER A 1 92  ? -3.784  3.010   14.937  1.00 10.91 ? 92  SER A CB  1 
ATOM   736  O OG  . SER A 1 92  ? -3.116  1.959   14.264  1.00 11.99 ? 92  SER A OG  1 
ATOM   737  N N   . GLU A 1 93  ? -2.794  1.745   18.186  1.00 13.22 ? 93  GLU A N   1 
ATOM   738  C CA  . GLU A 1 93  ? -3.097  0.709   19.182  1.00 15.24 ? 93  GLU A CA  1 
ATOM   739  C C   . GLU A 1 93  ? -4.120  1.100   20.251  1.00 14.94 ? 93  GLU A C   1 
ATOM   740  O O   . GLU A 1 93  ? -4.744  0.234   20.868  1.00 13.69 ? 93  GLU A O   1 
ATOM   741  C CB  . GLU A 1 93  ? -1.806  0.247   19.867  1.00 15.93 ? 93  GLU A CB  1 
ATOM   742  C CG  . GLU A 1 93  ? -2.011  -0.899  20.852  1.00 19.58 ? 93  GLU A CG  1 
ATOM   743  C CD  . GLU A 1 93  ? -0.732  -1.649  21.168  1.00 19.39 ? 93  GLU A CD  1 
ATOM   744  O OE1 . GLU A 1 93  ? 0.339   -1.016  21.221  1.00 19.49 ? 93  GLU A OE1 1 
ATOM   745  O OE2 . GLU A 1 93  ? -0.803  -2.879  21.367  1.00 24.47 ? 93  GLU A OE2 1 
ATOM   746  N N   . SER A 1 94  ? -4.299  2.396   20.467  1.00 15.25 ? 94  SER A N   1 
ATOM   747  C CA  . SER A 1 94  ? -5.254  2.864   21.465  1.00 17.41 ? 94  SER A CA  1 
ATOM   748  C C   . SER A 1 94  ? -6.678  2.429   21.122  1.00 17.85 ? 94  SER A C   1 
ATOM   749  O O   . SER A 1 94  ? -7.537  2.359   22.004  1.00 18.93 ? 94  SER A O   1 
ATOM   750  C CB  . SER A 1 94  ? -5.189  4.393   21.601  1.00 18.71 ? 94  SER A CB  1 
ATOM   751  O OG  . SER A 1 94  ? -5.538  5.042   20.388  1.00 22.36 ? 94  SER A OG  1 
ATOM   752  N N   . THR A 1 95  ? -6.939  2.139   19.847  1.00 15.89 ? 95  THR A N   1 
ATOM   753  C CA  . THR A 1 95  ? -8.272  1.695   19.453  1.00 17.08 ? 95  THR A CA  1 
ATOM   754  C C   . THR A 1 95  ? -8.276  0.401   18.638  1.00 14.97 ? 95  THR A C   1 
ATOM   755  O O   . THR A 1 95  ? -9.298  -0.276  18.562  1.00 15.88 ? 95  THR A O   1 
ATOM   756  C CB  . THR A 1 95  ? -9.055  2.800   18.679  1.00 20.62 ? 95  THR A CB  1 
ATOM   757  O OG1 . THR A 1 95  ? -8.431  3.056   17.421  1.00 25.70 ? 95  THR A OG1 1 
ATOM   758  C CG2 . THR A 1 95  ? -9.087  4.084   19.483  1.00 23.42 ? 95  THR A CG2 1 
ATOM   759  N N   . PHE A 1 96  ? -7.140  0.052   18.035  1.00 13.32 ? 96  PHE A N   1 
ATOM   760  C CA  . PHE A 1 96  ? -7.037  -1.181  17.248  1.00 12.75 ? 96  PHE A CA  1 
ATOM   761  C C   . PHE A 1 96  ? -5.892  -2.028  17.791  1.00 12.95 ? 96  PHE A C   1 
ATOM   762  O O   . PHE A 1 96  ? -4.723  -1.654  17.662  1.00 12.34 ? 96  PHE A O   1 
ATOM   763  C CB  . PHE A 1 96  ? -6.755  -0.868  15.768  1.00 12.79 ? 96  PHE A CB  1 
ATOM   764  C CG  . PHE A 1 96  ? -7.893  -0.195  15.058  1.00 12.46 ? 96  PHE A CG  1 
ATOM   765  C CD1 . PHE A 1 96  ? -8.945  -0.941  14.543  1.00 11.76 ? 96  PHE A CD1 1 
ATOM   766  C CD2 . PHE A 1 96  ? -7.916  1.189   14.912  1.00 12.74 ? 96  PHE A CD2 1 
ATOM   767  C CE1 . PHE A 1 96  ? -10.007 -0.318  13.894  1.00 13.84 ? 96  PHE A CE1 1 
ATOM   768  C CE2 . PHE A 1 96  ? -8.975  1.821   14.263  1.00 12.67 ? 96  PHE A CE2 1 
ATOM   769  C CZ  . PHE A 1 96  ? -10.020 1.065   13.756  1.00 11.47 ? 96  PHE A CZ  1 
ATOM   770  N N   . ASN A 1 97  ? -6.208  -3.160  18.413  1.00 12.05 ? 97  ASN A N   1 
ATOM   771  C CA  . ASN A 1 97  ? -5.142  -4.007  18.933  1.00 11.71 ? 97  ASN A CA  1 
ATOM   772  C C   . ASN A 1 97  ? -4.469  -4.663  17.731  1.00 11.75 ? 97  ASN A C   1 
ATOM   773  O O   . ASN A 1 97  ? -4.958  -4.552  16.606  1.00 11.11 ? 97  ASN A O   1 
ATOM   774  C CB  . ASN A 1 97  ? -5.688  -5.067  19.910  1.00 11.14 ? 97  ASN A CB  1 
ATOM   775  C CG  . ASN A 1 97  ? -6.828  -5.883  19.332  1.00 11.66 ? 97  ASN A CG  1 
ATOM   776  O OD1 . ASN A 1 97  ? -6.739  -6.409  18.229  1.00 13.90 ? 97  ASN A OD1 1 
ATOM   777  N ND2 . ASN A 1 97  ? -7.909  -6.004  20.092  1.00 15.91 ? 97  ASN A ND2 1 
ATOM   778  N N   . GLN A 1 98  ? -3.352  -5.339  17.962  1.00 11.34 ? 98  GLN A N   1 
ATOM   779  C CA  . GLN A 1 98  ? -2.625  -5.973  16.870  1.00 11.32 ? 98  GLN A CA  1 
ATOM   780  C C   . GLN A 1 98  ? -3.457  -6.864  15.949  1.00 11.33 ? 98  GLN A C   1 
ATOM   781  O O   . GLN A 1 98  ? -3.327  -6.782  14.723  1.00 12.39 ? 98  GLN A O   1 
ATOM   782  C CB  . GLN A 1 98  ? -1.443  -6.762  17.420  1.00 12.38 ? 98  GLN A CB  1 
ATOM   783  C CG  . GLN A 1 98  ? -0.405  -7.076  16.367  1.00 14.66 ? 98  GLN A CG  1 
ATOM   784  C CD  . GLN A 1 98  ? 0.511   -8.208  16.777  1.00 16.84 ? 98  GLN A CD  1 
ATOM   785  O OE1 . GLN A 1 98  ? 1.216   -8.109  17.777  1.00 14.68 ? 98  GLN A OE1 1 
ATOM   786  N NE2 . GLN A 1 98  ? 0.506   -9.292  16.001  1.00 18.88 ? 98  GLN A NE2 1 
ATOM   787  N N   . ALA A 1 99  ? -4.311  -7.708  16.523  1.00 8.96  ? 99  ALA A N   1 
ATOM   788  C CA  . ALA A 1 99  ? -5.149  -8.591  15.718  1.00 8.25  ? 99  ALA A CA  1 
ATOM   789  C C   . ALA A 1 99  ? -6.110  -7.808  14.816  1.00 9.36  ? 99  ALA A C   1 
ATOM   790  O O   . ALA A 1 99  ? -6.250  -8.115  13.634  1.00 10.52 ? 99  ALA A O   1 
ATOM   791  C CB  . ALA A 1 99  ? -5.937  -9.527  16.621  1.00 9.59  ? 99  ALA A CB  1 
ATOM   792  N N   . ALA A 1 100 ? -6.775  -6.800  15.370  1.00 8.62  ? 100 ALA A N   1 
ATOM   793  C CA  . ALA A 1 100 ? -7.722  -6.003  14.594  1.00 9.12  ? 100 ALA A CA  1 
ATOM   794  C C   . ALA A 1 100 ? -7.035  -5.163  13.508  1.00 7.14  ? 100 ALA A C   1 
ATOM   795  O O   . ALA A 1 100 ? -7.606  -4.940  12.439  1.00 9.50  ? 100 ALA A O   1 
ATOM   796  C CB  . ALA A 1 100 ? -8.524  -5.099  15.522  1.00 8.50  ? 100 ALA A CB  1 
ATOM   797  N N   . TYR A 1 101 ? -5.818  -4.709  13.795  1.00 8.70  ? 101 TYR A N   1 
ATOM   798  C CA  . TYR A 1 101 ? -5.034  -3.896  12.863  1.00 9.15  ? 101 TYR A CA  1 
ATOM   799  C C   . TYR A 1 101 ? -4.709  -4.670  11.583  1.00 11.51 ? 101 TYR A C   1 
ATOM   800  O O   . TYR A 1 101 ? -4.917  -4.176  10.471  1.00 10.59 ? 101 TYR A O   1 
ATOM   801  C CB  . TYR A 1 101 ? -3.740  -3.442  13.550  1.00 7.32  ? 101 TYR A CB  1 
ATOM   802  C CG  . TYR A 1 101 ? -2.746  -2.741  12.651  1.00 9.76  ? 101 TYR A CG  1 
ATOM   803  C CD1 . TYR A 1 101 ? -2.903  -1.394  12.309  1.00 9.26  ? 101 TYR A CD1 1 
ATOM   804  C CD2 . TYR A 1 101 ? -1.628  -3.420  12.157  1.00 9.05  ? 101 TYR A CD2 1 
ATOM   805  C CE1 . TYR A 1 101 ? -1.969  -0.742  11.498  1.00 7.93  ? 101 TYR A CE1 1 
ATOM   806  C CE2 . TYR A 1 101 ? -0.692  -2.780  11.348  1.00 10.16 ? 101 TYR A CE2 1 
ATOM   807  C CZ  . TYR A 1 101 ? -0.867  -1.443  11.024  1.00 9.60  ? 101 TYR A CZ  1 
ATOM   808  O OH  . TYR A 1 101 ? 0.064   -0.816  10.228  1.00 9.20  ? 101 TYR A OH  1 
ATOM   809  N N   . PHE A 1 102 ? -4.210  -5.892  11.736  1.00 10.23 ? 102 PHE A N   1 
ATOM   810  C CA  . PHE A 1 102 ? -3.867  -6.700  10.572  1.00 9.32  ? 102 PHE A CA  1 
ATOM   811  C C   . PHE A 1 102 ? -5.112  -7.168  9.837   1.00 9.44  ? 102 PHE A C   1 
ATOM   812  O O   . PHE A 1 102 ? -5.095  -7.318  8.618   1.00 10.64 ? 102 PHE A O   1 
ATOM   813  C CB  . PHE A 1 102 ? -2.990  -7.890  10.990  1.00 9.54  ? 102 PHE A CB  1 
ATOM   814  C CG  . PHE A 1 102 ? -1.543  -7.529  11.170  1.00 8.70  ? 102 PHE A CG  1 
ATOM   815  C CD1 . PHE A 1 102 ? -0.674  -7.523  10.080  1.00 10.88 ? 102 PHE A CD1 1 
ATOM   816  C CD2 . PHE A 1 102 ? -1.057  -7.141  12.416  1.00 6.79  ? 102 PHE A CD2 1 
ATOM   817  C CE1 . PHE A 1 102 ? 0.658   -7.130  10.228  1.00 9.50  ? 102 PHE A CE1 1 
ATOM   818  C CE2 . PHE A 1 102 ? 0.270   -6.748  12.578  1.00 9.19  ? 102 PHE A CE2 1 
ATOM   819  C CZ  . PHE A 1 102 ? 1.131   -6.740  11.480  1.00 11.30 ? 102 PHE A CZ  1 
ATOM   820  N N   . LYS A 1 103 ? -6.200  -7.388  10.573  1.00 10.29 ? 103 LYS A N   1 
ATOM   821  C CA  . LYS A 1 103 ? -7.454  -7.809  9.958   1.00 10.18 ? 103 LYS A CA  1 
ATOM   822  C C   . LYS A 1 103 ? -7.972  -6.645  9.105   1.00 9.85  ? 103 LYS A C   1 
ATOM   823  O O   . LYS A 1 103 ? -8.492  -6.845  8.007   1.00 9.73  ? 103 LYS A O   1 
ATOM   824  C CB  . LYS A 1 103 ? -8.474  -8.177  11.039  1.00 11.50 ? 103 LYS A CB  1 
ATOM   825  C CG  . LYS A 1 103 ? -9.897  -8.361  10.535  1.00 15.83 ? 103 LYS A CG  1 
ATOM   826  C CD  . LYS A 1 103 ? -10.080 -9.674  9.807   1.00 19.46 ? 103 LYS A CD  1 
ATOM   827  C CE  . LYS A 1 103 ? -11.554 -9.948  9.539   1.00 23.18 ? 103 LYS A CE  1 
ATOM   828  N NZ  . LYS A 1 103 ? -11.756 -10.685 8.255   1.00 27.41 ? 103 LYS A NZ  1 
ATOM   829  N N   . LEU A 1 104 ? -7.814  -5.428  9.619   1.00 10.30 ? 104 LEU A N   1 
ATOM   830  C CA  . LEU A 1 104 ? -8.242  -4.229  8.907   1.00 9.92  ? 104 LEU A CA  1 
ATOM   831  C C   . LEU A 1 104 ? -7.545  -4.157  7.548   1.00 9.35  ? 104 LEU A C   1 
ATOM   832  O O   . LEU A 1 104 ? -8.192  -3.998  6.517   1.00 8.77  ? 104 LEU A O   1 
ATOM   833  C CB  . LEU A 1 104 ? -7.891  -2.991  9.731   1.00 11.40 ? 104 LEU A CB  1 
ATOM   834  C CG  . LEU A 1 104 ? -8.608  -1.680  9.415   1.00 12.81 ? 104 LEU A CG  1 
ATOM   835  C CD1 . LEU A 1 104 ? -10.097 -1.917  9.263   1.00 16.96 ? 104 LEU A CD1 1 
ATOM   836  C CD2 . LEU A 1 104 ? -8.327  -0.689  10.534  1.00 13.73 ? 104 LEU A CD2 1 
ATOM   837  N N   . ALA A 1 105 ? -6.220  -4.282  7.561   1.00 8.49  ? 105 ALA A N   1 
ATOM   838  C CA  . ALA A 1 105 ? -5.430  -4.240  6.336   1.00 9.27  ? 105 ALA A CA  1 
ATOM   839  C C   . ALA A 1 105 ? -5.876  -5.301  5.333   1.00 10.91 ? 105 ALA A C   1 
ATOM   840  O O   . ALA A 1 105 ? -5.996  -5.020  4.144   1.00 9.79  ? 105 ALA A O   1 
ATOM   841  C CB  . ALA A 1 105 ? -3.950  -4.417  6.662   1.00 7.35  ? 105 ALA A CB  1 
ATOM   842  N N   . VAL A 1 106 ? -6.117  -6.522  5.807   1.00 10.32 ? 106 VAL A N   1 
ATOM   843  C CA  . VAL A 1 106 ? -6.548  -7.604  4.926   1.00 10.05 ? 106 VAL A CA  1 
ATOM   844  C C   . VAL A 1 106 ? -7.906  -7.293  4.312   1.00 9.32  ? 106 VAL A C   1 
ATOM   845  O O   . VAL A 1 106 ? -8.111  -7.483  3.114   1.00 8.96  ? 106 VAL A O   1 
ATOM   846  C CB  . VAL A 1 106 ? -6.613  -8.958  5.689   1.00 10.44 ? 106 VAL A CB  1 
ATOM   847  C CG1 . VAL A 1 106 ? -7.371  -9.996  4.873   1.00 12.27 ? 106 VAL A CG1 1 
ATOM   848  C CG2 . VAL A 1 106 ? -5.210  -9.443  5.982   1.00 11.06 ? 106 VAL A CG2 1 
ATOM   849  N N   . ASP A 1 107 ? -8.828  -6.801  5.132   1.00 10.26 ? 107 ASP A N   1 
ATOM   850  C CA  . ASP A 1 107 ? -10.164 -6.460  4.656   1.00 12.12 ? 107 ASP A CA  1 
ATOM   851  C C   . ASP A 1 107 ? -10.091 -5.331  3.635   1.00 10.72 ? 107 ASP A C   1 
ATOM   852  O O   . ASP A 1 107 ? -10.776 -5.360  2.612   1.00 10.92 ? 107 ASP A O   1 
ATOM   853  C CB  . ASP A 1 107 ? -11.050 -6.030  5.824   1.00 13.03 ? 107 ASP A CB  1 
ATOM   854  C CG  . ASP A 1 107 ? -11.619 -7.209  6.597   1.00 16.18 ? 107 ASP A CG  1 
ATOM   855  O OD1 . ASP A 1 107 ? -11.478 -8.368  6.148   1.00 15.72 ? 107 ASP A OD1 1 
ATOM   856  O OD2 . ASP A 1 107 ? -12.215 -6.962  7.662   1.00 18.72 ? 107 ASP A OD2 1 
ATOM   857  N N   . MET A 1 108 ? -9.264  -4.332  3.921   1.00 9.66  ? 108 MET A N   1 
ATOM   858  C CA  . MET A 1 108 ? -9.105  -3.201  3.019   1.00 9.23  ? 108 MET A CA  1 
ATOM   859  C C   . MET A 1 108 ? -8.620  -3.692  1.657   1.00 10.26 ? 108 MET A C   1 
ATOM   860  O O   . MET A 1 108 ? -9.139  -3.278  0.622   1.00 11.08 ? 108 MET A O   1 
ATOM   861  C CB  . MET A 1 108 ? -8.099  -2.210  3.598   1.00 6.20  ? 108 MET A CB  1 
ATOM   862  C CG  . MET A 1 108 ? -8.683  -1.290  4.653   1.00 5.71  ? 108 MET A CG  1 
ATOM   863  S SD  . MET A 1 108 ? -7.431  -0.332  5.441   1.00 9.71  ? 108 MET A SD  1 
ATOM   864  C CE  . MET A 1 108 ? -8.422  0.649   6.596   1.00 11.19 ? 108 MET A CE  1 
ATOM   865  N N   . ARG A 1 109 ? -7.625  -4.578  1.669   1.00 9.67  ? 109 ARG A N   1 
ATOM   866  C CA  . ARG A 1 109 ? -7.065  -5.132  0.439   1.00 8.89  ? 109 ARG A CA  1 
ATOM   867  C C   . ARG A 1 109 ? -8.107  -5.903  -0.357  1.00 11.69 ? 109 ARG A C   1 
ATOM   868  O O   . ARG A 1 109 ? -8.174  -5.796  -1.582  1.00 13.18 ? 109 ARG A O   1 
ATOM   869  C CB  . ARG A 1 109 ? -5.883  -6.060  0.750   1.00 9.58  ? 109 ARG A CB  1 
ATOM   870  C CG  . ARG A 1 109 ? -5.373  -6.845  -0.461  1.00 9.86  ? 109 ARG A CG  1 
ATOM   871  C CD  . ARG A 1 109 ? -4.956  -5.903  -1.592  1.00 11.80 ? 109 ARG A CD  1 
ATOM   872  N NE  . ARG A 1 109 ? -4.469  -6.609  -2.776  1.00 8.79  ? 109 ARG A NE  1 
ATOM   873  C CZ  . ARG A 1 109 ? -5.251  -7.143  -3.710  1.00 8.71  ? 109 ARG A CZ  1 
ATOM   874  N NH1 . ARG A 1 109 ? -6.572  -7.063  -3.614  1.00 10.66 ? 109 ARG A NH1 1 
ATOM   875  N NH2 . ARG A 1 109 ? -4.707  -7.756  -4.756  1.00 12.24 ? 109 ARG A NH2 1 
ATOM   876  N N   . ASN A 1 110 ? -8.923  -6.688  0.333   1.00 12.03 ? 110 ASN A N   1 
ATOM   877  C CA  . ASN A 1 110 ? -9.940  -7.460  -0.355  1.00 14.77 ? 110 ASN A CA  1 
ATOM   878  C C   . ASN A 1 110 ? -11.046 -6.563  -0.923  1.00 14.93 ? 110 ASN A C   1 
ATOM   879  O O   . ASN A 1 110 ? -11.767 -6.968  -1.836  1.00 16.63 ? 110 ASN A O   1 
ATOM   880  C CB  . ASN A 1 110 ? -10.533 -8.511  0.594   1.00 17.07 ? 110 ASN A CB  1 
ATOM   881  C CG  . ASN A 1 110 ? -9.621  -9.716  0.774   1.00 20.75 ? 110 ASN A CG  1 
ATOM   882  O OD1 . ASN A 1 110 ? -8.999  -10.185 -0.175  1.00 25.54 ? 110 ASN A OD1 1 
ATOM   883  N ND2 . ASN A 1 110 ? -9.542  -10.222 1.995   1.00 23.62 ? 110 ASN A ND2 1 
ATOM   884  N N   . ASN A 1 111 ? -11.166 -5.342  -0.406  1.00 14.82 ? 111 ASN A N   1 
ATOM   885  C CA  . ASN A 1 111 ? -12.201 -4.415  -0.866  1.00 17.63 ? 111 ASN A CA  1 
ATOM   886  C C   . ASN A 1 111 ? -11.703 -3.286  -1.753  1.00 17.15 ? 111 ASN A C   1 
ATOM   887  O O   . ASN A 1 111 ? -12.469 -2.397  -2.125  1.00 21.23 ? 111 ASN A O   1 
ATOM   888  C CB  . ASN A 1 111 ? -12.931 -3.808  0.326   1.00 21.34 ? 111 ASN A CB  1 
ATOM   889  C CG  . ASN A 1 111 ? -13.905 -4.775  0.957   1.00 27.30 ? 111 ASN A CG  1 
ATOM   890  O OD1 . ASN A 1 111 ? -14.748 -5.358  0.274   1.00 31.31 ? 111 ASN A OD1 1 
ATOM   891  N ND2 . ASN A 1 111 ? -13.796 -4.955  2.267   1.00 31.51 ? 111 ASN A ND2 1 
ATOM   892  N N   . TYR A 1 112 ? -10.422 -3.310  -2.085  1.00 14.52 ? 112 TYR A N   1 
ATOM   893  C CA  . TYR A 1 112 ? -9.851  -2.273  -2.933  1.00 12.38 ? 112 TYR A CA  1 
ATOM   894  C C   . TYR A 1 112 ? -8.990  -2.930  -4.009  1.00 12.11 ? 112 TYR A C   1 
ATOM   895  O O   . TYR A 1 112 ? -7.761  -2.870  -3.964  1.00 12.76 ? 112 TYR A O   1 
ATOM   896  C CB  . TYR A 1 112 ? -9.023  -1.303  -2.084  1.00 10.77 ? 112 TYR A CB  1 
ATOM   897  C CG  . TYR A 1 112 ? -8.926  0.098   -2.662  1.00 14.45 ? 112 TYR A CG  1 
ATOM   898  C CD1 . TYR A 1 112 ? -7.925  0.429   -3.580  1.00 14.09 ? 112 TYR A CD1 1 
ATOM   899  C CD2 . TYR A 1 112 ? -9.829  1.096   -2.285  1.00 13.47 ? 112 TYR A CD2 1 
ATOM   900  C CE1 . TYR A 1 112 ? -7.826  1.723   -4.109  1.00 13.74 ? 112 TYR A CE1 1 
ATOM   901  C CE2 . TYR A 1 112 ? -9.738  2.394   -2.807  1.00 14.75 ? 112 TYR A CE2 1 
ATOM   902  C CZ  . TYR A 1 112 ? -8.734  2.697   -3.719  1.00 14.76 ? 112 TYR A CZ  1 
ATOM   903  O OH  . TYR A 1 112 ? -8.642  3.961   -4.253  1.00 14.30 ? 112 TYR A OH  1 
ATOM   904  N N   . ASP A 1 113 ? -9.656  -3.568  -4.966  1.00 11.72 ? 113 ASP A N   1 
ATOM   905  C CA  . ASP A 1 113 ? -9.000  -4.254  -6.071  1.00 12.70 ? 113 ASP A CA  1 
ATOM   906  C C   . ASP A 1 113 ? -8.653  -3.224  -7.147  1.00 10.79 ? 113 ASP A C   1 
ATOM   907  O O   . ASP A 1 113 ? -9.488  -2.875  -7.980  1.00 11.91 ? 113 ASP A O   1 
ATOM   908  C CB  . ASP A 1 113 ? -9.942  -5.327  -6.634  1.00 14.39 ? 113 ASP A CB  1 
ATOM   909  C CG  . ASP A 1 113 ? -9.319  -6.135  -7.767  1.00 18.38 ? 113 ASP A CG  1 
ATOM   910  O OD1 . ASP A 1 113 ? -8.128  -5.927  -8.088  1.00 19.95 ? 113 ASP A OD1 1 
ATOM   911  O OD2 . ASP A 1 113 ? -10.033 -6.986  -8.342  1.00 22.36 ? 113 ASP A OD2 1 
ATOM   912  N N   . ILE A 1 114 ? -7.413  -2.747  -7.116  1.00 10.92 ? 114 ILE A N   1 
ATOM   913  C CA  . ILE A 1 114 ? -6.936  -1.741  -8.061  1.00 11.07 ? 114 ILE A CA  1 
ATOM   914  C C   . ILE A 1 114 ? -6.949  -2.180  -9.536  1.00 13.61 ? 114 ILE A C   1 
ATOM   915  O O   . ILE A 1 114 ? -7.555  -1.512  -10.378 1.00 13.16 ? 114 ILE A O   1 
ATOM   916  C CB  . ILE A 1 114 ? -5.520  -1.283  -7.667  1.00 8.83  ? 114 ILE A CB  1 
ATOM   917  C CG1 . ILE A 1 114 ? -5.578  -0.565  -6.314  1.00 9.05  ? 114 ILE A CG1 1 
ATOM   918  C CG2 . ILE A 1 114 ? -4.939  -0.370  -8.741  1.00 9.63  ? 114 ILE A CG2 1 
ATOM   919  C CD1 . ILE A 1 114 ? -4.230  -0.423  -5.619  1.00 9.19  ? 114 ILE A CD1 1 
ATOM   920  N N   . ILE A 1 115 ? -6.291  -3.292  -9.857  1.00 13.52 ? 115 ILE A N   1 
ATOM   921  C CA  . ILE A 1 115 ? -6.261  -3.756  -11.239 1.00 13.65 ? 115 ILE A CA  1 
ATOM   922  C C   . ILE A 1 115 ? -7.671  -4.046  -11.749 1.00 14.40 ? 115 ILE A C   1 
ATOM   923  O O   . ILE A 1 115 ? -7.982  -3.812  -12.917 1.00 14.66 ? 115 ILE A O   1 
ATOM   924  C CB  . ILE A 1 115 ? -5.409  -5.030  -11.396 1.00 15.45 ? 115 ILE A CB  1 
ATOM   925  C CG1 . ILE A 1 115 ? -4.043  -4.838  -10.735 1.00 17.97 ? 115 ILE A CG1 1 
ATOM   926  C CG2 . ILE A 1 115 ? -5.242  -5.360  -12.871 1.00 15.91 ? 115 ILE A CG2 1 
ATOM   927  C CD1 . ILE A 1 115 ? -3.106  -3.925  -11.493 1.00 20.40 ? 115 ILE A CD1 1 
ATOM   928  N N   . GLY A 1 116 ? -8.525  -4.554  -10.868 1.00 14.58 ? 116 GLY A N   1 
ATOM   929  C CA  . GLY A 1 116 ? -9.889  -4.862  -11.257 1.00 15.24 ? 116 GLY A CA  1 
ATOM   930  C C   . GLY A 1 116 ? -10.685 -3.620  -11.610 1.00 14.72 ? 116 GLY A C   1 
ATOM   931  O O   . GLY A 1 116 ? -11.623 -3.674  -12.408 1.00 16.98 ? 116 GLY A O   1 
ATOM   932  N N   . ALA A 1 117 ? -10.306 -2.498  -11.010 1.00 13.94 ? 117 ALA A N   1 
ATOM   933  C CA  . ALA A 1 117 ? -10.975 -1.225  -11.256 1.00 14.31 ? 117 ALA A CA  1 
ATOM   934  C C   . ALA A 1 117 ? -10.465 -0.569  -12.539 1.00 15.26 ? 117 ALA A C   1 
ATOM   935  O O   . ALA A 1 117 ? -11.195 0.174   -13.197 1.00 17.13 ? 117 ALA A O   1 
ATOM   936  C CB  . ALA A 1 117 ? -10.749 -0.281  -10.070 1.00 12.88 ? 117 ALA A CB  1 
ATOM   937  N N   . LEU A 1 118 ? -9.215  -0.857  -12.891 1.00 13.75 ? 118 LEU A N   1 
ATOM   938  C CA  . LEU A 1 118 ? -8.579  -0.271  -14.070 1.00 13.50 ? 118 LEU A CA  1 
ATOM   939  C C   . LEU A 1 118 ? -8.709  -1.062  -15.362 1.00 16.58 ? 118 LEU A C   1 
ATOM   940  O O   . LEU A 1 118 ? -8.851  -0.483  -16.439 1.00 16.08 ? 118 LEU A O   1 
ATOM   941  C CB  . LEU A 1 118 ? -7.094  -0.056  -13.794 1.00 11.31 ? 118 LEU A CB  1 
ATOM   942  C CG  . LEU A 1 118 ? -6.759  0.887   -12.642 1.00 12.03 ? 118 LEU A CG  1 
ATOM   943  C CD1 . LEU A 1 118 ? -5.259  0.937   -12.468 1.00 11.76 ? 118 LEU A CD1 1 
ATOM   944  C CD2 . LEU A 1 118 ? -7.327  2.280   -12.923 1.00 12.93 ? 118 LEU A CD2 1 
ATOM   945  N N   . ARG A 1 119 ? -8.650  -2.384  -15.247 1.00 18.31 ? 119 ARG A N   1 
ATOM   946  C CA  . ARG A 1 119 ? -8.716  -3.275  -16.398 1.00 19.84 ? 119 ARG A CA  1 
ATOM   947  C C   . ARG A 1 119 ? -9.810  -3.005  -17.433 1.00 18.54 ? 119 ARG A C   1 
ATOM   948  O O   . ARG A 1 119 ? -9.532  -2.986  -18.631 1.00 22.20 ? 119 ARG A O   1 
ATOM   949  C CB  . ARG A 1 119 ? -8.819  -4.724  -15.917 1.00 23.07 ? 119 ARG A CB  1 
ATOM   950  C CG  . ARG A 1 119 ? -8.701  -5.753  -17.025 1.00 28.73 ? 119 ARG A CG  1 
ATOM   951  C CD  . ARG A 1 119 ? -9.355  -7.063  -16.625 1.00 31.36 ? 119 ARG A CD  1 
ATOM   952  N NE  . ARG A 1 119 ? -8.800  -7.573  -15.374 1.00 33.17 ? 119 ARG A NE  1 
ATOM   953  C CZ  . ARG A 1 119 ? -9.502  -7.734  -14.257 1.00 34.04 ? 119 ARG A CZ  1 
ATOM   954  N NH1 . ARG A 1 119 ? -10.792 -7.425  -14.232 1.00 34.59 ? 119 ARG A NH1 1 
ATOM   955  N NH2 . ARG A 1 119 ? -8.910  -8.195  -13.162 1.00 32.99 ? 119 ARG A NH2 1 
ATOM   956  N N   . PRO A 1 120 ? -11.059 -2.778  -16.994 1.00 17.45 ? 120 PRO A N   1 
ATOM   957  C CA  . PRO A 1 120 ? -12.153 -2.524  -17.943 1.00 17.49 ? 120 PRO A CA  1 
ATOM   958  C C   . PRO A 1 120 ? -12.060 -1.232  -18.755 1.00 17.60 ? 120 PRO A C   1 
ATOM   959  O O   . PRO A 1 120 ? -12.685 -1.113  -19.809 1.00 18.76 ? 120 PRO A O   1 
ATOM   960  C CB  . PRO A 1 120 ? -13.416 -2.551  -17.071 1.00 18.39 ? 120 PRO A CB  1 
ATOM   961  C CG  . PRO A 1 120 ? -12.973 -3.040  -15.717 1.00 20.24 ? 120 PRO A CG  1 
ATOM   962  C CD  . PRO A 1 120 ? -11.520 -2.731  -15.597 1.00 17.78 ? 120 PRO A CD  1 
ATOM   963  N N   . HIS A 1 121 ? -11.288 -0.268  -18.268 1.00 16.42 ? 121 HIS A N   1 
ATOM   964  C CA  . HIS A 1 121 ? -11.153 1.007   -18.958 1.00 16.80 ? 121 HIS A CA  1 
ATOM   965  C C   . HIS A 1 121 ? -9.840  1.091   -19.710 1.00 16.42 ? 121 HIS A C   1 
ATOM   966  O O   . HIS A 1 121 ? -9.379  2.182   -20.049 1.00 18.41 ? 121 HIS A O   1 
ATOM   967  C CB  . HIS A 1 121 ? -11.244 2.153   -17.955 1.00 15.42 ? 121 HIS A CB  1 
ATOM   968  C CG  . HIS A 1 121 ? -12.375 2.014   -16.988 1.00 16.79 ? 121 HIS A CG  1 
ATOM   969  N ND1 . HIS A 1 121 ? -13.690 1.917   -17.390 1.00 17.71 ? 121 HIS A ND1 1 
ATOM   970  C CD2 . HIS A 1 121 ? -12.387 1.938   -15.636 1.00 16.67 ? 121 HIS A CD2 1 
ATOM   971  C CE1 . HIS A 1 121 ? -14.465 1.790   -16.327 1.00 20.43 ? 121 HIS A CE1 1 
ATOM   972  N NE2 . HIS A 1 121 ? -13.699 1.799   -15.251 1.00 19.64 ? 121 HIS A NE2 1 
ATOM   973  N N   . ALA A 1 122 ? -9.242  -0.068  -19.963 1.00 17.53 ? 122 ALA A N   1 
ATOM   974  C CA  . ALA A 1 122 ? -7.976  -0.148  -20.678 1.00 16.11 ? 122 ALA A CA  1 
ATOM   975  C C   . ALA A 1 122 ? -6.854  0.589   -19.948 1.00 17.32 ? 122 ALA A C   1 
ATOM   976  O O   . ALA A 1 122 ? -5.914  1.073   -20.580 1.00 18.39 ? 122 ALA A O   1 
ATOM   977  C CB  . ALA A 1 122 ? -8.143  0.413   -22.085 1.00 18.15 ? 122 ALA A CB  1 
ATOM   978  N N   . ALA A 1 123 ? -6.942  0.659   -18.621 1.00 16.18 ? 123 ALA A N   1 
ATOM   979  C CA  . ALA A 1 123 ? -5.930  1.348   -17.824 1.00 16.31 ? 123 ALA A CA  1 
ATOM   980  C C   . ALA A 1 123 ? -5.049  0.399   -16.995 1.00 16.71 ? 123 ALA A C   1 
ATOM   981  O O   . ALA A 1 123 ? -4.307  0.834   -16.110 1.00 15.66 ? 123 ALA A O   1 
ATOM   982  C CB  . ALA A 1 123 ? -6.601  2.375   -16.916 1.00 16.09 ? 123 ALA A CB  1 
ATOM   983  N N   . GLY A 1 124 ? -5.132  -0.895  -17.293 1.00 16.61 ? 124 GLY A N   1 
ATOM   984  C CA  . GLY A 1 124 ? -4.320  -1.872  -16.586 1.00 19.26 ? 124 GLY A CA  1 
ATOM   985  C C   . GLY A 1 124 ? -2.839  -1.699  -16.894 1.00 20.60 ? 124 GLY A C   1 
ATOM   986  O O   . GLY A 1 124 ? -2.481  -0.988  -17.838 1.00 21.53 ? 124 GLY A O   1 
ATOM   987  N N   . PRO A 1 125 ? -1.944  -2.342  -16.125 1.00 20.20 ? 125 PRO A N   1 
ATOM   988  C CA  . PRO A 1 125 ? -0.506  -2.204  -16.379 1.00 20.65 ? 125 PRO A CA  1 
ATOM   989  C C   . PRO A 1 125 ? -0.044  -2.869  -17.674 1.00 22.60 ? 125 PRO A C   1 
ATOM   990  O O   . PRO A 1 125 ? -0.446  -3.993  -17.987 1.00 22.93 ? 125 PRO A O   1 
ATOM   991  C CB  . PRO A 1 125 ? 0.137   -2.844  -15.150 1.00 21.17 ? 125 PRO A CB  1 
ATOM   992  C CG  . PRO A 1 125 ? -0.870  -3.849  -14.695 1.00 19.88 ? 125 PRO A CG  1 
ATOM   993  C CD  . PRO A 1 125 ? -2.218  -3.239  -14.988 1.00 20.40 ? 125 PRO A CD  1 
ATOM   994  N N   . ASN A 1 126 ? 0.804   -2.163  -18.417 1.00 23.25 ? 126 ASN A N   1 
ATOM   995  C CA  . ASN A 1 126 ? 1.347   -2.670  -19.677 1.00 23.67 ? 126 ASN A CA  1 
ATOM   996  C C   . ASN A 1 126 ? 2.707   -2.040  -20.004 1.00 23.88 ? 126 ASN A C   1 
ATOM   997  O O   . ASN A 1 126 ? 3.157   -2.073  -21.150 1.00 27.70 ? 126 ASN A O   1 
ATOM   998  C CB  . ASN A 1 126 ? 0.357   -2.427  -20.829 1.00 22.73 ? 126 ASN A CB  1 
ATOM   999  C CG  . ASN A 1 126 ? 0.054   -0.953  -21.048 1.00 23.70 ? 126 ASN A CG  1 
ATOM   1000 O OD1 . ASN A 1 126 ? 0.760   -0.077  -20.550 1.00 24.59 ? 126 ASN A OD1 1 
ATOM   1001 N ND2 . ASN A 1 126 ? -1.006  -0.675  -21.797 1.00 25.97 ? 126 ASN A ND2 1 
ATOM   1002 N N   . GLY A 1 127 ? 3.353   -1.468  -18.989 1.00 22.19 ? 127 GLY A N   1 
ATOM   1003 C CA  . GLY A 1 127 ? 4.657   -0.856  -19.173 1.00 21.69 ? 127 GLY A CA  1 
ATOM   1004 C C   . GLY A 1 127 ? 4.662   0.384   -20.049 1.00 22.93 ? 127 GLY A C   1 
ATOM   1005 O O   . GLY A 1 127 ? 5.712   0.786   -20.550 1.00 22.42 ? 127 GLY A O   1 
ATOM   1006 N N   . ARG A 1 128 ? 3.498   0.992   -20.235 1.00 24.09 ? 128 ARG A N   1 
ATOM   1007 C CA  . ARG A 1 128 ? 3.386   2.195   -21.054 1.00 26.48 ? 128 ARG A CA  1 
ATOM   1008 C C   . ARG A 1 128 ? 2.971   3.407   -20.224 1.00 25.58 ? 128 ARG A C   1 
ATOM   1009 O O   . ARG A 1 128 ? 2.630   3.283   -19.045 1.00 22.36 ? 128 ARG A O   1 
ATOM   1010 C CB  . ARG A 1 128 ? 2.382   1.973   -22.186 1.00 32.21 ? 128 ARG A CB  1 
ATOM   1011 C CG  . ARG A 1 128 ? 2.995   1.358   -23.434 1.00 41.38 ? 128 ARG A CG  1 
ATOM   1012 C CD  . ARG A 1 128 ? 2.227   1.756   -24.686 1.00 50.41 ? 128 ARG A CD  1 
ATOM   1013 N NE  . ARG A 1 128 ? 1.706   0.587   -25.391 1.00 59.45 ? 128 ARG A NE  1 
ATOM   1014 C CZ  . ARG A 1 128 ? 2.466   -0.357  -25.941 1.00 63.60 ? 128 ARG A CZ  1 
ATOM   1015 N NH1 . ARG A 1 128 ? 3.791   -0.272  -25.870 1.00 66.00 ? 128 ARG A NH1 1 
ATOM   1016 N NH2 . ARG A 1 128 ? 1.903   -1.388  -26.559 1.00 65.44 ? 128 ARG A NH2 1 
ATOM   1017 N N   . THR A 1 129 ? 2.998   4.577   -20.858 1.00 22.94 ? 129 THR A N   1 
ATOM   1018 C CA  . THR A 1 129 ? 2.649   5.830   -20.197 1.00 21.97 ? 129 THR A CA  1 
ATOM   1019 C C   . THR A 1 129 ? 1.173   5.944   -19.826 1.00 19.79 ? 129 THR A C   1 
ATOM   1020 O O   . THR A 1 129 ? 0.291   5.599   -20.613 1.00 19.71 ? 129 THR A O   1 
ATOM   1021 C CB  . THR A 1 129 ? 3.041   7.041   -21.083 1.00 22.22 ? 129 THR A CB  1 
ATOM   1022 O OG1 . THR A 1 129 ? 4.410   6.905   -21.485 1.00 26.27 ? 129 THR A OG1 1 
ATOM   1023 C CG2 . THR A 1 129 ? 2.885   8.348   -20.319 1.00 21.02 ? 129 THR A CG2 1 
ATOM   1024 N N   . LYS A 1 130 ? 0.921   6.425   -18.610 1.00 17.49 ? 130 LYS A N   1 
ATOM   1025 C CA  . LYS A 1 130 ? -0.431  6.618   -18.100 1.00 16.50 ? 130 LYS A CA  1 
ATOM   1026 C C   . LYS A 1 130 ? -0.553  8.032   -17.536 1.00 14.56 ? 130 LYS A C   1 
ATOM   1027 O O   . LYS A 1 130 ? 0.432   8.630   -17.108 1.00 14.46 ? 130 LYS A O   1 
ATOM   1028 C CB  . LYS A 1 130 ? -0.745  5.605   -16.992 1.00 17.09 ? 130 LYS A CB  1 
ATOM   1029 C CG  . LYS A 1 130 ? -0.684  4.151   -17.437 1.00 18.81 ? 130 LYS A CG  1 
ATOM   1030 C CD  . LYS A 1 130 ? -1.988  3.702   -18.063 1.00 20.07 ? 130 LYS A CD  1 
ATOM   1031 C CE  . LYS A 1 130 ? -2.109  2.186   -18.044 1.00 20.27 ? 130 LYS A CE  1 
ATOM   1032 N NZ  . LYS A 1 130 ? -0.963  1.532   -18.729 1.00 19.00 ? 130 LYS A NZ  1 
ATOM   1033 N N   . SER A 1 131 ? -1.769  8.559   -17.533 1.00 15.33 ? 131 SER A N   1 
ATOM   1034 C CA  . SER A 1 131 ? -2.020  9.900   -17.016 1.00 15.97 ? 131 SER A CA  1 
ATOM   1035 C C   . SER A 1 131 ? -2.487  9.853   -15.557 1.00 14.20 ? 131 SER A C   1 
ATOM   1036 O O   . SER A 1 131 ? -3.382  9.086   -15.213 1.00 15.66 ? 131 SER A O   1 
ATOM   1037 C CB  . SER A 1 131 ? -3.083  10.590  -17.877 1.00 14.90 ? 131 SER A CB  1 
ATOM   1038 O OG  . SER A 1 131 ? -3.864  11.481  -17.108 1.00 16.98 ? 131 SER A OG  1 
ATOM   1039 N N   . ARG A 1 132 ? -1.876  10.671  -14.706 1.00 14.10 ? 132 ARG A N   1 
ATOM   1040 C CA  . ARG A 1 132 ? -2.243  10.733  -13.291 1.00 15.75 ? 132 ARG A CA  1 
ATOM   1041 C C   . ARG A 1 132 ? -3.731  11.040  -13.123 1.00 16.30 ? 132 ARG A C   1 
ATOM   1042 O O   . ARG A 1 132 ? -4.415  10.440  -12.287 1.00 14.44 ? 132 ARG A O   1 
ATOM   1043 C CB  . ARG A 1 132 ? -1.414  11.805  -12.577 1.00 15.82 ? 132 ARG A CB  1 
ATOM   1044 C CG  . ARG A 1 132 ? -1.745  11.966  -11.101 1.00 18.63 ? 132 ARG A CG  1 
ATOM   1045 C CD  . ARG A 1 132 ? -0.971  13.115  -10.472 1.00 21.75 ? 132 ARG A CD  1 
ATOM   1046 N NE  . ARG A 1 132 ? -1.324  14.397  -11.074 1.00 26.61 ? 132 ARG A NE  1 
ATOM   1047 C CZ  . ARG A 1 132 ? -0.594  15.503  -10.964 1.00 29.77 ? 132 ARG A CZ  1 
ATOM   1048 N NH1 . ARG A 1 132 ? 0.538   15.491  -10.271 1.00 30.43 ? 132 ARG A NH1 1 
ATOM   1049 N NH2 . ARG A 1 132 ? -0.992  16.623  -11.558 1.00 30.91 ? 132 ARG A NH2 1 
ATOM   1050 N N   . GLN A 1 133 ? -4.230  11.977  -13.924 1.00 17.55 ? 133 GLN A N   1 
ATOM   1051 C CA  . GLN A 1 133 ? -5.634  12.372  -13.870 1.00 18.68 ? 133 GLN A CA  1 
ATOM   1052 C C   . GLN A 1 133 ? -6.558  11.223  -14.256 1.00 15.54 ? 133 GLN A C   1 
ATOM   1053 O O   . GLN A 1 133 ? -7.605  11.022  -13.640 1.00 15.41 ? 133 GLN A O   1 
ATOM   1054 C CB  . GLN A 1 133 ? -5.889  13.558  -14.809 1.00 22.03 ? 133 GLN A CB  1 
ATOM   1055 C CG  . GLN A 1 133 ? -5.519  14.906  -14.222 1.00 30.32 ? 133 GLN A CG  1 
ATOM   1056 C CD  . GLN A 1 133 ? -5.846  16.055  -15.158 1.00 35.94 ? 133 GLN A CD  1 
ATOM   1057 O OE1 . GLN A 1 133 ? -6.952  16.136  -15.700 1.00 36.98 ? 133 GLN A OE1 1 
ATOM   1058 N NE2 . GLN A 1 133 ? -4.882  16.948  -15.357 1.00 39.43 ? 133 GLN A NE2 1 
ATOM   1059 N N   . ALA A 1 134 ? -6.175  10.471  -15.283 1.00 13.13 ? 134 ALA A N   1 
ATOM   1060 C CA  . ALA A 1 134 ? -6.994  9.355   -15.735 1.00 12.94 ? 134 ALA A CA  1 
ATOM   1061 C C   . ALA A 1 134 ? -7.079  8.262   -14.675 1.00 10.92 ? 134 ALA A C   1 
ATOM   1062 O O   . ALA A 1 134 ? -8.166  7.816   -14.326 1.00 10.42 ? 134 ALA A O   1 
ATOM   1063 C CB  . ALA A 1 134 ? -6.433  8.785   -17.032 1.00 13.71 ? 134 ALA A CB  1 
ATOM   1064 N N   . ILE A 1 135 ? -5.927  7.843   -14.161 1.00 12.82 ? 135 ILE A N   1 
ATOM   1065 C CA  . ILE A 1 135 ? -5.876  6.789   -13.152 1.00 13.31 ? 135 ILE A CA  1 
ATOM   1066 C C   . ILE A 1 135 ? -6.653  7.179   -11.901 1.00 12.29 ? 135 ILE A C   1 
ATOM   1067 O O   . ILE A 1 135 ? -7.443  6.394   -11.391 1.00 13.04 ? 135 ILE A O   1 
ATOM   1068 C CB  . ILE A 1 135 ? -4.412  6.445   -12.784 1.00 13.43 ? 135 ILE A CB  1 
ATOM   1069 C CG1 . ILE A 1 135 ? -3.706  5.835   -14.001 1.00 14.74 ? 135 ILE A CG1 1 
ATOM   1070 C CG2 . ILE A 1 135 ? -4.372  5.459   -11.614 1.00 13.22 ? 135 ILE A CG2 1 
ATOM   1071 C CD1 . ILE A 1 135 ? -4.492  4.738   -14.701 1.00 12.38 ? 135 ILE A CD1 1 
ATOM   1072 N N   . LYS A 1 136 ? -6.439  8.394   -11.413 1.00 11.32 ? 136 LYS A N   1 
ATOM   1073 C CA  . LYS A 1 136 ? -7.149  8.855   -10.234 1.00 11.85 ? 136 LYS A CA  1 
ATOM   1074 C C   . LYS A 1 136 ? -8.647  8.888   -10.506 1.00 12.36 ? 136 LYS A C   1 
ATOM   1075 O O   . LYS A 1 136 ? -9.443  8.531   -9.644  1.00 13.46 ? 136 LYS A O   1 
ATOM   1076 C CB  . LYS A 1 136 ? -6.653  10.237  -9.828  1.00 11.89 ? 136 LYS A CB  1 
ATOM   1077 C CG  . LYS A 1 136 ? -5.321  10.186  -9.114  1.00 15.57 ? 136 LYS A CG  1 
ATOM   1078 C CD  . LYS A 1 136 ? -4.845  11.560  -8.726  1.00 18.10 ? 136 LYS A CD  1 
ATOM   1079 C CE  . LYS A 1 136 ? -5.152  11.845  -7.280  1.00 19.63 ? 136 LYS A CE  1 
ATOM   1080 N NZ  . LYS A 1 136 ? -4.529  13.122  -6.862  1.00 23.92 ? 136 LYS A NZ  1 
ATOM   1081 N N   . GLY A 1 137 ? -9.023  9.302   -11.715 1.00 12.58 ? 137 GLY A N   1 
ATOM   1082 C CA  . GLY A 1 137 ? -10.430 9.371   -12.074 1.00 12.15 ? 137 GLY A CA  1 
ATOM   1083 C C   . GLY A 1 137 ? -11.124 8.019   -12.125 1.00 12.38 ? 137 GLY A C   1 
ATOM   1084 O O   . GLY A 1 137 ? -12.268 7.883   -11.698 1.00 13.19 ? 137 GLY A O   1 
ATOM   1085 N N   . PHE A 1 138 ? -10.435 7.016   -12.658 1.00 11.38 ? 138 PHE A N   1 
ATOM   1086 C CA  . PHE A 1 138 ? -10.998 5.676   -12.758 1.00 11.35 ? 138 PHE A CA  1 
ATOM   1087 C C   . PHE A 1 138 ? -11.193 5.086   -11.364 1.00 12.71 ? 138 PHE A C   1 
ATOM   1088 O O   . PHE A 1 138 ? -12.209 4.451   -11.092 1.00 14.50 ? 138 PHE A O   1 
ATOM   1089 C CB  . PHE A 1 138 ? -10.069 4.770   -13.571 1.00 12.03 ? 138 PHE A CB  1 
ATOM   1090 C CG  . PHE A 1 138 ? -10.064 5.061   -15.046 1.00 13.89 ? 138 PHE A CG  1 
ATOM   1091 C CD1 . PHE A 1 138 ? -11.260 5.237   -15.741 1.00 14.67 ? 138 PHE A CD1 1 
ATOM   1092 C CD2 . PHE A 1 138 ? -8.862  5.150   -15.742 1.00 15.24 ? 138 PHE A CD2 1 
ATOM   1093 C CE1 . PHE A 1 138 ? -11.259 5.494   -17.105 1.00 15.93 ? 138 PHE A CE1 1 
ATOM   1094 C CE2 . PHE A 1 138 ? -8.849  5.409   -17.114 1.00 16.24 ? 138 PHE A CE2 1 
ATOM   1095 C CZ  . PHE A 1 138 ? -10.051 5.580   -17.794 1.00 15.01 ? 138 PHE A CZ  1 
ATOM   1096 N N   . LEU A 1 139 ? -10.222 5.300   -10.481 1.00 11.11 ? 139 LEU A N   1 
ATOM   1097 C CA  . LEU A 1 139 ? -10.317 4.779   -9.124  1.00 11.94 ? 139 LEU A CA  1 
ATOM   1098 C C   . LEU A 1 139 ? -11.415 5.497   -8.346  1.00 14.27 ? 139 LEU A C   1 
ATOM   1099 O O   . LEU A 1 139 ? -12.144 4.872   -7.576  1.00 16.07 ? 139 LEU A O   1 
ATOM   1100 C CB  . LEU A 1 139 ? -8.967  4.912   -8.411  1.00 9.86  ? 139 LEU A CB  1 
ATOM   1101 C CG  . LEU A 1 139 ? -7.910  3.931   -8.938  1.00 11.08 ? 139 LEU A CG  1 
ATOM   1102 C CD1 . LEU A 1 139 ? -6.624  4.043   -8.139  1.00 11.89 ? 139 LEU A CD1 1 
ATOM   1103 C CD2 . LEU A 1 139 ? -8.463  2.519   -8.873  1.00 13.29 ? 139 LEU A CD2 1 
ATOM   1104 N N   . LYS A 1 140 ? -11.547 6.804   -8.552  1.00 16.05 ? 140 LYS A N   1 
ATOM   1105 C CA  . LYS A 1 140 ? -12.585 7.575   -7.867  1.00 17.76 ? 140 LYS A CA  1 
ATOM   1106 C C   . LYS A 1 140 ? -13.968 7.118   -8.334  1.00 17.63 ? 140 LYS A C   1 
ATOM   1107 O O   . LYS A 1 140 ? -14.914 7.071   -7.551  1.00 18.19 ? 140 LYS A O   1 
ATOM   1108 C CB  . LYS A 1 140 ? -12.414 9.074   -8.145  1.00 19.59 ? 140 LYS A CB  1 
ATOM   1109 C CG  . LYS A 1 140 ? -13.724 9.848   -8.209  1.00 24.06 ? 140 LYS A CG  1 
ATOM   1110 C CD  . LYS A 1 140 ? -13.719 11.028  -7.270  1.00 27.46 ? 140 LYS A CD  1 
ATOM   1111 C CE  . LYS A 1 140 ? -15.119 11.600  -7.118  1.00 31.60 ? 140 LYS A CE  1 
ATOM   1112 N NZ  . LYS A 1 140 ? -15.433 11.921  -5.695  1.00 36.82 ? 140 LYS A NZ  1 
ATOM   1113 N N   . ALA A 1 141 ? -14.072 6.783   -9.616  1.00 17.46 ? 141 ALA A N   1 
ATOM   1114 C CA  . ALA A 1 141 ? -15.332 6.324   -10.192 1.00 19.28 ? 141 ALA A CA  1 
ATOM   1115 C C   . ALA A 1 141 ? -15.803 5.033   -9.525  1.00 21.00 ? 141 ALA A C   1 
ATOM   1116 O O   . ALA A 1 141 ? -16.976 4.888   -9.175  1.00 22.23 ? 141 ALA A O   1 
ATOM   1117 C CB  . ALA A 1 141 ? -15.161 6.096   -11.691 1.00 18.14 ? 141 ALA A CB  1 
ATOM   1118 N N   . LYS A 1 142 ? -14.872 4.100   -9.351  1.00 18.46 ? 142 LYS A N   1 
ATOM   1119 C CA  . LYS A 1 142 ? -15.174 2.808   -8.751  1.00 19.08 ? 142 LYS A CA  1 
ATOM   1120 C C   . LYS A 1 142 ? -15.336 2.840   -7.235  1.00 15.89 ? 142 LYS A C   1 
ATOM   1121 O O   . LYS A 1 142 ? -16.269 2.252   -6.698  1.00 17.00 ? 142 LYS A O   1 
ATOM   1122 C CB  . LYS A 1 142 ? -14.078 1.795   -9.125  1.00 19.90 ? 142 LYS A CB  1 
ATOM   1123 C CG  . LYS A 1 142 ? -14.221 0.434   -8.463  1.00 21.37 ? 142 LYS A CG  1 
ATOM   1124 C CD  . LYS A 1 142 ? -15.308 -0.390  -9.133  1.00 26.88 ? 142 LYS A CD  1 
ATOM   1125 C CE  . LYS A 1 142 ? -15.292 -1.839  -8.652  1.00 32.41 ? 142 LYS A CE  1 
ATOM   1126 N NZ  . LYS A 1 142 ? -15.610 -2.804  -9.749  1.00 34.69 ? 142 LYS A NZ  1 
ATOM   1127 N N   . PHE A 1 143 ? -14.437 3.533   -6.547  1.00 14.64 ? 143 PHE A N   1 
ATOM   1128 C CA  . PHE A 1 143 ? -14.480 3.572   -5.096  1.00 15.16 ? 143 PHE A CA  1 
ATOM   1129 C C   . PHE A 1 143 ? -15.150 4.776   -4.447  1.00 15.59 ? 143 PHE A C   1 
ATOM   1130 O O   . PHE A 1 143 ? -15.449 4.744   -3.254  1.00 16.94 ? 143 PHE A O   1 
ATOM   1131 C CB  . PHE A 1 143 ? -13.060 3.367   -4.560  1.00 13.94 ? 143 PHE A CB  1 
ATOM   1132 C CG  . PHE A 1 143 ? -12.447 2.073   -5.008  1.00 13.61 ? 143 PHE A CG  1 
ATOM   1133 C CD1 . PHE A 1 143 ? -12.988 0.858   -4.593  1.00 16.18 ? 143 PHE A CD1 1 
ATOM   1134 C CD2 . PHE A 1 143 ? -11.380 2.059   -5.895  1.00 14.83 ? 143 PHE A CD2 1 
ATOM   1135 C CE1 . PHE A 1 143 ? -12.477 -0.355  -5.064  1.00 16.24 ? 143 PHE A CE1 1 
ATOM   1136 C CE2 . PHE A 1 143 ? -10.859 0.852   -6.373  1.00 16.29 ? 143 PHE A CE2 1 
ATOM   1137 C CZ  . PHE A 1 143 ? -11.412 -0.357  -5.957  1.00 16.33 ? 143 PHE A CZ  1 
ATOM   1138 N N   . GLY A 1 144 ? -15.389 5.832   -5.219  1.00 16.50 ? 144 GLY A N   1 
ATOM   1139 C CA  . GLY A 1 144 ? -16.061 7.004   -4.680  1.00 14.85 ? 144 GLY A CA  1 
ATOM   1140 C C   . GLY A 1 144 ? -15.204 8.171   -4.230  1.00 14.04 ? 144 GLY A C   1 
ATOM   1141 O O   . GLY A 1 144 ? -15.708 9.285   -4.079  1.00 15.29 ? 144 GLY A O   1 
ATOM   1142 N N   . LYS A 1 145 ? -13.915 7.927   -4.010  1.00 12.48 ? 145 LYS A N   1 
ATOM   1143 C CA  . LYS A 1 145 ? -13.000 8.973   -3.566  1.00 12.63 ? 145 LYS A CA  1 
ATOM   1144 C C   . LYS A 1 145 ? -11.667 8.895   -4.309  1.00 11.41 ? 145 LYS A C   1 
ATOM   1145 O O   . LYS A 1 145 ? -11.332 7.871   -4.904  1.00 11.06 ? 145 LYS A O   1 
ATOM   1146 C CB  . LYS A 1 145 ? -12.754 8.864   -2.057  1.00 13.72 ? 145 LYS A CB  1 
ATOM   1147 C CG  . LYS A 1 145 ? -14.021 8.966   -1.209  1.00 16.07 ? 145 LYS A CG  1 
ATOM   1148 C CD  . LYS A 1 145 ? -14.499 10.408  -1.101  1.00 16.75 ? 145 LYS A CD  1 
ATOM   1149 C CE  . LYS A 1 145 ? -15.833 10.499  -0.380  1.00 20.94 ? 145 LYS A CE  1 
ATOM   1150 N NZ  . LYS A 1 145 ? -16.086 11.876  0.130   1.00 25.07 ? 145 LYS A NZ  1 
ATOM   1151 N N   . PHE A 1 146 ? -10.909 9.984   -4.254  1.00 10.87 ? 146 PHE A N   1 
ATOM   1152 C CA  . PHE A 1 146 ? -9.621  10.053  -4.928  1.00 11.92 ? 146 PHE A CA  1 
ATOM   1153 C C   . PHE A 1 146 ? -8.502  9.354   -4.167  1.00 10.65 ? 146 PHE A C   1 
ATOM   1154 O O   . PHE A 1 146 ? -8.343  9.531   -2.956  1.00 9.58  ? 146 PHE A O   1 
ATOM   1155 C CB  . PHE A 1 146 ? -9.221  11.515  -5.157  1.00 13.22 ? 146 PHE A CB  1 
ATOM   1156 C CG  . PHE A 1 146 ? -9.953  12.175  -6.291  1.00 16.23 ? 146 PHE A CG  1 
ATOM   1157 C CD1 . PHE A 1 146 ? -9.833  11.691  -7.592  1.00 17.11 ? 146 PHE A CD1 1 
ATOM   1158 C CD2 . PHE A 1 146 ? -10.775 13.275  -6.057  1.00 20.56 ? 146 PHE A CD2 1 
ATOM   1159 C CE1 . PHE A 1 146 ? -10.525 12.293  -8.645  1.00 18.74 ? 146 PHE A CE1 1 
ATOM   1160 C CE2 . PHE A 1 146 ? -11.469 13.881  -7.106  1.00 18.90 ? 146 PHE A CE2 1 
ATOM   1161 C CZ  . PHE A 1 146 ? -11.342 13.387  -8.398  1.00 17.98 ? 146 PHE A CZ  1 
ATOM   1162 N N   . PRO A 1 147 ? -7.716  8.532   -4.875  1.00 10.60 ? 147 PRO A N   1 
ATOM   1163 C CA  . PRO A 1 147 ? -6.604  7.824   -4.242  1.00 11.40 ? 147 PRO A CA  1 
ATOM   1164 C C   . PRO A 1 147 ? -5.381  8.731   -4.294  1.00 10.22 ? 147 PRO A C   1 
ATOM   1165 O O   . PRO A 1 147 ? -5.420  9.808   -4.898  1.00 10.36 ? 147 PRO A O   1 
ATOM   1166 C CB  . PRO A 1 147 ? -6.416  6.608   -5.134  1.00 11.70 ? 147 PRO A CB  1 
ATOM   1167 C CG  . PRO A 1 147 ? -6.732  7.156   -6.513  1.00 11.87 ? 147 PRO A CG  1 
ATOM   1168 C CD  . PRO A 1 147 ? -7.844  8.176   -6.301  1.00 10.69 ? 147 PRO A CD  1 
ATOM   1169 N N   . GLY A 1 148 ? -4.308  8.299   -3.643  1.00 8.35  ? 148 GLY A N   1 
ATOM   1170 C CA  . GLY A 1 148 ? -3.066  9.043   -3.671  1.00 8.03  ? 148 GLY A CA  1 
ATOM   1171 C C   . GLY A 1 148 ? -2.139  8.195   -4.528  1.00 10.43 ? 148 GLY A C   1 
ATOM   1172 O O   . GLY A 1 148 ? -2.097  6.978   -4.358  1.00 10.43 ? 148 GLY A O   1 
ATOM   1173 N N   . LEU A 1 149 ? -1.415  8.807   -5.460  1.00 8.68  ? 149 LEU A N   1 
ATOM   1174 C CA  . LEU A 1 149 ? -0.510  8.042   -6.316  1.00 8.90  ? 149 LEU A CA  1 
ATOM   1175 C C   . LEU A 1 149 ? 0.945   8.357   -5.994  1.00 10.06 ? 149 LEU A C   1 
ATOM   1176 O O   . LEU A 1 149 ? 1.330   9.524   -5.909  1.00 9.89  ? 149 LEU A O   1 
ATOM   1177 C CB  . LEU A 1 149 ? -0.793  8.334   -7.793  1.00 9.81  ? 149 LEU A CB  1 
ATOM   1178 C CG  . LEU A 1 149 ? -2.202  8.025   -8.328  1.00 10.96 ? 149 LEU A CG  1 
ATOM   1179 C CD1 . LEU A 1 149 ? -2.246  8.270   -9.838  1.00 12.85 ? 149 LEU A CD1 1 
ATOM   1180 C CD2 . LEU A 1 149 ? -2.585  6.582   -8.013  1.00 10.49 ? 149 LEU A CD2 1 
ATOM   1181 N N   . ARG A 1 150 ? 1.753   7.313   -5.820  1.00 8.51  ? 150 ARG A N   1 
ATOM   1182 C CA  . ARG A 1 150 ? 3.165   7.489   -5.496  1.00 8.75  ? 150 ARG A CA  1 
ATOM   1183 C C   . ARG A 1 150 ? 4.062   6.893   -6.571  1.00 7.43  ? 150 ARG A C   1 
ATOM   1184 O O   . ARG A 1 150 ? 3.863   5.763   -7.018  1.00 8.00  ? 150 ARG A O   1 
ATOM   1185 C CB  . ARG A 1 150 ? 3.466   6.863   -4.139  1.00 11.04 ? 150 ARG A CB  1 
ATOM   1186 C CG  . ARG A 1 150 ? 2.301   6.994   -3.175  1.00 19.35 ? 150 ARG A CG  1 
ATOM   1187 C CD  . ARG A 1 150 ? 2.712   7.673   -1.901  1.00 21.35 ? 150 ARG A CD  1 
ATOM   1188 N NE  . ARG A 1 150 ? 3.786   6.947   -1.234  1.00 22.08 ? 150 ARG A NE  1 
ATOM   1189 C CZ  . ARG A 1 150 ? 4.667   7.517   -0.421  1.00 23.54 ? 150 ARG A CZ  1 
ATOM   1190 N NH1 . ARG A 1 150 ? 4.594   8.820   -0.178  1.00 25.09 ? 150 ARG A NH1 1 
ATOM   1191 N NH2 . ARG A 1 150 ? 5.625   6.790   0.136   1.00 25.67 ? 150 ARG A NH2 1 
ATOM   1192 N N   . CYS A 1 151 ? 5.060   7.672   -6.967  1.00 8.84  ? 151 CYS A N   1 
ATOM   1193 C CA  . CYS A 1 151 ? 5.971   7.281   -8.024  1.00 7.97  ? 151 CYS A CA  1 
ATOM   1194 C C   . CYS A 1 151 ? 7.420   7.372   -7.601  1.00 8.00  ? 151 CYS A C   1 
ATOM   1195 O O   . CYS A 1 151 ? 7.762   8.006   -6.602  1.00 8.15  ? 151 CYS A O   1 
ATOM   1196 C CB  . CYS A 1 151 ? 5.769   8.195   -9.237  1.00 6.90  ? 151 CYS A CB  1 
ATOM   1197 S SG  . CYS A 1 151 ? 4.263   7.941   -10.220 1.00 10.68 ? 151 CYS A SG  1 
ATOM   1198 N N   . ARG A 1 152 ? 8.273   6.735   -8.392  1.00 9.13  ? 152 ARG A N   1 
ATOM   1199 C CA  . ARG A 1 152 ? 9.703   6.767   -8.157  1.00 11.44 ? 152 ARG A CA  1 
ATOM   1200 C C   . ARG A 1 152 ? 10.376  6.946   -9.515  1.00 9.28  ? 152 ARG A C   1 
ATOM   1201 O O   . ARG A 1 152 ? 9.912   6.422   -10.526 1.00 10.54 ? 152 ARG A O   1 
ATOM   1202 C CB  . ARG A 1 152 ? 10.172  5.480   -7.480  1.00 15.15 ? 152 ARG A CB  1 
ATOM   1203 C CG  . ARG A 1 152 ? 10.209  5.584   -5.968  1.00 21.13 ? 152 ARG A CG  1 
ATOM   1204 C CD  . ARG A 1 152 ? 10.684  4.291   -5.331  1.00 23.40 ? 152 ARG A CD  1 
ATOM   1205 N NE  . ARG A 1 152 ? 12.140  4.221   -5.265  1.00 27.27 ? 152 ARG A NE  1 
ATOM   1206 C CZ  . ARG A 1 152 ? 12.818  3.136   -4.909  1.00 29.04 ? 152 ARG A CZ  1 
ATOM   1207 N NH1 . ARG A 1 152 ? 12.168  2.025   -4.585  1.00 30.72 ? 152 ARG A NH1 1 
ATOM   1208 N NH2 . ARG A 1 152 ? 14.145  3.160   -4.876  1.00 29.23 ? 152 ARG A NH2 1 
ATOM   1209 N N   . THR A 1 153 ? 11.463  7.707   -9.520  1.00 12.15 ? 153 THR A N   1 
ATOM   1210 C CA  . THR A 1 153 ? 12.205  7.999   -10.738 1.00 14.42 ? 153 THR A CA  1 
ATOM   1211 C C   . THR A 1 153 ? 13.467  7.151   -10.890 1.00 13.52 ? 153 THR A C   1 
ATOM   1212 O O   . THR A 1 153 ? 14.313  7.109   -9.993  1.00 15.07 ? 153 THR A O   1 
ATOM   1213 C CB  . THR A 1 153 ? 12.609  9.492   -10.772 1.00 13.99 ? 153 THR A CB  1 
ATOM   1214 O OG1 . THR A 1 153 ? 11.427  10.303  -10.748 1.00 14.32 ? 153 THR A OG1 1 
ATOM   1215 C CG2 . THR A 1 153 ? 13.419  9.809   -12.029 1.00 14.13 ? 153 THR A CG2 1 
ATOM   1216 N N   . ASP A 1 154 ? 13.590  6.473   -12.026 1.00 14.63 ? 154 ASP A N   1 
ATOM   1217 C CA  . ASP A 1 154 ? 14.775  5.664   -12.277 1.00 17.39 ? 154 ASP A CA  1 
ATOM   1218 C C   . ASP A 1 154 ? 15.956  6.626   -12.367 1.00 20.04 ? 154 ASP A C   1 
ATOM   1219 O O   . ASP A 1 154 ? 15.928  7.595   -13.129 1.00 18.72 ? 154 ASP A O   1 
ATOM   1220 C CB  . ASP A 1 154 ? 14.630  4.885   -13.581 1.00 18.43 ? 154 ASP A CB  1 
ATOM   1221 C CG  . ASP A 1 154 ? 15.711  3.842   -13.750 1.00 18.77 ? 154 ASP A CG  1 
ATOM   1222 O OD1 . ASP A 1 154 ? 16.881  4.223   -13.937 1.00 19.18 ? 154 ASP A OD1 1 
ATOM   1223 O OD2 . ASP A 1 154 ? 15.389  2.642   -13.692 1.00 22.71 ? 154 ASP A OD2 1 
ATOM   1224 N N   . PRO A 1 155 ? 17.019  6.366   -11.593 1.00 21.69 ? 155 PRO A N   1 
ATOM   1225 C CA  . PRO A 1 155 ? 18.180  7.258   -11.624 1.00 24.18 ? 155 PRO A CA  1 
ATOM   1226 C C   . PRO A 1 155 ? 19.000  7.165   -12.905 1.00 24.30 ? 155 PRO A C   1 
ATOM   1227 O O   . PRO A 1 155 ? 19.798  8.050   -13.192 1.00 26.02 ? 155 PRO A O   1 
ATOM   1228 C CB  . PRO A 1 155 ? 18.991  6.854   -10.386 1.00 25.79 ? 155 PRO A CB  1 
ATOM   1229 C CG  . PRO A 1 155 ? 18.185  5.779   -9.680  1.00 26.68 ? 155 PRO A CG  1 
ATOM   1230 C CD  . PRO A 1 155 ? 17.221  5.229   -10.681 1.00 25.12 ? 155 PRO A CD  1 
ATOM   1231 N N   . GLN A 1 156 ? 18.792  6.099   -13.670 1.00 24.27 ? 156 GLN A N   1 
ATOM   1232 C CA  . GLN A 1 156 ? 19.527  5.896   -14.916 1.00 25.03 ? 156 GLN A CA  1 
ATOM   1233 C C   . GLN A 1 156 ? 18.859  6.557   -16.115 1.00 24.16 ? 156 GLN A C   1 
ATOM   1234 O O   . GLN A 1 156 ? 19.515  7.239   -16.898 1.00 23.72 ? 156 GLN A O   1 
ATOM   1235 C CB  . GLN A 1 156 ? 19.679  4.399   -15.204 1.00 27.90 ? 156 GLN A CB  1 
ATOM   1236 C CG  . GLN A 1 156 ? 21.030  3.822   -14.821 1.00 32.07 ? 156 GLN A CG  1 
ATOM   1237 C CD  . GLN A 1 156 ? 21.181  3.633   -13.327 1.00 34.75 ? 156 GLN A CD  1 
ATOM   1238 O OE1 . GLN A 1 156 ? 20.435  2.868   -12.709 1.00 37.45 ? 156 GLN A OE1 1 
ATOM   1239 N NE2 . GLN A 1 156 ? 22.146  4.330   -12.737 1.00 34.87 ? 156 GLN A NE2 1 
ATOM   1240 N N   . THR A 1 157 ? 17.555  6.346   -16.255 1.00 21.42 ? 157 THR A N   1 
ATOM   1241 C CA  . THR A 1 157 ? 16.807  6.898   -17.371 1.00 20.66 ? 157 THR A CA  1 
ATOM   1242 C C   . THR A 1 157 ? 15.972  8.132   -17.029 1.00 20.33 ? 157 THR A C   1 
ATOM   1243 O O   . THR A 1 157 ? 15.452  8.794   -17.926 1.00 20.95 ? 157 THR A O   1 
ATOM   1244 C CB  . THR A 1 157 ? 15.875  5.837   -17.972 1.00 22.27 ? 157 THR A CB  1 
ATOM   1245 O OG1 . THR A 1 157 ? 14.861  5.495   -17.017 1.00 25.27 ? 157 THR A OG1 1 
ATOM   1246 C CG2 . THR A 1 157 ? 16.659  4.588   -18.341 1.00 23.04 ? 157 THR A CG2 1 
ATOM   1247 N N   . LYS A 1 158 ? 15.838  8.429   -15.739 1.00 20.17 ? 158 LYS A N   1 
ATOM   1248 C CA  . LYS A 1 158 ? 15.060  9.577   -15.272 1.00 18.32 ? 158 LYS A CA  1 
ATOM   1249 C C   . LYS A 1 158 ? 13.568  9.448   -15.568 1.00 19.30 ? 158 LYS A C   1 
ATOM   1250 O O   . LYS A 1 158 ? 12.830  10.435  -15.515 1.00 19.23 ? 158 LYS A O   1 
ATOM   1251 C CB  . LYS A 1 158 ? 15.600  10.871  -15.885 1.00 19.77 ? 158 LYS A CB  1 
ATOM   1252 C CG  . LYS A 1 158 ? 17.020  11.198  -15.469 1.00 21.38 ? 158 LYS A CG  1 
ATOM   1253 C CD  . LYS A 1 158 ? 17.115  11.410  -13.974 1.00 24.45 ? 158 LYS A CD  1 
ATOM   1254 C CE  . LYS A 1 158 ? 18.521  11.149  -13.466 1.00 27.31 ? 158 LYS A CE  1 
ATOM   1255 N NZ  . LYS A 1 158 ? 18.656  11.552  -12.038 1.00 32.06 ? 158 LYS A NZ  1 
ATOM   1256 N N   . VAL A 1 159 ? 13.127  8.232   -15.882 1.00 17.17 ? 159 VAL A N   1 
ATOM   1257 C CA  . VAL A 1 159 ? 11.722  7.975   -16.166 1.00 17.20 ? 159 VAL A CA  1 
ATOM   1258 C C   . VAL A 1 159 ? 11.012  7.691   -14.839 1.00 16.43 ? 159 VAL A C   1 
ATOM   1259 O O   . VAL A 1 159 ? 11.586  7.063   -13.948 1.00 15.90 ? 159 VAL A O   1 
ATOM   1260 C CB  . VAL A 1 159 ? 11.561  6.769   -17.118 1.00 18.66 ? 159 VAL A CB  1 
ATOM   1261 C CG1 . VAL A 1 159 ? 10.100  6.356   -17.197 1.00 20.59 ? 159 VAL A CG1 1 
ATOM   1262 C CG2 . VAL A 1 159 ? 12.074  7.135   -18.507 1.00 19.49 ? 159 VAL A CG2 1 
ATOM   1263 N N   . SER A 1 160 ? 9.771   8.161   -14.714 1.00 15.83 ? 160 SER A N   1 
ATOM   1264 C CA  . SER A 1 160 ? 8.985   7.983   -13.489 1.00 14.78 ? 160 SER A CA  1 
ATOM   1265 C C   . SER A 1 160 ? 8.050   6.780   -13.570 1.00 12.41 ? 160 SER A C   1 
ATOM   1266 O O   . SER A 1 160 ? 7.333   6.595   -14.558 1.00 12.43 ? 160 SER A O   1 
ATOM   1267 C CB  . SER A 1 160 ? 8.174   9.260   -13.199 1.00 15.95 ? 160 SER A CB  1 
ATOM   1268 O OG  . SER A 1 160 ? 7.325   9.106   -12.078 1.00 15.66 ? 160 SER A OG  1 
ATOM   1269 N N   . TYR A 1 161 ? 8.055   5.973   -12.513 1.00 10.40 ? 161 TYR A N   1 
ATOM   1270 C CA  . TYR A 1 161 ? 7.224   4.779   -12.453 1.00 10.33 ? 161 TYR A CA  1 
ATOM   1271 C C   . TYR A 1 161 ? 6.265   4.825   -11.274 1.00 7.26  ? 161 TYR A C   1 
ATOM   1272 O O   . TYR A 1 161 ? 6.616   5.295   -10.197 1.00 9.42  ? 161 TYR A O   1 
ATOM   1273 C CB  . TYR A 1 161 ? 8.089   3.525   -12.280 1.00 12.72 ? 161 TYR A CB  1 
ATOM   1274 C CG  . TYR A 1 161 ? 8.921   3.149   -13.481 1.00 14.80 ? 161 TYR A CG  1 
ATOM   1275 C CD1 . TYR A 1 161 ? 10.166  3.735   -13.700 1.00 15.29 ? 161 TYR A CD1 1 
ATOM   1276 C CD2 . TYR A 1 161 ? 8.461   2.207   -14.402 1.00 14.95 ? 161 TYR A CD2 1 
ATOM   1277 C CE1 . TYR A 1 161 ? 10.939  3.394   -14.814 1.00 16.27 ? 161 TYR A CE1 1 
ATOM   1278 C CE2 . TYR A 1 161 ? 9.221   1.859   -15.517 1.00 18.37 ? 161 TYR A CE2 1 
ATOM   1279 C CZ  . TYR A 1 161 ? 10.458  2.458   -15.716 1.00 17.57 ? 161 TYR A CZ  1 
ATOM   1280 O OH  . TYR A 1 161 ? 11.205  2.126   -16.826 1.00 21.17 ? 161 TYR A OH  1 
ATOM   1281 N N   . LEU A 1 162 ? 5.062   4.314   -11.488 1.00 8.35  ? 162 LEU A N   1 
ATOM   1282 C CA  . LEU A 1 162 ? 4.075   4.235   -10.419 1.00 9.17  ? 162 LEU A CA  1 
ATOM   1283 C C   . LEU A 1 162 ? 4.499   3.036   -9.568  1.00 10.24 ? 162 LEU A C   1 
ATOM   1284 O O   . LEU A 1 162 ? 4.717   1.946   -10.104 1.00 12.02 ? 162 LEU A O   1 
ATOM   1285 C CB  . LEU A 1 162 ? 2.685   3.977   -10.996 1.00 8.98  ? 162 LEU A CB  1 
ATOM   1286 C CG  . LEU A 1 162 ? 1.596   3.731   -9.944  1.00 10.19 ? 162 LEU A CG  1 
ATOM   1287 C CD1 . LEU A 1 162 ? 1.299   5.038   -9.238  1.00 10.52 ? 162 LEU A CD1 1 
ATOM   1288 C CD2 . LEU A 1 162 ? 0.341   3.169   -10.589 1.00 12.51 ? 162 LEU A CD2 1 
ATOM   1289 N N   . VAL A 1 163 ? 4.644   3.234   -8.259  1.00 9.97  ? 163 VAL A N   1 
ATOM   1290 C CA  . VAL A 1 163 ? 5.035   2.136   -7.375  1.00 9.34  ? 163 VAL A CA  1 
ATOM   1291 C C   . VAL A 1 163 ? 3.997   1.838   -6.292  1.00 11.58 ? 163 VAL A C   1 
ATOM   1292 O O   . VAL A 1 163 ? 3.860   0.695   -5.867  1.00 10.07 ? 163 VAL A O   1 
ATOM   1293 C CB  . VAL A 1 163 ? 6.401   2.396   -6.681  1.00 11.36 ? 163 VAL A CB  1 
ATOM   1294 C CG1 . VAL A 1 163 ? 7.485   2.620   -7.732  1.00 13.49 ? 163 VAL A CG1 1 
ATOM   1295 C CG2 . VAL A 1 163 ? 6.306   3.588   -5.749  1.00 12.75 ? 163 VAL A CG2 1 
ATOM   1296 N N   . GLN A 1 164 ? 3.258   2.853   -5.852  1.00 9.57  ? 164 GLN A N   1 
ATOM   1297 C CA  . GLN A 1 164 ? 2.254   2.640   -4.813  1.00 8.50  ? 164 GLN A CA  1 
ATOM   1298 C C   . GLN A 1 164 ? 0.969   3.422   -5.041  1.00 9.18  ? 164 GLN A C   1 
ATOM   1299 O O   . GLN A 1 164 ? 0.970   4.489   -5.660  1.00 7.60  ? 164 GLN A O   1 
ATOM   1300 C CB  . GLN A 1 164 ? 2.823   3.023   -3.451  1.00 8.41  ? 164 GLN A CB  1 
ATOM   1301 C CG  . GLN A 1 164 ? 3.955   2.147   -2.968  1.00 11.01 ? 164 GLN A CG  1 
ATOM   1302 C CD  . GLN A 1 164 ? 4.724   2.790   -1.843  1.00 15.95 ? 164 GLN A CD  1 
ATOM   1303 O OE1 . GLN A 1 164 ? 4.795   4.011   -1.748  1.00 20.86 ? 164 GLN A OE1 1 
ATOM   1304 N NE2 . GLN A 1 164 ? 5.306   1.972   -0.983  1.00 16.44 ? 164 GLN A NE2 1 
ATOM   1305 N N   . VAL A 1 165 ? -0.132  2.871   -4.544  1.00 6.80  ? 165 VAL A N   1 
ATOM   1306 C CA  . VAL A 1 165 ? -1.428  3.517   -4.640  1.00 7.18  ? 165 VAL A CA  1 
ATOM   1307 C C   . VAL A 1 165 ? -1.958  3.567   -3.209  1.00 10.23 ? 165 VAL A C   1 
ATOM   1308 O O   . VAL A 1 165 ? -1.990  2.550   -2.506  1.00 9.22  ? 165 VAL A O   1 
ATOM   1309 C CB  . VAL A 1 165 ? -2.411  2.725   -5.525  1.00 6.60  ? 165 VAL A CB  1 
ATOM   1310 C CG1 . VAL A 1 165 ? -3.801  3.356   -5.452  1.00 7.17  ? 165 VAL A CG1 1 
ATOM   1311 C CG2 . VAL A 1 165 ? -1.911  2.701   -6.966  1.00 7.30  ? 165 VAL A CG2 1 
ATOM   1312 N N   . VAL A 1 166 ? -2.356  4.759   -2.782  1.00 9.31  ? 166 VAL A N   1 
ATOM   1313 C CA  . VAL A 1 166 ? -2.869  4.973   -1.437  1.00 8.41  ? 166 VAL A CA  1 
ATOM   1314 C C   . VAL A 1 166 ? -4.375  5.193   -1.420  1.00 8.58  ? 166 VAL A C   1 
ATOM   1315 O O   . VAL A 1 166 ? -4.911  5.933   -2.243  1.00 7.95  ? 166 VAL A O   1 
ATOM   1316 C CB  . VAL A 1 166 ? -2.218  6.218   -0.785  1.00 8.54  ? 166 VAL A CB  1 
ATOM   1317 C CG1 . VAL A 1 166 ? -2.698  6.372   0.661   1.00 8.56  ? 166 VAL A CG1 1 
ATOM   1318 C CG2 . VAL A 1 166 ? -0.704  6.117   -0.859  1.00 9.28  ? 166 VAL A CG2 1 
ATOM   1319 N N   . ALA A 1 167 ? -5.050  4.522   -0.490  1.00 7.90  ? 167 ALA A N   1 
ATOM   1320 C CA  . ALA A 1 167 ? -6.482  4.693   -0.293  1.00 7.97  ? 167 ALA A CA  1 
ATOM   1321 C C   . ALA A 1 167 ? -6.519  5.338   1.089   1.00 9.02  ? 167 ALA A C   1 
ATOM   1322 O O   . ALA A 1 167 ? -5.911  4.831   2.031   1.00 8.33  ? 167 ALA A O   1 
ATOM   1323 C CB  . ALA A 1 167 ? -7.203  3.351   -0.280  1.00 8.59  ? 167 ALA A CB  1 
ATOM   1324 N N   . CYS A 1 168 ? -7.196  6.473   1.204   1.00 7.99  ? 168 CYS A N   1 
ATOM   1325 C CA  . CYS A 1 168 ? -7.260  7.172   2.482   1.00 7.63  ? 168 CYS A CA  1 
ATOM   1326 C C   . CYS A 1 168 ? -8.570  6.881   3.205   1.00 6.29  ? 168 CYS A C   1 
ATOM   1327 O O   . CYS A 1 168 ? -9.640  6.864   2.591   1.00 7.02  ? 168 CYS A O   1 
ATOM   1328 C CB  . CYS A 1 168 ? -7.078  8.675   2.256   1.00 8.37  ? 168 CYS A CB  1 
ATOM   1329 S SG  . CYS A 1 168 ? -5.446  9.104   1.549   1.00 10.16 ? 168 CYS A SG  1 
ATOM   1330 N N   . PHE A 1 169 ? -8.467  6.641   4.510   1.00 8.59  ? 169 PHE A N   1 
ATOM   1331 C CA  . PHE A 1 169 ? -9.621  6.312   5.353   1.00 9.16  ? 169 PHE A CA  1 
ATOM   1332 C C   . PHE A 1 169 ? -9.721  7.228   6.575   1.00 8.55  ? 169 PHE A C   1 
ATOM   1333 O O   . PHE A 1 169 ? -8.710  7.731   7.074   1.00 8.93  ? 169 PHE A O   1 
ATOM   1334 C CB  . PHE A 1 169 ? -9.515  4.853   5.854   1.00 8.79  ? 169 PHE A CB  1 
ATOM   1335 C CG  . PHE A 1 169 ? -9.740  3.811   4.787   1.00 10.04 ? 169 PHE A CG  1 
ATOM   1336 C CD1 . PHE A 1 169 ? -8.679  3.352   4.010   1.00 10.16 ? 169 PHE A CD1 1 
ATOM   1337 C CD2 . PHE A 1 169 ? -11.010 3.285   4.562   1.00 8.56  ? 169 PHE A CD2 1 
ATOM   1338 C CE1 . PHE A 1 169 ? -8.882  2.386   3.021   1.00 9.46  ? 169 PHE A CE1 1 
ATOM   1339 C CE2 . PHE A 1 169 ? -11.225 2.315   3.573   1.00 10.35 ? 169 PHE A CE2 1 
ATOM   1340 C CZ  . PHE A 1 169 ? -10.157 1.866   2.801   1.00 9.66  ? 169 PHE A CZ  1 
ATOM   1341 N N   . ALA A 1 170 ? -10.943 7.438   7.062   1.00 12.18 ? 170 ALA A N   1 
ATOM   1342 C CA  . ALA A 1 170 ? -11.151 8.262   8.257   1.00 14.21 ? 170 ALA A CA  1 
ATOM   1343 C C   . ALA A 1 170 ? -10.647 7.430   9.441   1.00 14.58 ? 170 ALA A C   1 
ATOM   1344 O O   . ALA A 1 170 ? -10.302 6.261   9.268   1.00 13.62 ? 170 ALA A O   1 
ATOM   1345 C CB  . ALA A 1 170 ? -12.633 8.598   8.425   1.00 13.17 ? 170 ALA A CB  1 
ATOM   1346 N N   . GLN A 1 171 ? -10.611 8.004   10.639  1.00 16.18 ? 171 GLN A N   1 
ATOM   1347 C CA  . GLN A 1 171 ? -10.097 7.247   11.776  1.00 19.46 ? 171 GLN A CA  1 
ATOM   1348 C C   . GLN A 1 171 ? -10.905 6.013   12.161  1.00 18.13 ? 171 GLN A C   1 
ATOM   1349 O O   . GLN A 1 171 ? -10.428 5.181   12.929  1.00 19.59 ? 171 GLN A O   1 
ATOM   1350 C CB  . GLN A 1 171 ? -9.898  8.151   12.999  1.00 22.26 ? 171 GLN A CB  1 
ATOM   1351 C CG  . GLN A 1 171 ? -11.050 9.064   13.340  1.00 30.57 ? 171 GLN A CG  1 
ATOM   1352 C CD  . GLN A 1 171 ? -10.685 10.041  14.451  1.00 35.98 ? 171 GLN A CD  1 
ATOM   1353 O OE1 . GLN A 1 171 ? -10.829 11.257  14.299  1.00 39.05 ? 171 GLN A OE1 1 
ATOM   1354 N NE2 . GLN A 1 171 ? -10.202 9.509   15.572  1.00 35.90 ? 171 GLN A NE2 1 
ATOM   1355 N N   . ASP A 1 172 ? -12.113 5.875   11.621  1.00 18.60 ? 172 ASP A N   1 
ATOM   1356 C CA  . ASP A 1 172 ? -12.934 4.705   11.920  1.00 19.93 ? 172 ASP A CA  1 
ATOM   1357 C C   . ASP A 1 172 ? -12.421 3.476   11.158  1.00 20.63 ? 172 ASP A C   1 
ATOM   1358 O O   . ASP A 1 172 ? -12.879 2.354   11.389  1.00 21.56 ? 172 ASP A O   1 
ATOM   1359 C CB  . ASP A 1 172 ? -14.407 4.967   11.570  1.00 17.55 ? 172 ASP A CB  1 
ATOM   1360 C CG  . ASP A 1 172 ? -14.627 5.238   10.091  1.00 20.84 ? 172 ASP A CG  1 
ATOM   1361 O OD1 . ASP A 1 172 ? -13.644 5.276   9.321   1.00 19.32 ? 172 ASP A OD1 1 
ATOM   1362 O OD2 . ASP A 1 172 ? -15.796 5.417   9.693   1.00 21.36 ? 172 ASP A OD2 1 
ATOM   1363 N N   . GLY A 1 173 ? -11.469 3.701   10.253  1.00 19.21 ? 173 GLY A N   1 
ATOM   1364 C CA  . GLY A 1 173 ? -10.886 2.620   9.475   1.00 17.86 ? 173 GLY A CA  1 
ATOM   1365 C C   . GLY A 1 173 ? -11.805 1.944   8.476   1.00 16.93 ? 173 GLY A C   1 
ATOM   1366 O O   . GLY A 1 173 ? -11.521 0.837   8.023   1.00 17.81 ? 173 GLY A O   1 
ATOM   1367 N N   . SER A 1 174 ? -12.905 2.593   8.116   1.00 16.35 ? 174 SER A N   1 
ATOM   1368 C CA  . SER A 1 174 ? -13.835 1.999   7.165   1.00 15.95 ? 174 SER A CA  1 
ATOM   1369 C C   . SER A 1 174 ? -14.419 3.014   6.191   1.00 14.95 ? 174 SER A C   1 
ATOM   1370 O O   . SER A 1 174 ? -14.838 2.653   5.095   1.00 16.11 ? 174 SER A O   1 
ATOM   1371 C CB  . SER A 1 174 ? -14.970 1.301   7.912   1.00 19.43 ? 174 SER A CB  1 
ATOM   1372 O OG  . SER A 1 174 ? -15.531 2.170   8.879   1.00 24.81 ? 174 SER A OG  1 
ATOM   1373 N N   . THR A 1 175 ? -14.457 4.279   6.598   1.00 12.81 ? 175 THR A N   1 
ATOM   1374 C CA  . THR A 1 175 ? -14.989 5.335   5.741   1.00 14.14 ? 175 THR A CA  1 
ATOM   1375 C C   . THR A 1 175 ? -13.895 5.896   4.837   1.00 9.96  ? 175 THR A C   1 
ATOM   1376 O O   . THR A 1 175 ? -12.933 6.495   5.307   1.00 11.47 ? 175 THR A O   1 
ATOM   1377 C CB  . THR A 1 175 ? -15.580 6.492   6.573   1.00 15.28 ? 175 THR A CB  1 
ATOM   1378 O OG1 . THR A 1 175 ? -16.702 6.013   7.326   1.00 16.29 ? 175 THR A OG1 1 
ATOM   1379 C CG2 . THR A 1 175 ? -16.036 7.629   5.655   1.00 17.77 ? 175 THR A CG2 1 
ATOM   1380 N N   . LEU A 1 176 ? -14.058 5.700   3.537   1.00 11.84 ? 176 LEU A N   1 
ATOM   1381 C CA  . LEU A 1 176 ? -13.087 6.181   2.563   1.00 12.49 ? 176 LEU A CA  1 
ATOM   1382 C C   . LEU A 1 176 ? -13.200 7.699   2.419   1.00 12.29 ? 176 LEU A C   1 
ATOM   1383 O O   . LEU A 1 176 ? -14.303 8.247   2.423   1.00 14.36 ? 176 LEU A O   1 
ATOM   1384 C CB  . LEU A 1 176 ? -13.341 5.494   1.213   1.00 12.80 ? 176 LEU A CB  1 
ATOM   1385 C CG  . LEU A 1 176 ? -12.240 5.365   0.153   1.00 15.17 ? 176 LEU A CG  1 
ATOM   1386 C CD1 . LEU A 1 176 ? -11.068 4.556   0.673   1.00 12.79 ? 176 LEU A CD1 1 
ATOM   1387 C CD2 . LEU A 1 176 ? -12.832 4.702   -1.084  1.00 14.49 ? 176 LEU A CD2 1 
ATOM   1388 N N   . ILE A 1 177 ? -12.058 8.377   2.335   1.00 11.47 ? 177 ILE A N   1 
ATOM   1389 C CA  . ILE A 1 177 ? -12.032 9.828   2.150   1.00 11.66 ? 177 ILE A CA  1 
ATOM   1390 C C   . ILE A 1 177 ? -11.023 10.151  1.042   1.00 12.97 ? 177 ILE A C   1 
ATOM   1391 O O   . ILE A 1 177 ? -10.221 9.299   0.656   1.00 11.05 ? 177 ILE A O   1 
ATOM   1392 C CB  . ILE A 1 177 ? -11.639 10.586  3.449   1.00 10.33 ? 177 ILE A CB  1 
ATOM   1393 C CG1 . ILE A 1 177 ? -10.246 10.158  3.921   1.00 11.14 ? 177 ILE A CG1 1 
ATOM   1394 C CG2 . ILE A 1 177 ? -12.688 10.335  4.533   1.00 12.05 ? 177 ILE A CG2 1 
ATOM   1395 C CD1 . ILE A 1 177 ? -9.738  10.943  5.125   1.00 13.08 ? 177 ILE A CD1 1 
ATOM   1396 N N   . ASP A 1 178 ? -11.080 11.370  0.516   1.00 13.70 ? 178 ASP A N   1 
ATOM   1397 C CA  . ASP A 1 178 ? -10.170 11.778  -0.547  1.00 13.46 ? 178 ASP A CA  1 
ATOM   1398 C C   . ASP A 1 178 ? -8.737  11.874  -0.042  1.00 12.94 ? 178 ASP A C   1 
ATOM   1399 O O   . ASP A 1 178 ? -8.501  12.335  1.075   1.00 13.58 ? 178 ASP A O   1 
ATOM   1400 C CB  . ASP A 1 178 ? -10.563 13.160  -1.095  1.00 12.09 ? 178 ASP A CB  1 
ATOM   1401 C CG  . ASP A 1 178 ? -11.742 13.110  -2.032  1.00 12.09 ? 178 ASP A CG  1 
ATOM   1402 O OD1 . ASP A 1 178 ? -11.876 12.139  -2.805  1.00 11.59 ? 178 ASP A OD1 1 
ATOM   1403 O OD2 . ASP A 1 178 ? -12.546 14.062  -2.000  1.00 17.38 ? 178 ASP A OD2 1 
ATOM   1404 N N   . CYS A 1 179 ? -7.783  11.428  -0.855  1.00 10.80 ? 179 CYS A N   1 
ATOM   1405 C CA  . CYS A 1 179 ? -6.381  11.565  -0.487  1.00 10.07 ? 179 CYS A CA  1 
ATOM   1406 C C   . CYS A 1 179 ? -6.035  12.937  -1.056  1.00 12.15 ? 179 CYS A C   1 
ATOM   1407 O O   . CYS A 1 179 ? -6.702  13.403  -1.977  1.00 12.91 ? 179 CYS A O   1 
ATOM   1408 C CB  . CYS A 1 179 ? -5.514  10.500  -1.155  1.00 10.30 ? 179 CYS A CB  1 
ATOM   1409 S SG  . CYS A 1 179 ? -5.712  8.843   -0.442  1.00 9.98  ? 179 CYS A SG  1 
ATOM   1410 N N   . THR A 1 180 ? -4.999  13.572  -0.524  1.00 14.87 ? 180 THR A N   1 
ATOM   1411 C CA  . THR A 1 180 ? -4.621  14.903  -0.979  1.00 21.84 ? 180 THR A CA  1 
ATOM   1412 C C   . THR A 1 180 ? -3.163  15.066  -1.412  1.00 24.66 ? 180 THR A C   1 
ATOM   1413 O O   . THR A 1 180 ? -2.752  16.163  -1.787  1.00 27.98 ? 180 THR A O   1 
ATOM   1414 C CB  . THR A 1 180 ? -4.904  15.939  0.125   1.00 21.65 ? 180 THR A CB  1 
ATOM   1415 O OG1 . THR A 1 180 ? -4.067  15.670  1.255   1.00 24.20 ? 180 THR A OG1 1 
ATOM   1416 C CG2 . THR A 1 180 ? -6.352  15.863  0.572   1.00 25.02 ? 180 THR A CG2 1 
ATOM   1417 N N   . ARG A 1 181 ? -2.381  13.991  -1.369  1.00 25.70 ? 181 ARG A N   1 
ATOM   1418 C CA  . ARG A 1 181 ? -0.974  14.084  -1.744  1.00 27.58 ? 181 ARG A CA  1 
ATOM   1419 C C   . ARG A 1 181 ? -0.485  12.978  -2.672  1.00 25.41 ? 181 ARG A C   1 
ATOM   1420 O O   . ARG A 1 181 ? -0.671  11.792  -2.400  1.00 26.58 ? 181 ARG A O   1 
ATOM   1421 C CB  . ARG A 1 181 ? -0.100  14.099  -0.484  1.00 32.33 ? 181 ARG A CB  1 
ATOM   1422 C CG  . ARG A 1 181 ? 0.280   15.494  -0.002  1.00 41.74 ? 181 ARG A CG  1 
ATOM   1423 C CD  . ARG A 1 181 ? 1.170   15.431  1.230   1.00 48.20 ? 181 ARG A CD  1 
ATOM   1424 N NE  . ARG A 1 181 ? 0.484   14.830  2.371   1.00 54.94 ? 181 ARG A NE  1 
ATOM   1425 C CZ  . ARG A 1 181 ? 1.088   14.123  3.323   1.00 57.22 ? 181 ARG A CZ  1 
ATOM   1426 N NH1 . ARG A 1 181 ? 2.400   13.925  3.276   1.00 58.75 ? 181 ARG A NH1 1 
ATOM   1427 N NH2 . ARG A 1 181 ? 0.381   13.612  4.323   1.00 58.48 ? 181 ARG A NH2 1 
ATOM   1428 N N   . ASP A 1 182 ? 0.143   13.384  -3.772  1.00 21.23 ? 182 ASP A N   1 
ATOM   1429 C CA  . ASP A 1 182 ? 0.702   12.450  -4.742  1.00 18.87 ? 182 ASP A CA  1 
ATOM   1430 C C   . ASP A 1 182 ? 2.180   12.781  -4.850  1.00 17.29 ? 182 ASP A C   1 
ATOM   1431 O O   . ASP A 1 182 ? 2.582   13.905  -4.561  1.00 16.82 ? 182 ASP A O   1 
ATOM   1432 C CB  . ASP A 1 182 ? 0.101   12.649  -6.136  1.00 17.71 ? 182 ASP A CB  1 
ATOM   1433 C CG  . ASP A 1 182 ? -1.400  12.484  -6.177  1.00 20.14 ? 182 ASP A CG  1 
ATOM   1434 O OD1 . ASP A 1 182 ? -1.915  11.431  -5.751  1.00 15.91 ? 182 ASP A OD1 1 
ATOM   1435 O OD2 . ASP A 1 182 ? -2.068  13.416  -6.667  1.00 21.67 ? 182 ASP A OD2 1 
ATOM   1436 N N   . THR A 1 183 ? 2.992   11.809  -5.251  1.00 15.53 ? 183 THR A N   1 
ATOM   1437 C CA  . THR A 1 183 ? 4.407   12.069  -5.464  1.00 15.65 ? 183 THR A CA  1 
ATOM   1438 C C   . THR A 1 183 ? 4.658   11.804  -6.943  1.00 16.13 ? 183 THR A C   1 
ATOM   1439 O O   . THR A 1 183 ? 5.798   11.776  -7.395  1.00 21.74 ? 183 THR A O   1 
ATOM   1440 C CB  . THR A 1 183 ? 5.326   11.157  -4.631  1.00 15.54 ? 183 THR A CB  1 
ATOM   1441 O OG1 . THR A 1 183 ? 4.945   9.791   -4.818  1.00 14.89 ? 183 THR A OG1 1 
ATOM   1442 C CG2 . THR A 1 183 ? 5.250   11.528  -3.160  1.00 15.32 ? 183 THR A CG2 1 
ATOM   1443 N N   . CYS A 1 184 ? 3.574   11.599  -7.684  1.00 15.40 ? 184 CYS A N   1 
ATOM   1444 C CA  . CYS A 1 184 ? 3.640   11.350  -9.122  1.00 13.76 ? 184 CYS A CA  1 
ATOM   1445 C C   . CYS A 1 184 ? 3.406   12.649  -9.875  1.00 16.25 ? 184 CYS A C   1 
ATOM   1446 O O   . CYS A 1 184 ? 2.681   13.523  -9.403  1.00 15.98 ? 184 CYS A O   1 
ATOM   1447 C CB  . CYS A 1 184 ? 2.553   10.373  -9.563  1.00 12.02 ? 184 CYS A CB  1 
ATOM   1448 S SG  . CYS A 1 184 ? 2.757   8.641   -9.050  1.00 10.68 ? 184 CYS A SG  1 
ATOM   1449 N N   . GLY A 1 185 ? 4.015   12.760  -11.049 1.00 15.28 ? 185 GLY A N   1 
ATOM   1450 C CA  . GLY A 1 185 ? 3.822   13.937  -11.876 1.00 15.78 ? 185 GLY A CA  1 
ATOM   1451 C C   . GLY A 1 185 ? 2.612   13.685  -12.759 1.00 16.33 ? 185 GLY A C   1 
ATOM   1452 O O   . GLY A 1 185 ? 1.837   12.763  -12.492 1.00 17.76 ? 185 GLY A O   1 
ATOM   1453 N N   . ALA A 1 186 ? 2.455   14.473  -13.821 1.00 15.95 ? 186 ALA A N   1 
ATOM   1454 C CA  . ALA A 1 186 ? 1.313   14.334  -14.727 1.00 16.23 ? 186 ALA A CA  1 
ATOM   1455 C C   . ALA A 1 186 ? 1.263   13.004  -15.467 1.00 14.17 ? 186 ALA A C   1 
ATOM   1456 O O   . ALA A 1 186 ? 0.185   12.523  -15.807 1.00 14.52 ? 186 ALA A O   1 
ATOM   1457 C CB  . ALA A 1 186 ? 1.302   15.481  -15.730 1.00 15.60 ? 186 ALA A CB  1 
ATOM   1458 N N   . ASN A 1 187 ? 2.433   12.426  -15.729 1.00 15.26 ? 187 ASN A N   1 
ATOM   1459 C CA  . ASN A 1 187 ? 2.527   11.146  -16.428 1.00 16.92 ? 187 ASN A CA  1 
ATOM   1460 C C   . ASN A 1 187 ? 3.562   10.231  -15.762 1.00 14.16 ? 187 ASN A C   1 
ATOM   1461 O O   . ASN A 1 187 ? 4.494   10.695  -15.098 1.00 13.93 ? 187 ASN A O   1 
ATOM   1462 C CB  . ASN A 1 187 ? 2.905   11.358  -17.904 1.00 20.78 ? 187 ASN A CB  1 
ATOM   1463 C CG  . ASN A 1 187 ? 1.832   12.105  -18.685 1.00 26.02 ? 187 ASN A CG  1 
ATOM   1464 O OD1 . ASN A 1 187 ? 0.800   11.539  -19.055 1.00 29.02 ? 187 ASN A OD1 1 
ATOM   1465 N ND2 . ASN A 1 187 ? 2.074   13.384  -18.942 1.00 30.65 ? 187 ASN A ND2 1 
ATOM   1466 N N   . PHE A 1 188 ? 3.388   8.928   -15.950 1.00 14.77 ? 188 PHE A N   1 
ATOM   1467 C CA  . PHE A 1 188 ? 4.291   7.934   -15.384 1.00 13.44 ? 188 PHE A CA  1 
ATOM   1468 C C   . PHE A 1 188 ? 4.057   6.610   -16.093 1.00 12.00 ? 188 PHE A C   1 
ATOM   1469 O O   . PHE A 1 188 ? 3.049   6.429   -16.774 1.00 12.08 ? 188 PHE A O   1 
ATOM   1470 C CB  . PHE A 1 188 ? 4.027   7.764   -13.884 1.00 12.78 ? 188 PHE A CB  1 
ATOM   1471 C CG  . PHE A 1 188 ? 2.581   7.573   -13.551 1.00 12.45 ? 188 PHE A CG  1 
ATOM   1472 C CD1 . PHE A 1 188 ? 1.959   6.348   -13.773 1.00 10.87 ? 188 PHE A CD1 1 
ATOM   1473 C CD2 . PHE A 1 188 ? 1.831   8.624   -13.034 1.00 13.47 ? 188 PHE A CD2 1 
ATOM   1474 C CE1 . PHE A 1 188 ? 0.605   6.171   -13.488 1.00 11.77 ? 188 PHE A CE1 1 
ATOM   1475 C CE2 . PHE A 1 188 ? 0.476   8.459   -12.744 1.00 12.79 ? 188 PHE A CE2 1 
ATOM   1476 C CZ  . PHE A 1 188 ? -0.138  7.229   -12.972 1.00 12.36 ? 188 PHE A CZ  1 
ATOM   1477 N N   . ILE A 1 189 ? 4.989   5.681   -15.927 1.00 12.39 ? 189 ILE A N   1 
ATOM   1478 C CA  . ILE A 1 189 ? 4.854   4.380   -16.558 1.00 13.47 ? 189 ILE A CA  1 
ATOM   1479 C C   . ILE A 1 189 ? 4.156   3.387   -15.632 1.00 12.30 ? 189 ILE A C   1 
ATOM   1480 O O   . ILE A 1 189 ? 4.450   3.320   -14.441 1.00 12.17 ? 189 ILE A O   1 
ATOM   1481 C CB  . ILE A 1 189 ? 6.245   3.829   -16.975 1.00 14.51 ? 189 ILE A CB  1 
ATOM   1482 C CG1 . ILE A 1 189 ? 6.747   4.606   -18.194 1.00 16.08 ? 189 ILE A CG1 1 
ATOM   1483 C CG2 . ILE A 1 189 ? 6.163   2.342   -17.300 1.00 16.86 ? 189 ILE A CG2 1 
ATOM   1484 C CD1 . ILE A 1 189 ? 8.105   4.186   -18.675 1.00 25.23 ? 189 ILE A CD1 1 
ATOM   1485 N N   . PHE A 1 190 ? 3.206   2.645   -16.190 1.00 13.09 ? 190 PHE A N   1 
ATOM   1486 C CA  . PHE A 1 190 ? 2.477   1.619   -15.454 1.00 13.32 ? 190 PHE A CA  1 
ATOM   1487 C C   . PHE A 1 190 ? 2.077   0.522   -16.424 1.00 13.07 ? 190 PHE A C   1 
ATOM   1488 O O   . PHE A 1 190 ? 1.088   0.717   -17.156 1.00 14.74 ? 190 PHE A O   1 
ATOM   1489 C CB  . PHE A 1 190 ? 1.216   2.186   -14.790 1.00 14.13 ? 190 PHE A CB  1 
ATOM   1490 C CG  . PHE A 1 190 ? 0.491   1.188   -13.917 1.00 13.76 ? 190 PHE A CG  1 
ATOM   1491 C CD1 . PHE A 1 190 ? 1.180   0.453   -12.953 1.00 14.17 ? 190 PHE A CD1 1 
ATOM   1492 C CD2 . PHE A 1 190 ? -0.877  0.980   -14.061 1.00 16.23 ? 190 PHE A CD2 1 
ATOM   1493 C CE1 . PHE A 1 190 ? 0.516   -0.476  -12.144 1.00 13.99 ? 190 PHE A CE1 1 
ATOM   1494 C CE2 . PHE A 1 190 ? -1.551  0.054   -13.256 1.00 17.31 ? 190 PHE A CE2 1 
ATOM   1495 C CZ  . PHE A 1 190 ? -0.848  -0.675  -12.295 1.00 15.38 ? 190 PHE A CZ  1 
ATOM   1496 O OXT . PHE A 1 190 ? 2.763   -0.516  -16.444 1.00 16.24 ? 190 PHE A OXT 1 
HETATM 1497 O O   . HOH B 2 .   ? -9.982  5.829   -3.261  1.00 10.03 ? 191 HOH A O   1 
HETATM 1498 O O   . HOH B 2 .   ? -9.007  7.410   -1.059  1.00 8.08  ? 192 HOH A O   1 
HETATM 1499 O O   . HOH B 2 .   ? -3.189  -0.444  15.543  1.00 9.99  ? 193 HOH A O   1 
HETATM 1500 O O   . HOH B 2 .   ? -4.402  1.199   -1.569  1.00 10.06 ? 194 HOH A O   1 
HETATM 1501 O O   . HOH B 2 .   ? -5.538  -4.121  -5.147  1.00 9.63  ? 195 HOH A O   1 
HETATM 1502 O O   . HOH B 2 .   ? 7.133   0.366   -2.033  1.00 20.59 ? 196 HOH A O   1 
HETATM 1503 O O   . HOH B 2 .   ? 5.015   1.150   -12.703 1.00 12.84 ? 197 HOH A O   1 
HETATM 1504 O O   . HOH B 2 .   ? 2.227   10.434  -1.159  1.00 23.92 ? 198 HOH A O   1 
HETATM 1505 O O   . HOH B 2 .   ? -2.558  14.014  -15.617 1.00 20.45 ? 199 HOH A O   1 
HETATM 1506 O O   . HOH B 2 .   ? -4.863  -5.172  -7.757  1.00 17.94 ? 200 HOH A O   1 
HETATM 1507 O O   . HOH B 2 .   ? 8.315   -5.296  0.954   1.00 20.89 ? 201 HOH A O   1 
HETATM 1508 O O   . HOH B 2 .   ? -6.317  -2.878  -19.194 1.00 34.23 ? 202 HOH A O   1 
HETATM 1509 O O   . HOH B 2 .   ? 6.261   -12.888 17.626  1.00 26.04 ? 203 HOH A O   1 
HETATM 1510 O O   . HOH B 2 .   ? 8.859   9.815   -9.944  1.00 20.58 ? 204 HOH A O   1 
HETATM 1511 O O   . HOH B 2 .   ? 5.554   11.118  -12.625 1.00 18.26 ? 205 HOH A O   1 
HETATM 1512 O O   . HOH B 2 .   ? -12.036 -1.463  6.492   1.00 40.55 ? 206 HOH A O   1 
HETATM 1513 O O   . HOH B 2 .   ? 8.743   -12.928 0.324   1.00 28.42 ? 207 HOH A O   1 
HETATM 1514 O O   . HOH B 2 .   ? 8.467   -2.635  0.142   1.00 23.64 ? 208 HOH A O   1 
HETATM 1515 O O   . HOH B 2 .   ? -9.930  14.586  2.693   1.00 28.38 ? 209 HOH A O   1 
HETATM 1516 O O   . HOH B 2 .   ? 22.896  -8.673  -9.006  1.00 12.42 ? 210 HOH A O   1 
HETATM 1517 O O   . HOH B 2 .   ? 8.414   9.862   -16.709 1.00 25.84 ? 211 HOH A O   1 
HETATM 1518 O O   . HOH B 2 .   ? -3.955  12.624  2.724   1.00 33.64 ? 212 HOH A O   1 
HETATM 1519 O O   . HOH B 2 .   ? 7.162   1.398   18.332  1.00 23.16 ? 213 HOH A O   1 
HETATM 1520 O O   . HOH B 2 .   ? 1.679   -13.173 -3.004  1.00 17.78 ? 214 HOH A O   1 
HETATM 1521 O O   . HOH B 2 .   ? -2.173  -5.054  20.661  1.00 30.08 ? 215 HOH A O   1 
HETATM 1522 O O   . HOH B 2 .   ? -6.695  12.256  3.275   1.00 23.22 ? 216 HOH A O   1 
HETATM 1523 O O   . HOH B 2 .   ? 6.977   4.001   0.315   1.00 34.86 ? 217 HOH A O   1 
HETATM 1524 O O   . HOH B 2 .   ? 16.714  -7.443  -8.107  1.00 21.64 ? 218 HOH A O   1 
HETATM 1525 O O   . HOH B 2 .   ? -4.177  -8.440  19.438  1.00 20.63 ? 219 HOH A O   1 
HETATM 1526 O O   . HOH B 2 .   ? -12.328 -3.337  -8.191  1.00 26.90 ? 220 HOH A O   1 
HETATM 1527 O O   . HOH B 2 .   ? -3.765  7.090   -19.224 1.00 28.90 ? 221 HOH A O   1 
HETATM 1528 O O   . HOH B 2 .   ? -5.739  -12.620 18.533  1.00 25.59 ? 222 HOH A O   1 
HETATM 1529 O O   . HOH B 2 .   ? 16.162  -10.655 -1.441  1.00 26.82 ? 223 HOH A O   1 
HETATM 1530 O O   . HOH B 2 .   ? -16.416 4.236   2.322   1.00 38.46 ? 224 HOH A O   1 
HETATM 1531 O O   . HOH B 2 .   ? -1.726  10.139  -0.288  1.00 25.74 ? 225 HOH A O   1 
HETATM 1532 O O   . HOH B 2 .   ? -12.941 15.451  0.129   1.00 24.90 ? 226 HOH A O   1 
HETATM 1533 O O   . HOH B 2 .   ? 22.111  7.266   -17.416 1.00 15.85 ? 227 HOH A O   1 
HETATM 1534 O O   . HOH B 2 .   ? 8.714   -16.011 4.407   1.00 47.09 ? 228 HOH A O   1 
HETATM 1535 O O   . HOH B 2 .   ? -7.866  4.413   -20.895 1.00 25.41 ? 229 HOH A O   1 
HETATM 1536 O O   . HOH B 2 .   ? -17.152 6.533   -1.027  1.00 28.50 ? 230 HOH A O   1 
HETATM 1537 O O   . HOH B 2 .   ? 4.970   -14.892 0.536   1.00 48.96 ? 231 HOH A O   1 
HETATM 1538 O O   . HOH B 2 .   ? 11.950  -0.021  -1.727  1.00 38.15 ? 232 HOH A O   1 
HETATM 1539 O O   . HOH B 2 .   ? 11.493  -6.180  -11.357 1.00 19.62 ? 233 HOH A O   1 
HETATM 1540 O O   . HOH B 2 .   ? 7.111   8.122   -3.775  1.00 20.52 ? 234 HOH A O   1 
HETATM 1541 O O   . HOH B 2 .   ? 8.912   0.828   -0.316  1.00 60.86 ? 235 HOH A O   1 
HETATM 1542 O O   . HOH B 2 .   ? 20.753  -11.010 -3.240  1.00 36.98 ? 236 HOH A O   1 
HETATM 1543 O O   . HOH B 2 .   ? 2.478   -8.601  22.760  1.00 40.04 ? 237 HOH A O   1 
HETATM 1544 O O   . HOH B 2 .   ? -11.383 11.224  10.612  1.00 33.22 ? 238 HOH A O   1 
HETATM 1545 O O   . HOH B 2 .   ? -10.551 8.948   -15.599 1.00 30.56 ? 239 HOH A O   1 
HETATM 1546 O O   . HOH B 2 .   ? 12.384  9.224   -7.109  1.00 23.23 ? 240 HOH A O   1 
HETATM 1547 O O   . HOH B 2 .   ? 3.951   -2.318  -14.995 1.00 35.55 ? 241 HOH A O   1 
HETATM 1548 O O   . HOH B 2 .   ? 13.495  3.271   -17.526 1.00 28.09 ? 242 HOH A O   1 
HETATM 1549 O O   . HOH B 2 .   ? -4.054  13.616  8.506   1.00 32.83 ? 243 HOH A O   1 
HETATM 1550 O O   . HOH B 2 .   ? 0.938   -6.695  20.074  1.00 28.29 ? 244 HOH A O   1 
HETATM 1551 O O   . HOH B 2 .   ? -16.820 7.454   1.539   1.00 35.10 ? 245 HOH A O   1 
HETATM 1552 O O   . HOH B 2 .   ? -11.900 -9.463  3.792   1.00 34.01 ? 246 HOH A O   1 
HETATM 1553 O O   . HOH B 2 .   ? -12.590 -3.938  -5.403  1.00 19.93 ? 247 HOH A O   1 
HETATM 1554 O O   . HOH B 2 .   ? 17.428  2.020   -8.740  1.00 29.59 ? 248 HOH A O   1 
HETATM 1555 O O   . HOH B 2 .   ? -2.476  4.851   19.642  1.00 30.50 ? 249 HOH A O   1 
HETATM 1556 O O   . HOH B 2 .   ? 9.395   -0.555  4.462   1.00 47.08 ? 250 HOH A O   1 
HETATM 1557 O O   . HOH B 2 .   ? 13.543  1.059   -12.755 1.00 28.13 ? 251 HOH A O   1 
HETATM 1558 O O   . HOH B 2 .   ? -8.711  -2.967  19.561  1.00 19.75 ? 252 HOH A O   1 
HETATM 1559 O O   . HOH B 2 .   ? 4.258   16.773  -14.070 1.00 38.38 ? 253 HOH A O   1 
HETATM 1560 O O   . HOH B 2 .   ? -7.326  14.898  -10.388 1.00 48.86 ? 254 HOH A O   1 
HETATM 1561 O O   . HOH B 2 .   ? -16.768 0.002   -4.690  1.00 31.87 ? 255 HOH A O   1 
HETATM 1562 O O   . HOH B 2 .   ? 3.628   -6.544  -0.142  1.00 11.22 ? 256 HOH A O   1 
HETATM 1563 O O   . HOH B 2 .   ? 1.896   -0.670  8.325   1.00 13.92 ? 257 HOH A O   1 
HETATM 1564 O O   . HOH B 2 .   ? 13.076  -0.714  -4.485  1.00 22.55 ? 258 HOH A O   1 
HETATM 1565 O O   . HOH B 2 .   ? 1.958   5.780   10.433  1.00 19.27 ? 259 HOH A O   1 
HETATM 1566 O O   . HOH B 2 .   ? 22.252  -3.655  -12.619 1.00 18.88 ? 260 HOH A O   1 
HETATM 1567 O O   . HOH B 2 .   ? -5.327  -17.718 7.433   1.00 23.98 ? 261 HOH A O   1 
HETATM 1568 O O   . HOH B 2 .   ? 15.495  -2.229  -13.632 1.00 23.69 ? 262 HOH A O   1 
HETATM 1569 O O   . HOH B 2 .   ? -2.455  12.694  5.937   1.00 26.81 ? 263 HOH A O   1 
HETATM 1570 O O   . HOH B 2 .   ? -4.971  11.297  5.358   1.00 32.66 ? 264 HOH A O   1 
HETATM 1571 O O   . HOH B 2 .   ? 3.978   -14.493 -2.499  1.00 32.11 ? 265 HOH A O   1 
HETATM 1572 O O   . HOH B 2 .   ? -14.466 0.158   -13.271 1.00 29.94 ? 266 HOH A O   1 
HETATM 1573 O O   . HOH B 2 .   ? -13.303 8.286   -15.167 1.00 31.66 ? 267 HOH A O   1 
HETATM 1574 O O   . HOH B 2 .   ? -1.524  15.636  -7.888  1.00 38.99 ? 268 HOH A O   1 
HETATM 1575 O O   . HOH B 2 .   ? 14.556  7.886   -21.111 1.00 33.85 ? 269 HOH A O   1 
HETATM 1576 O O   . HOH B 2 .   ? 8.623   -15.423 7.836   1.00 31.29 ? 270 HOH A O   1 
HETATM 1577 O O   . HOH B 2 .   ? 16.875  1.763   -16.254 1.00 31.52 ? 271 HOH A O   1 
HETATM 1578 O O   . HOH B 2 .   ? -1.575  8.913   18.157  1.00 61.02 ? 272 HOH A O   1 
HETATM 1579 O O   . HOH B 2 .   ? -11.934 -5.193  9.771   1.00 26.57 ? 273 HOH A O   1 
HETATM 1580 O O   . HOH B 2 .   ? -12.632 -1.419  3.546   1.00 38.53 ? 274 HOH A O   1 
HETATM 1581 O O   . HOH B 2 .   ? -7.026  16.422  12.679  1.00 38.99 ? 275 HOH A O   1 
HETATM 1582 O O   . HOH B 2 .   ? 5.220   4.953   -23.636 1.00 41.61 ? 276 HOH A O   1 
HETATM 1583 O O   . HOH B 2 .   ? 17.380  -12.038 0.659   1.00 91.01 ? 277 HOH A O   1 
HETATM 1584 O O   . HOH B 2 .   ? -4.844  15.060  -11.436 1.00 39.72 ? 278 HOH A O   1 
HETATM 1585 O O   . HOH B 2 .   ? -10.707 5.732   16.176  1.00 40.37 ? 279 HOH A O   1 
HETATM 1586 O O   . HOH B 2 .   ? 10.741  -17.538 5.479   1.00 35.62 ? 280 HOH A O   1 
HETATM 1587 O O   . HOH B 2 .   ? 15.864  -6.176  -2.739  1.00 36.43 ? 281 HOH A O   1 
HETATM 1588 O O   . HOH B 2 .   ? -16.282 2.261   -1.967  1.00 34.88 ? 282 HOH A O   1 
HETATM 1589 O O   . HOH B 2 .   ? -5.256  -15.804 17.131  1.00 49.36 ? 283 HOH A O   1 
HETATM 1590 O O   . HOH B 2 .   ? -4.160  15.380  -4.707  1.00 39.89 ? 284 HOH A O   1 
HETATM 1591 O O   . HOH B 2 .   ? 7.595   5.002   -2.677  1.00 43.29 ? 285 HOH A O   1 
HETATM 1592 O O   . HOH B 2 .   ? -1.636  -8.223  -13.337 1.00 45.19 ? 286 HOH A O   1 
HETATM 1593 O O   . HOH B 2 .   ? 7.071   0.488   5.320   1.00 8.35  ? 287 HOH A O   1 
HETATM 1594 O O   . HOH B 2 .   ? 2.140   10.758  5.118   1.00 39.79 ? 288 HOH A O   1 
HETATM 1595 O O   . HOH B 2 .   ? -6.343  18.280  -17.319 1.00 35.89 ? 289 HOH A O   1 
HETATM 1596 O O   . HOH B 2 .   ? -13.954 10.039  -11.850 1.00 30.06 ? 290 HOH A O   1 
HETATM 1597 O O   . HOH B 2 .   ? 8.614   -14.335 -7.209  1.00 51.60 ? 291 HOH A O   1 
HETATM 1598 O O   . HOH B 2 .   ? -18.638 5.556   11.489  1.00 41.29 ? 292 HOH A O   1 
HETATM 1599 O O   . HOH B 2 .   ? -8.147  15.908  -13.221 1.00 39.08 ? 293 HOH A O   1 
HETATM 1600 O O   . HOH B 2 .   ? -6.970  -9.282  -6.268  1.00 40.07 ? 294 HOH A O   1 
HETATM 1601 O O   . HOH B 2 .   ? 8.591   -18.394 9.665   1.00 55.34 ? 295 HOH A O   1 
HETATM 1602 O O   . HOH B 2 .   ? -13.395 0.150   -0.386  1.00 33.06 ? 296 HOH A O   1 
HETATM 1603 O O   . HOH B 2 .   ? -10.958 -0.717  1.283   1.00 70.27 ? 297 HOH A O   1 
HETATM 1604 O O   . HOH B 2 .   ? 7.677   11.879  -8.954  1.00 41.78 ? 298 HOH A O   1 
HETATM 1605 O O   . HOH B 2 .   ? -16.264 11.278  2.920   1.00 56.99 ? 299 HOH A O   1 
HETATM 1606 O O   . HOH B 2 .   ? 9.385   -9.570  16.183  1.00 63.39 ? 300 HOH A O   1 
HETATM 1607 O O   . HOH B 2 .   ? -6.027  -8.338  -15.575 1.00 44.35 ? 301 HOH A O   1 
HETATM 1608 O O   . HOH B 2 .   ? 3.381   -17.168 8.464   1.00 50.14 ? 302 HOH A O   1 
HETATM 1609 O O   . HOH B 2 .   ? 12.684  -6.708  5.193   1.00 56.94 ? 303 HOH A O   1 
HETATM 1610 O O   . HOH B 2 .   ? 3.286   13.404  -0.248  1.00 45.56 ? 304 HOH A O   1 
HETATM 1611 O O   . HOH B 2 .   ? 8.466   -5.873  18.365  1.00 42.12 ? 305 HOH A O   1 
HETATM 1612 O O   . HOH B 2 .   ? -10.522 12.134  -15.067 1.00 62.12 ? 306 HOH A O   1 
HETATM 1613 O O   . HOH B 2 .   ? -9.004  13.142  -12.050 1.00 39.13 ? 307 HOH A O   1 
HETATM 1614 O O   . HOH B 2 .   ? 6.923   -2.278  19.113  1.00 44.51 ? 308 HOH A O   1 
HETATM 1615 O O   . HOH B 2 .   ? -12.770 -5.931  -13.745 1.00 43.37 ? 309 HOH A O   1 
HETATM 1616 O O   . HOH B 2 .   ? 5.991   -16.698 6.281   1.00 39.94 ? 310 HOH A O   1 
HETATM 1617 O O   . HOH B 2 .   ? 9.195   2.029   -3.338  1.00 36.17 ? 311 HOH A O   1 
HETATM 1618 O O   . HOH B 2 .   ? 10.176  1.693   6.064   1.00 40.80 ? 312 HOH A O   1 
HETATM 1619 O O   . HOH B 2 .   ? 19.710  -8.811  -2.027  1.00 44.53 ? 313 HOH A O   1 
HETATM 1620 O O   . HOH B 2 .   ? 14.971  5.675   -7.564  1.00 50.62 ? 314 HOH A O   1 
HETATM 1621 O O   . HOH B 2 .   ? 11.052  -5.498  3.310   1.00 34.52 ? 315 HOH A O   1 
HETATM 1622 O O   . HOH B 2 .   ? -13.626 -5.407  -9.968  1.00 52.80 ? 316 HOH A O   1 
HETATM 1623 O O   . HOH B 2 .   ? 5.213   10.494  14.688  1.00 58.27 ? 317 HOH A O   1 
HETATM 1624 O O   . HOH B 2 .   ? -18.378 3.011   7.029   1.00 45.81 ? 318 HOH A O   1 
HETATM 1625 O O   . HOH B 2 .   ? -16.238 8.444   10.146  1.00 41.52 ? 319 HOH A O   1 
HETATM 1626 O O   . HOH B 2 .   ? 23.557  -11.045 -5.285  1.00 61.81 ? 320 HOH A O   1 
HETATM 1627 O O   . HOH B 2 .   ? -19.095 0.952   -8.179  1.00 48.38 ? 321 HOH A O   1 
HETATM 1628 O O   . HOH B 2 .   ? -4.886  -7.754  23.303  1.00 63.93 ? 322 HOH A O   1 
HETATM 1629 O O   . HOH B 2 .   ? 5.751   -0.808  -14.147 1.00 36.66 ? 323 HOH A O   1 
HETATM 1630 O O   . HOH B 2 .   ? -18.414 9.558   2.958   1.00 58.02 ? 324 HOH A O   1 
HETATM 1631 O O   . HOH B 2 .   ? 10.207  -8.698  -13.378 1.00 40.34 ? 325 HOH A O   1 
HETATM 1632 O O   . HOH B 2 .   ? -15.394 14.626  -0.235  1.00 62.40 ? 326 HOH A O   1 
HETATM 1633 O O   . HOH B 2 .   ? -10.049 -12.893 7.176   1.00 51.16 ? 327 HOH A O   1 
HETATM 1634 O O   . HOH B 2 .   ? -2.272  7.303   -21.671 1.00 73.77 ? 328 HOH A O   1 
HETATM 1635 O O   . HOH B 2 .   ? -8.287  -8.635  -10.577 1.00 44.31 ? 329 HOH A O   1 
HETATM 1636 O O   . HOH B 2 .   ? 7.776   13.101  -12.826 1.00 62.79 ? 330 HOH A O   1 
HETATM 1637 O O   . HOH B 2 .   ? -5.596  -8.567  -10.496 1.00 49.50 ? 331 HOH A O   1 
HETATM 1638 O O   . HOH B 2 .   ? -6.305  12.113  17.400  1.00 74.72 ? 332 HOH A O   1 
HETATM 1639 O O   . HOH B 2 .   ? -18.755 3.862   -0.421  1.00 60.34 ? 333 HOH A O   1 
HETATM 1640 O O   . HOH B 2 .   ? 3.888   15.387  -1.832  1.00 40.41 ? 334 HOH A O   1 
HETATM 1641 O O   . HOH B 2 .   ? 11.155  12.029  -14.050 1.00 43.95 ? 335 HOH A O   1 
HETATM 1642 O O   . HOH B 2 .   ? 8.864   -11.843 -13.322 1.00 46.92 ? 336 HOH A O   1 
HETATM 1643 O O   . HOH B 2 .   ? -8.746  11.448  18.171  1.00 87.53 ? 337 HOH A O   1 
HETATM 1644 O O   . HOH B 2 .   ? 13.527  -0.292  -15.323 1.00 33.89 ? 338 HOH A O   1 
HETATM 1645 O O   . HOH B 2 .   ? 15.756  5.528   -22.371 1.00 51.84 ? 339 HOH A O   1 
HETATM 1646 O O   . HOH B 2 .   ? -1.796  14.137  -19.013 1.00 69.46 ? 340 HOH A O   1 
HETATM 1647 O O   . HOH B 2 .   ? -15.205 -0.254  2.829   1.00 75.06 ? 341 HOH A O   1 
HETATM 1648 O O   . HOH B 2 .   ? -3.075  -7.068  -15.209 1.00 54.72 ? 342 HOH A O   1 
HETATM 1649 O O   . HOH B 2 .   ? -13.284 -6.872  -5.104  1.00 67.20 ? 343 HOH A O   1 
HETATM 1650 O O   . HOH B 2 .   ? 7.832   -10.431 -16.603 1.00 67.87 ? 344 HOH A O   1 
HETATM 1651 O O   . HOH B 2 .   ? 11.310  -1.608  -15.817 1.00 39.52 ? 345 HOH A O   1 
HETATM 1652 O O   . HOH B 2 .   ? 7.203   2.591   6.301   1.00 36.80 ? 346 HOH A O   1 
HETATM 1653 O O   . HOH B 2 .   ? -14.138 13.299  -4.037  1.00 37.89 ? 347 HOH A O   1 
HETATM 1654 O O   . HOH B 2 .   ? 14.732  0.966   -17.497 1.00 45.26 ? 348 HOH A O   1 
HETATM 1655 O O   . HOH B 2 .   ? -1.882  2.129   -21.896 1.00 60.93 ? 349 HOH A O   1 
HETATM 1656 O O   . HOH B 2 .   ? -14.332 15.638  -5.383  1.00 53.65 ? 350 HOH A O   1 
HETATM 1657 O O   . HOH B 2 .   ? 7.389   -0.384  20.675  1.00 55.12 ? 351 HOH A O   1 
HETATM 1658 O O   . HOH B 2 .   ? -5.023  15.024  -8.762  1.00 59.50 ? 352 HOH A O   1 
HETATM 1659 O O   . HOH B 2 .   ? -4.771  12.375  -4.471  1.00 42.80 ? 353 HOH A O   1 
HETATM 1660 O O   . HOH B 2 .   ? 18.206  -6.829  -3.858  1.00 40.25 ? 354 HOH A O   1 
HETATM 1661 O O   . HOH B 2 .   ? -16.868 12.711  -3.212  1.00 47.97 ? 355 HOH A O   1 
HETATM 1662 O O   . HOH B 2 .   ? 3.151   15.971  -7.113  1.00 53.85 ? 356 HOH A O   1 
HETATM 1663 O O   . HOH B 2 .   ? -1.694  16.620  3.656   1.00 40.43 ? 357 HOH A O   1 
HETATM 1664 O O   . HOH B 2 .   ? -13.492 2.539   -12.758 1.00 48.57 ? 358 HOH A O   1 
HETATM 1665 O O   . HOH B 2 .   ? -13.038 -8.066  -11.052 1.00 62.98 ? 359 HOH A O   1 
HETATM 1666 O O   . HOH B 2 .   ? -8.605  15.238  15.195  1.00 47.49 ? 360 HOH A O   1 
HETATM 1667 O O   . HOH B 2 .   ? 7.017   -1.460  -16.921 1.00 63.78 ? 361 HOH A O   1 
HETATM 1668 O O   . HOH B 2 .   ? -5.110  4.754   -19.788 1.00 50.40 ? 362 HOH A O   1 
HETATM 1669 O O   . HOH B 2 .   ? -4.343  0.200   -23.035 1.00 51.50 ? 363 HOH A O   1 
HETATM 1670 O O   . HOH B 2 .   ? -3.558  -0.313  -20.574 1.00 52.06 ? 364 HOH A O   1 
HETATM 1671 O O   . HOH B 2 .   ? 12.979  4.793   -21.855 1.00 62.98 ? 365 HOH A O   1 
HETATM 1672 O O   . HOH B 2 .   ? 8.342   -13.506 13.937  1.00 64.15 ? 366 HOH A O   1 
HETATM 1673 O O   . HOH B 2 .   ? -1.282  -5.932  24.052  1.00 49.24 ? 367 HOH A O   1 
HETATM 1674 O O   . HOH B 2 .   ? 2.400   17.767  -1.283  1.00 83.31 ? 368 HOH A O   1 
HETATM 1675 O O   . HOH B 2 .   ? 5.734   13.418  -16.282 1.00 55.67 ? 369 HOH A O   1 
HETATM 1676 O O   . HOH B 2 .   ? -2.830  -7.210  21.987  1.00 57.72 ? 370 HOH A O   1 
HETATM 1677 O O   . HOH B 2 .   ? 22.664  -13.024 -2.105  1.00 46.67 ? 371 HOH A O   1 
HETATM 1678 O O   . HOH B 2 .   ? -1.462  15.758  -5.208  1.00 74.78 ? 372 HOH A O   1 
HETATM 1679 O O   . HOH B 2 .   ? -17.021 9.819   -10.810 1.00 56.49 ? 373 HOH A O   1 
HETATM 1680 O O   . HOH B 2 .   ? -15.574 -5.060  -8.249  1.00 86.96 ? 374 HOH A O   1 
HETATM 1681 O O   . HOH B 2 .   ? 8.753   12.675  -15.180 1.00 54.36 ? 375 HOH A O   1 
HETATM 1682 O O   . HOH B 2 .   ? 8.231   -13.639 -15.528 1.00 68.19 ? 376 HOH A O   1 
HETATM 1683 O O   . HOH B 2 .   ? 27.959  -5.126  -6.656  1.00 82.14 ? 377 HOH A O   1 
# 
